data_3LMM
#
_entry.id   3LMM
#
_cell.length_a   147.306
_cell.length_b   102.030
_cell.length_c   164.515
_cell.angle_alpha   90.000
_cell.angle_beta   116.000
_cell.angle_gamma   90.000
#
_symmetry.space_group_name_H-M   'P 1 21 1'
#
loop_
_entity.id
_entity.type
_entity.pdbx_description
1 polymer 'Uncharacterized protein'
2 non-polymer 'COBALT (II) ION'
3 non-polymer 'CHLORIDE ION'
4 water water
#
_entity_poly.entity_id   1
_entity_poly.type   'polypeptide(L)'
_entity_poly.pdbx_seq_one_letter_code
;VTLSLPN(MSE)EGRREQLIAQVESILASAADGRVQKTKETQSVDFKEEAGRRNGPQIEPGKPENPEAADKLADEVAC
(MSE)ANTPGGGALIVGIEDKTGRIIGTELDIDWLRQGIFTRIDVAPDVVAKRVLGQRVLAIYVAAAAEPIEDTSDRLRW
RVGDSCRPVDRAEWWEYQRAQSGFDP(MSE)AQVTTATLGDARPAALALARKWDPAFAELTDEELLRGIGALDAEGFLSQ
AGKLLFTSLDRTAIELSIFDVHGGQVLNRVVPEPEKSCLEQLDYLEQALNVVNKNNTVVEGFVHKPVPEIPRLAVREA
(MSE)LNA(MSE)IHRDWNRSEPIDVRWIELDSTLIVRSPGGFPAAITSENVLSNRAARYPALADLYRALGLVDKQGVGV
DR(MSE)YQA(MSE)IALGHRPPTIEEIAGPFVETTLVGGRPVLPVLELVSSIVPEARQDDYRIAIVLYLLFQRPFITID
VVARGLQSGKEAARNALEAARQTTVAGAPLIIAHDGVWLLGNACREILRKVEPSPFSPVRYLSTDQAELTNAA(MSE)LW
LSEVGDLATSDL(MSE)A(MSE)CGVSRGTAKACVDGLVDEERVVAVGGGRSRRYRLVELEHHHHHH
;
_entity_poly.pdbx_strand_id   A,B,C,D
#
loop_
_chem_comp.id
_chem_comp.type
_chem_comp.name
_chem_comp.formula
CL non-polymer 'CHLORIDE ION' 'Cl -1'
CO non-polymer 'COBALT (II) ION' 'Co 2'
#
# COMPACT_ATOMS: atom_id res chain seq x y z
N GLU A 9 1.71 -32.44 -32.16
CA GLU A 9 3.17 -32.24 -32.10
C GLU A 9 3.80 -33.25 -31.13
N GLY A 10 5.12 -33.40 -31.20
CA GLY A 10 5.83 -34.33 -30.32
C GLY A 10 5.85 -33.86 -28.88
N ARG A 11 5.70 -32.55 -28.71
CA ARG A 11 5.67 -31.92 -27.41
C ARG A 11 4.50 -32.51 -26.63
N ARG A 12 3.33 -32.55 -27.26
CA ARG A 12 2.14 -33.11 -26.62
C ARG A 12 2.43 -34.47 -25.99
N GLU A 13 2.92 -35.42 -26.78
CA GLU A 13 3.22 -36.74 -26.23
C GLU A 13 4.08 -36.63 -24.96
N GLN A 14 5.11 -35.79 -25.02
CA GLN A 14 6.00 -35.58 -23.87
C GLN A 14 5.16 -35.09 -22.67
N LEU A 15 4.27 -34.15 -22.93
CA LEU A 15 3.39 -33.59 -21.91
C LEU A 15 2.45 -34.64 -21.32
N ILE A 16 1.73 -35.36 -22.18
CA ILE A 16 0.82 -36.40 -21.69
C ILE A 16 1.57 -37.41 -20.82
N ALA A 17 2.80 -37.71 -21.23
CA ALA A 17 3.65 -38.64 -20.50
C ALA A 17 3.91 -38.11 -19.11
N GLN A 18 4.39 -36.87 -19.04
CA GLN A 18 4.66 -36.26 -17.75
C GLN A 18 3.45 -36.40 -16.82
N VAL A 19 2.26 -36.07 -17.33
CA VAL A 19 1.04 -36.18 -16.54
C VAL A 19 0.81 -37.61 -16.08
N GLU A 20 0.95 -38.57 -16.98
CA GLU A 20 0.76 -39.96 -16.60
C GLU A 20 1.67 -40.29 -15.42
N SER A 21 2.93 -39.85 -15.53
CA SER A 21 3.92 -40.07 -14.49
C SER A 21 3.45 -39.50 -13.14
N ILE A 22 3.22 -38.20 -13.09
CA ILE A 22 2.75 -37.57 -11.87
C ILE A 22 1.63 -38.39 -11.27
N LEU A 23 0.67 -38.79 -12.11
CA LEU A 23 -0.47 -39.57 -11.62
C LEU A 23 -0.13 -40.96 -11.12
N ALA A 24 0.93 -41.54 -11.65
CA ALA A 24 1.33 -42.89 -11.25
C ALA A 24 1.93 -42.94 -9.84
N SER A 25 2.40 -41.79 -9.35
CA SER A 25 3.00 -41.71 -8.02
C SER A 25 1.93 -41.64 -6.94
N ALA A 26 0.67 -41.61 -7.39
CA ALA A 26 -0.48 -41.52 -6.52
C ALA A 26 -0.41 -42.49 -5.34
N ALA A 27 -0.49 -41.94 -4.12
CA ALA A 27 -0.42 -42.73 -2.91
C ALA A 27 -0.51 -41.82 -1.71
N ASP A 28 -1.31 -42.22 -0.73
CA ASP A 28 -1.48 -41.44 0.50
C ASP A 28 -2.28 -40.17 0.27
N GLY A 29 -3.21 -40.21 -0.67
CA GLY A 29 -4.03 -39.05 -0.94
C GLY A 29 -3.36 -37.93 -1.74
N ARG A 30 -2.06 -38.06 -2.00
CA ARG A 30 -1.37 -37.01 -2.76
C ARG A 30 -0.48 -37.58 -3.87
N VAL A 31 0.02 -36.69 -4.71
CA VAL A 31 0.89 -37.09 -5.80
C VAL A 31 2.17 -36.29 -5.66
N GLN A 32 3.24 -36.77 -6.30
CA GLN A 32 4.53 -36.10 -6.23
C GLN A 32 5.14 -35.86 -7.60
N LYS A 33 6.06 -34.91 -7.67
CA LYS A 33 6.71 -34.58 -8.92
C LYS A 33 8.13 -35.15 -8.94
N THR A 34 8.80 -34.95 -10.08
CA THR A 34 10.18 -35.39 -10.27
C THR A 34 10.78 -34.39 -11.23
N LYS A 35 12.10 -34.27 -11.24
CA LYS A 35 12.76 -33.33 -12.14
C LYS A 35 12.07 -33.32 -13.52
N GLU A 36 11.77 -34.49 -14.05
CA GLU A 36 11.12 -34.59 -15.36
C GLU A 36 9.71 -34.03 -15.44
N THR A 37 8.94 -34.19 -14.39
CA THR A 37 7.58 -33.71 -14.40
C THR A 37 7.38 -32.55 -13.44
N GLN A 38 8.42 -31.76 -13.24
CA GLN A 38 8.36 -30.64 -12.31
C GLN A 38 7.51 -29.48 -12.77
N SER A 39 7.44 -29.27 -14.07
CA SER A 39 6.69 -28.14 -14.59
C SER A 39 5.19 -28.29 -14.71
N VAL A 40 4.68 -29.50 -14.48
CA VAL A 40 3.26 -29.67 -14.58
C VAL A 40 2.59 -28.75 -13.56
N ASP A 41 1.55 -28.06 -14.03
CA ASP A 41 0.82 -27.09 -13.21
C ASP A 41 -0.31 -27.72 -12.39
N PHE A 42 -0.11 -27.78 -11.07
CA PHE A 42 -1.15 -28.33 -10.17
C PHE A 42 -2.12 -27.23 -9.79
N LYS A 43 -3.39 -27.41 -10.14
CA LYS A 43 -4.40 -26.41 -9.79
C LYS A 43 -5.60 -27.06 -9.15
N GLU A 44 -6.17 -26.33 -8.21
CA GLU A 44 -7.32 -26.74 -7.44
C GLU A 44 -8.54 -25.92 -7.83
N GLU A 45 -9.61 -26.58 -8.26
CA GLU A 45 -10.82 -25.86 -8.66
C GLU A 45 -11.15 -24.85 -7.58
N ALA A 46 -11.03 -23.57 -7.92
CA ALA A 46 -11.28 -22.51 -6.96
C ALA A 46 -12.74 -22.42 -6.55
N GLY A 47 -12.97 -21.76 -5.42
CA GLY A 47 -14.33 -21.55 -4.92
C GLY A 47 -14.92 -22.74 -4.21
N ARG A 48 -14.07 -23.62 -3.72
CA ARG A 48 -14.59 -24.79 -3.04
C ARG A 48 -13.97 -24.93 -1.66
N ARG A 49 -12.92 -24.17 -1.42
CA ARG A 49 -12.26 -24.20 -0.13
C ARG A 49 -13.00 -23.37 0.91
N ASN A 50 -13.30 -24.02 2.03
CA ASN A 50 -14.00 -23.40 3.15
C ASN A 50 -13.09 -23.41 4.40
N GLY A 51 -11.91 -23.98 4.25
CA GLY A 51 -10.96 -24.05 5.33
C GLY A 51 -10.82 -25.47 5.88
N PRO A 52 -11.71 -25.85 6.83
CA PRO A 52 -11.67 -27.18 7.43
C PRO A 52 -12.17 -28.26 6.45
N GLN A 53 -13.30 -27.99 5.81
CA GLN A 53 -13.89 -28.93 4.88
C GLN A 53 -14.02 -28.33 3.49
N ILE A 54 -13.93 -29.18 2.46
CA ILE A 54 -14.03 -28.71 1.07
C ILE A 54 -15.37 -29.15 0.49
N GLU A 55 -16.08 -28.24 -0.17
CA GLU A 55 -17.40 -28.57 -0.72
C GLU A 55 -17.32 -29.47 -1.95
N PRO A 56 -18.41 -30.18 -2.26
CA PRO A 56 -18.43 -31.08 -3.42
C PRO A 56 -18.43 -30.28 -4.70
N GLY A 57 -17.80 -30.81 -5.74
CA GLY A 57 -17.72 -30.11 -7.01
C GLY A 57 -18.94 -30.30 -7.87
N LYS A 58 -19.31 -29.25 -8.61
CA LYS A 58 -20.47 -29.27 -9.50
C LYS A 58 -19.98 -29.34 -10.96
N PRO A 59 -20.88 -29.66 -11.91
CA PRO A 59 -20.46 -29.72 -13.31
C PRO A 59 -20.07 -28.35 -13.87
N GLU A 60 -20.72 -27.30 -13.39
CA GLU A 60 -20.45 -25.94 -13.83
C GLU A 60 -20.00 -25.02 -12.69
N ASN A 61 -19.09 -24.08 -12.99
CA ASN A 61 -18.58 -23.17 -11.97
C ASN A 61 -17.84 -21.97 -12.56
N PRO A 62 -18.58 -20.93 -12.98
CA PRO A 62 -17.95 -19.74 -13.56
C PRO A 62 -16.77 -19.15 -12.81
N GLU A 63 -16.83 -19.11 -11.48
CA GLU A 63 -15.70 -18.57 -10.73
C GLU A 63 -14.45 -19.39 -11.03
N ALA A 64 -14.59 -20.71 -11.02
CA ALA A 64 -13.45 -21.58 -11.29
C ALA A 64 -12.98 -21.39 -12.72
N ALA A 65 -13.93 -21.26 -13.66
CA ALA A 65 -13.60 -21.07 -15.05
C ALA A 65 -12.71 -19.85 -15.21
N ASP A 66 -13.04 -18.77 -14.53
CA ASP A 66 -12.24 -17.55 -14.60
C ASP A 66 -10.78 -17.86 -14.25
N LYS A 67 -10.54 -18.26 -13.00
CA LYS A 67 -9.19 -18.58 -12.55
C LYS A 67 -8.41 -19.52 -13.50
N LEU A 68 -9.08 -20.59 -13.93
CA LEU A 68 -8.48 -21.58 -14.83
C LEU A 68 -8.14 -20.96 -16.18
N ALA A 69 -9.06 -20.17 -16.73
CA ALA A 69 -8.80 -19.53 -18.00
C ALA A 69 -7.57 -18.66 -17.82
N ASP A 70 -7.48 -17.90 -16.72
CA ASP A 70 -6.32 -17.06 -16.50
C ASP A 70 -5.05 -17.88 -16.46
N GLU A 71 -5.12 -19.06 -15.84
CA GLU A 71 -3.94 -19.90 -15.77
C GLU A 71 -3.54 -20.40 -17.17
N VAL A 72 -4.53 -20.78 -17.98
CA VAL A 72 -4.24 -21.25 -19.33
C VAL A 72 -3.53 -20.17 -20.13
N ALA A 73 -3.93 -18.92 -19.96
CA ALA A 73 -3.26 -17.85 -20.66
C ALA A 73 -1.80 -17.78 -20.19
N CYS A 74 -1.50 -18.05 -18.92
CA CYS A 74 -0.09 -18.00 -18.49
C CYS A 74 0.68 -18.98 -19.31
N MSE A 75 0.16 -20.20 -19.33
CA MSE A 75 0.79 -21.30 -20.01
C MSE A 75 0.98 -20.99 -21.48
O MSE A 75 2.10 -20.85 -21.94
CB MSE A 75 -0.04 -22.55 -19.85
CG MSE A 75 0.75 -23.79 -20.05
SE MSE A 75 2.06 -24.05 -18.67
CE MSE A 75 3.59 -23.23 -19.49
N ALA A 76 -0.14 -20.89 -22.19
CA ALA A 76 -0.09 -20.60 -23.62
C ALA A 76 0.87 -19.46 -23.95
N ASN A 77 1.05 -18.54 -23.01
CA ASN A 77 1.94 -17.42 -23.24
C ASN A 77 3.39 -17.76 -23.04
N THR A 78 3.69 -18.78 -22.25
CA THR A 78 5.09 -19.11 -22.07
C THR A 78 5.48 -20.05 -23.20
N PRO A 79 6.67 -19.87 -23.77
CA PRO A 79 7.02 -20.78 -24.86
C PRO A 79 7.03 -22.26 -24.45
N GLY A 80 6.58 -23.11 -25.36
CA GLY A 80 6.55 -24.54 -25.10
C GLY A 80 5.25 -24.95 -24.44
N GLY A 81 4.43 -23.97 -24.09
CA GLY A 81 3.18 -24.28 -23.45
C GLY A 81 3.45 -25.24 -22.30
N GLY A 82 2.40 -25.94 -21.88
CA GLY A 82 2.55 -26.89 -20.79
C GLY A 82 1.25 -27.59 -20.48
N ALA A 83 1.22 -28.32 -19.36
CA ALA A 83 0.03 -29.04 -18.94
C ALA A 83 -0.41 -28.68 -17.53
N LEU A 84 -1.72 -28.75 -17.32
CA LEU A 84 -2.34 -28.45 -16.05
C LEU A 84 -3.14 -29.63 -15.56
N ILE A 85 -3.09 -29.87 -14.26
CA ILE A 85 -3.91 -30.93 -13.72
C ILE A 85 -4.85 -30.25 -12.73
N VAL A 86 -6.11 -30.08 -13.13
CA VAL A 86 -7.09 -29.45 -12.27
C VAL A 86 -7.60 -30.51 -11.32
N GLY A 87 -7.60 -30.21 -10.02
CA GLY A 87 -8.06 -31.17 -9.06
C GLY A 87 -6.94 -31.64 -8.15
N ILE A 88 -5.79 -30.97 -8.22
CA ILE A 88 -4.66 -31.31 -7.36
C ILE A 88 -4.20 -30.05 -6.64
N GLU A 89 -4.23 -30.08 -5.31
CA GLU A 89 -3.81 -28.94 -4.51
C GLU A 89 -2.39 -28.55 -4.85
N ASP A 90 -2.17 -27.26 -5.01
CA ASP A 90 -0.86 -26.73 -5.35
C ASP A 90 0.23 -27.00 -4.30
N LYS A 91 1.46 -27.21 -4.78
CA LYS A 91 2.64 -27.46 -3.93
C LYS A 91 2.60 -28.76 -3.11
N THR A 92 1.48 -29.03 -2.45
CA THR A 92 1.39 -30.24 -1.66
C THR A 92 1.20 -31.44 -2.59
N GLY A 93 0.22 -31.33 -3.47
CA GLY A 93 -0.06 -32.42 -4.38
C GLY A 93 -1.24 -33.25 -3.92
N ARG A 94 -1.95 -32.79 -2.90
CA ARG A 94 -3.10 -33.53 -2.40
C ARG A 94 -4.22 -33.59 -3.41
N ILE A 95 -4.79 -34.78 -3.61
CA ILE A 95 -5.89 -34.94 -4.57
C ILE A 95 -7.21 -34.39 -4.01
N ILE A 96 -7.81 -33.44 -4.73
CA ILE A 96 -9.07 -32.84 -4.33
C ILE A 96 -10.14 -33.31 -5.30
N GLY A 97 -9.86 -33.17 -6.60
CA GLY A 97 -10.82 -33.59 -7.61
C GLY A 97 -11.68 -32.48 -8.17
N THR A 98 -12.44 -32.79 -9.22
CA THR A 98 -13.30 -31.82 -9.84
C THR A 98 -14.30 -32.50 -10.75
N GLU A 99 -15.54 -32.00 -10.73
CA GLU A 99 -16.61 -32.57 -11.52
C GLU A 99 -17.01 -31.68 -12.68
N LEU A 100 -16.19 -30.66 -12.93
CA LEU A 100 -16.47 -29.72 -14.00
C LEU A 100 -16.69 -30.45 -15.33
N ASP A 101 -17.72 -30.07 -16.05
CA ASP A 101 -17.99 -30.71 -17.31
C ASP A 101 -16.94 -30.26 -18.33
N ILE A 102 -16.36 -31.21 -19.04
CA ILE A 102 -15.35 -30.92 -20.04
C ILE A 102 -15.81 -29.88 -21.06
N ASP A 103 -16.86 -30.22 -21.80
CA ASP A 103 -17.37 -29.32 -22.82
C ASP A 103 -17.65 -27.94 -22.24
N TRP A 104 -18.28 -27.90 -21.07
CA TRP A 104 -18.60 -26.63 -20.45
C TRP A 104 -17.32 -25.82 -20.21
N LEU A 105 -16.36 -26.42 -19.51
CA LEU A 105 -15.09 -25.77 -19.24
C LEU A 105 -14.34 -25.40 -20.52
N ARG A 106 -14.25 -26.31 -21.49
CA ARG A 106 -13.55 -25.98 -22.72
C ARG A 106 -14.17 -24.72 -23.32
N GLN A 107 -15.47 -24.78 -23.59
CA GLN A 107 -16.21 -23.64 -24.17
C GLN A 107 -16.12 -22.39 -23.29
N GLY A 108 -16.13 -22.60 -21.99
CA GLY A 108 -16.06 -21.50 -21.04
C GLY A 108 -14.73 -20.78 -21.09
N ILE A 109 -13.63 -21.55 -21.17
CA ILE A 109 -12.31 -20.94 -21.24
C ILE A 109 -12.16 -20.24 -22.57
N PHE A 110 -12.59 -20.91 -23.62
CA PHE A 110 -12.53 -20.35 -24.97
C PHE A 110 -13.28 -19.01 -25.12
N THR A 111 -14.34 -18.83 -24.35
CA THR A 111 -15.10 -17.60 -24.44
C THR A 111 -14.42 -16.42 -23.80
N ARG A 112 -13.64 -16.67 -22.74
CA ARG A 112 -13.00 -15.54 -22.10
C ARG A 112 -11.52 -15.36 -22.39
N ILE A 113 -10.88 -16.38 -22.94
CA ILE A 113 -9.45 -16.26 -23.18
C ILE A 113 -9.10 -16.34 -24.68
N ASP A 114 -10.04 -16.85 -25.47
CA ASP A 114 -9.88 -16.98 -26.92
C ASP A 114 -9.11 -18.23 -27.36
N VAL A 115 -9.01 -19.20 -26.46
CA VAL A 115 -8.31 -20.44 -26.77
C VAL A 115 -9.05 -21.62 -26.16
N ALA A 116 -9.09 -22.72 -26.88
CA ALA A 116 -9.76 -23.93 -26.42
C ALA A 116 -8.75 -25.05 -26.21
N PRO A 117 -8.14 -25.12 -25.00
CA PRO A 117 -7.15 -26.16 -24.70
C PRO A 117 -7.72 -27.56 -24.61
N ASP A 118 -6.88 -28.55 -24.89
CA ASP A 118 -7.30 -29.94 -24.84
C ASP A 118 -7.35 -30.39 -23.39
N VAL A 119 -8.54 -30.68 -22.89
CA VAL A 119 -8.72 -31.13 -21.52
C VAL A 119 -9.26 -32.55 -21.51
N VAL A 120 -8.61 -33.43 -20.74
CA VAL A 120 -9.02 -34.83 -20.63
C VAL A 120 -9.16 -35.24 -19.17
N ALA A 121 -10.20 -36.02 -18.88
CA ALA A 121 -10.46 -36.49 -17.53
C ALA A 121 -9.50 -37.62 -17.20
N LYS A 122 -9.27 -37.81 -15.91
CA LYS A 122 -8.37 -38.85 -15.42
C LYS A 122 -8.84 -39.24 -14.04
N ARG A 123 -8.43 -40.41 -13.58
CA ARG A 123 -8.81 -40.89 -12.25
C ARG A 123 -7.59 -41.29 -11.43
N VAL A 124 -7.30 -40.56 -10.35
CA VAL A 124 -6.18 -40.89 -9.49
C VAL A 124 -6.63 -41.87 -8.42
N LEU A 125 -6.61 -41.45 -7.16
CA LEU A 125 -7.02 -42.38 -6.13
C LEU A 125 -8.53 -42.55 -6.10
N GLY A 126 -9.12 -42.68 -7.27
CA GLY A 126 -10.56 -42.85 -7.36
C GLY A 126 -11.18 -41.51 -7.64
N GLN A 127 -10.44 -40.45 -7.31
CA GLN A 127 -10.92 -39.10 -7.53
C GLN A 127 -10.75 -38.76 -8.99
N ARG A 128 -11.56 -37.82 -9.47
CA ARG A 128 -11.51 -37.39 -10.87
C ARG A 128 -10.70 -36.13 -11.01
N VAL A 129 -9.94 -36.01 -12.09
CA VAL A 129 -9.16 -34.79 -12.31
C VAL A 129 -9.10 -34.45 -13.79
N LEU A 130 -8.97 -33.17 -14.10
CA LEU A 130 -8.87 -32.76 -15.50
C LEU A 130 -7.44 -32.45 -15.90
N ALA A 131 -7.00 -33.07 -16.98
CA ALA A 131 -5.67 -32.82 -17.49
C ALA A 131 -5.88 -31.81 -18.61
N ILE A 132 -5.35 -30.61 -18.46
CA ILE A 132 -5.50 -29.63 -19.50
C ILE A 132 -4.18 -29.40 -20.21
N TYR A 133 -4.18 -29.64 -21.52
CA TYR A 133 -2.98 -29.47 -22.32
C TYR A 133 -3.10 -28.19 -23.13
N VAL A 134 -2.26 -27.22 -22.80
CA VAL A 134 -2.29 -25.96 -23.52
C VAL A 134 -1.00 -25.78 -24.32
N ALA A 135 -1.17 -25.49 -25.62
CA ALA A 135 -0.06 -25.29 -26.55
C ALA A 135 0.39 -23.85 -26.58
N ALA A 136 1.64 -23.61 -26.98
CA ALA A 136 2.17 -22.26 -27.06
C ALA A 136 1.37 -21.44 -28.06
N ALA A 137 0.96 -20.25 -27.65
CA ALA A 137 0.17 -19.37 -28.50
C ALA A 137 1.02 -18.73 -29.57
N ALA A 138 0.44 -18.48 -30.74
CA ALA A 138 1.21 -17.87 -31.80
C ALA A 138 1.34 -16.36 -31.58
N GLU A 139 0.60 -15.86 -30.58
CA GLU A 139 0.61 -14.44 -30.21
C GLU A 139 0.17 -14.33 -28.76
N PRO A 140 0.55 -13.26 -28.07
CA PRO A 140 0.16 -13.10 -26.66
C PRO A 140 -1.33 -13.29 -26.40
N ILE A 141 -1.63 -14.00 -25.32
CA ILE A 141 -3.01 -14.27 -24.93
C ILE A 141 -3.28 -13.50 -23.63
N GLU A 142 -4.08 -12.45 -23.72
CA GLU A 142 -4.41 -11.66 -22.53
C GLU A 142 -5.47 -12.38 -21.70
N ASP A 143 -5.36 -12.30 -20.38
CA ASP A 143 -6.32 -13.00 -19.54
C ASP A 143 -7.59 -12.19 -19.27
N THR A 144 -8.46 -12.72 -18.41
CA THR A 144 -9.72 -12.07 -18.10
C THR A 144 -9.61 -10.64 -17.61
N SER A 145 -8.45 -10.29 -17.06
CA SER A 145 -8.20 -8.94 -16.55
C SER A 145 -7.31 -8.15 -17.52
N ASP A 146 -7.23 -8.61 -18.76
CA ASP A 146 -6.42 -7.97 -19.79
C ASP A 146 -4.94 -7.91 -19.45
N ARG A 147 -4.44 -8.99 -18.84
CA ARG A 147 -3.03 -9.05 -18.48
C ARG A 147 -2.34 -10.07 -19.37
N LEU A 148 -1.04 -9.88 -19.50
CA LEU A 148 -0.22 -10.75 -20.32
C LEU A 148 0.96 -11.25 -19.48
N ARG A 149 0.82 -12.44 -18.90
CA ARG A 149 1.88 -13.01 -18.09
C ARG A 149 2.14 -14.46 -18.48
N TRP A 150 3.32 -14.95 -18.12
CA TRP A 150 3.69 -16.32 -18.46
C TRP A 150 4.30 -17.08 -17.28
N ARG A 151 4.21 -18.40 -17.31
CA ARG A 151 4.76 -19.25 -16.25
C ARG A 151 6.26 -19.06 -15.98
N VAL A 152 6.63 -18.92 -14.71
CA VAL A 152 8.05 -18.84 -14.41
C VAL A 152 8.39 -20.05 -13.54
N GLY A 153 8.33 -19.90 -12.22
CA GLY A 153 8.63 -21.06 -11.41
C GLY A 153 7.36 -21.85 -11.43
N ASP A 154 6.73 -21.92 -10.27
CA ASP A 154 5.45 -22.62 -10.15
C ASP A 154 4.39 -21.55 -10.27
N SER A 155 4.82 -20.30 -10.23
CA SER A 155 3.89 -19.19 -10.33
C SER A 155 4.20 -18.45 -11.62
N CYS A 156 3.29 -17.58 -12.03
CA CYS A 156 3.56 -16.84 -13.24
C CYS A 156 3.44 -15.33 -13.12
N ARG A 157 4.50 -14.67 -13.56
CA ARG A 157 4.67 -13.23 -13.54
C ARG A 157 4.34 -12.61 -14.89
N PRO A 158 4.10 -11.29 -14.91
CA PRO A 158 3.77 -10.55 -16.13
C PRO A 158 4.95 -10.18 -16.99
N VAL A 159 4.72 -10.02 -18.30
CA VAL A 159 5.77 -9.65 -19.25
C VAL A 159 5.30 -8.72 -20.35
N ASP A 160 6.15 -7.78 -20.76
CA ASP A 160 5.78 -6.86 -21.82
C ASP A 160 5.89 -7.50 -23.19
N ARG A 161 5.12 -6.98 -24.14
CA ARG A 161 5.12 -7.51 -25.50
C ARG A 161 6.54 -7.55 -26.07
N ALA A 162 7.31 -6.51 -25.76
CA ALA A 162 8.69 -6.37 -26.21
C ALA A 162 9.52 -7.61 -25.93
N GLU A 163 9.45 -8.09 -24.68
CA GLU A 163 10.20 -9.28 -24.27
C GLU A 163 9.49 -10.51 -24.83
N TRP A 164 8.17 -10.59 -24.66
CA TRP A 164 7.47 -11.76 -25.16
C TRP A 164 7.82 -12.15 -26.59
N TRP A 165 7.86 -11.17 -27.50
CA TRP A 165 8.15 -11.49 -28.88
C TRP A 165 9.58 -11.93 -29.16
N GLU A 166 10.57 -11.21 -28.66
CA GLU A 166 11.94 -11.64 -28.93
C GLU A 166 12.09 -13.10 -28.53
N TYR A 167 11.35 -13.51 -27.52
CA TYR A 167 11.39 -14.89 -27.06
C TYR A 167 10.61 -15.79 -27.97
N GLN A 168 9.48 -15.30 -28.48
CA GLN A 168 8.67 -16.09 -29.39
C GLN A 168 9.49 -16.34 -30.67
N ARG A 169 10.03 -15.27 -31.25
CA ARG A 169 10.86 -15.37 -32.44
C ARG A 169 11.95 -16.40 -32.23
N ALA A 170 12.59 -16.32 -31.08
CA ALA A 170 13.69 -17.22 -30.73
C ALA A 170 13.29 -18.68 -30.54
N GLN A 171 12.51 -18.97 -29.52
CA GLN A 171 12.16 -20.36 -29.30
C GLN A 171 10.71 -20.73 -29.50
N SER A 172 10.18 -20.49 -30.70
CA SER A 172 8.79 -20.83 -30.98
C SER A 172 8.52 -20.97 -32.48
N GLY A 173 7.25 -21.21 -32.82
CA GLY A 173 6.87 -21.36 -34.21
C GLY A 173 7.30 -20.17 -35.05
N PHE A 174 7.07 -20.24 -36.36
CA PHE A 174 7.48 -19.13 -37.19
C PHE A 174 6.34 -18.19 -37.53
N ASP A 175 6.44 -16.94 -37.06
CA ASP A 175 5.43 -15.94 -37.37
C ASP A 175 6.02 -15.02 -38.40
N PRO A 176 5.73 -15.29 -39.68
CA PRO A 176 6.28 -14.46 -40.76
C PRO A 176 6.19 -12.95 -40.53
N MSE A 177 5.06 -12.49 -40.00
CA MSE A 177 4.86 -11.08 -39.79
C MSE A 177 5.62 -10.55 -38.57
O MSE A 177 5.59 -9.34 -38.27
CB MSE A 177 3.36 -10.81 -39.65
CG MSE A 177 2.96 -9.38 -39.91
SE MSE A 177 3.38 -8.77 -41.70
CE MSE A 177 1.94 -9.60 -42.65
N ALA A 178 6.33 -11.44 -37.90
CA ALA A 178 7.11 -11.09 -36.70
C ALA A 178 8.60 -11.15 -36.96
N GLN A 179 8.97 -11.64 -38.13
CA GLN A 179 10.38 -11.76 -38.52
C GLN A 179 11.10 -10.43 -38.58
N VAL A 180 12.41 -10.43 -38.36
CA VAL A 180 13.19 -9.20 -38.39
C VAL A 180 13.42 -8.73 -39.81
N THR A 181 13.39 -7.41 -40.01
CA THR A 181 13.62 -6.80 -41.31
C THR A 181 14.82 -5.86 -41.17
N THR A 182 15.17 -5.20 -42.28
CA THR A 182 16.30 -4.27 -42.30
C THR A 182 15.89 -2.84 -42.02
N ALA A 183 14.59 -2.66 -41.74
CA ALA A 183 14.02 -1.36 -41.45
C ALA A 183 14.36 -0.95 -40.03
N THR A 184 14.74 0.30 -39.87
CA THR A 184 15.12 0.87 -38.58
C THR A 184 14.19 2.02 -38.17
N LEU A 185 14.40 2.54 -36.96
CA LEU A 185 13.59 3.63 -36.44
C LEU A 185 13.52 4.80 -37.43
N GLY A 186 14.61 5.01 -38.15
CA GLY A 186 14.66 6.10 -39.11
C GLY A 186 13.71 5.93 -40.29
N ASP A 187 13.14 4.74 -40.43
CA ASP A 187 12.24 4.46 -41.54
C ASP A 187 10.78 4.69 -41.15
N ALA A 188 10.54 4.85 -39.86
CA ALA A 188 9.19 5.11 -39.36
C ALA A 188 8.77 6.54 -39.64
N ARG A 189 7.65 6.71 -40.35
CA ARG A 189 7.18 8.04 -40.69
C ARG A 189 6.56 8.73 -39.49
N PRO A 190 6.89 10.01 -39.28
CA PRO A 190 6.34 10.75 -38.14
C PRO A 190 4.80 10.81 -38.19
N ALA A 191 4.27 10.85 -39.40
CA ALA A 191 2.83 10.92 -39.60
C ALA A 191 2.15 9.67 -39.04
N ALA A 192 2.78 8.52 -39.26
CA ALA A 192 2.27 7.25 -38.79
C ALA A 192 2.33 7.20 -37.27
N LEU A 193 3.46 7.66 -36.73
CA LEU A 193 3.64 7.67 -35.30
C LEU A 193 2.64 8.62 -34.67
N ALA A 194 2.45 9.76 -35.32
CA ALA A 194 1.51 10.76 -34.82
C ALA A 194 0.12 10.14 -34.68
N LEU A 195 -0.24 9.35 -35.70
CA LEU A 195 -1.53 8.68 -35.75
C LEU A 195 -1.71 7.72 -34.60
N ALA A 196 -0.67 6.95 -34.32
CA ALA A 196 -0.72 5.98 -33.24
C ALA A 196 -0.94 6.69 -31.93
N ARG A 197 -0.32 7.86 -31.79
CA ARG A 197 -0.43 8.66 -30.57
C ARG A 197 -1.80 9.28 -30.39
N LYS A 198 -2.44 9.69 -31.48
CA LYS A 198 -3.74 10.29 -31.33
C LYS A 198 -4.80 9.22 -31.15
N TRP A 199 -4.45 7.97 -31.41
CA TRP A 199 -5.41 6.87 -31.23
C TRP A 199 -5.29 6.18 -29.87
N ASP A 200 -4.18 6.41 -29.17
CA ASP A 200 -3.97 5.83 -27.85
C ASP A 200 -3.19 6.81 -26.98
N PRO A 201 -3.88 7.49 -26.05
CA PRO A 201 -3.28 8.48 -25.16
C PRO A 201 -2.24 7.91 -24.20
N ALA A 202 -2.08 6.60 -24.21
CA ALA A 202 -1.12 5.94 -23.33
C ALA A 202 0.32 6.22 -23.73
N PHE A 203 0.57 6.18 -25.04
CA PHE A 203 1.89 6.41 -25.57
C PHE A 203 2.37 7.82 -25.34
N ALA A 204 1.40 8.71 -25.14
CA ALA A 204 1.68 10.12 -24.91
C ALA A 204 2.97 10.42 -24.12
N GLU A 205 3.25 9.64 -23.08
CA GLU A 205 4.43 9.87 -22.27
C GLU A 205 5.75 9.30 -22.72
N LEU A 206 5.78 8.60 -23.85
CA LEU A 206 7.04 8.02 -24.29
C LEU A 206 7.49 8.40 -25.71
N THR A 207 8.78 8.26 -25.97
CA THR A 207 9.35 8.60 -27.26
C THR A 207 8.95 7.64 -28.36
N ASP A 208 9.35 7.97 -29.57
CA ASP A 208 9.04 7.16 -30.75
C ASP A 208 9.71 5.81 -30.63
N GLU A 209 10.95 5.81 -30.14
CA GLU A 209 11.71 4.58 -29.99
C GLU A 209 11.02 3.68 -29.00
N GLU A 210 10.83 4.16 -27.77
CA GLU A 210 10.21 3.32 -26.75
C GLU A 210 8.76 2.99 -27.05
N LEU A 211 8.18 3.65 -28.05
CA LEU A 211 6.80 3.37 -28.43
C LEU A 211 6.84 2.12 -29.29
N LEU A 212 7.49 2.25 -30.44
CA LEU A 212 7.63 1.16 -31.38
C LEU A 212 8.13 -0.10 -30.66
N ARG A 213 9.02 0.07 -29.69
CA ARG A 213 9.55 -1.06 -28.93
C ARG A 213 8.51 -1.58 -27.94
N GLY A 214 7.72 -0.67 -27.39
CA GLY A 214 6.70 -1.04 -26.43
C GLY A 214 5.67 -1.98 -27.01
N ILE A 215 5.24 -1.71 -28.24
CA ILE A 215 4.24 -2.51 -28.94
C ILE A 215 4.84 -3.79 -29.54
N GLY A 216 6.15 -3.97 -29.35
CA GLY A 216 6.85 -5.13 -29.86
C GLY A 216 7.24 -5.03 -31.33
N ALA A 217 7.26 -3.82 -31.86
CA ALA A 217 7.58 -3.64 -33.26
C ALA A 217 9.09 -3.48 -33.47
N LEU A 218 9.69 -2.80 -32.51
CA LEU A 218 11.11 -2.49 -32.52
C LEU A 218 11.92 -3.52 -31.76
N ASP A 219 12.95 -4.04 -32.45
CA ASP A 219 13.88 -5.05 -31.96
C ASP A 219 14.69 -4.55 -30.78
N ALA A 220 15.82 -5.20 -30.57
CA ALA A 220 16.70 -4.80 -29.50
C ALA A 220 17.93 -4.27 -30.21
N GLU A 221 18.05 -4.57 -31.50
CA GLU A 221 19.17 -4.09 -32.29
C GLU A 221 18.72 -2.81 -32.97
N GLY A 222 17.42 -2.54 -32.88
CA GLY A 222 16.86 -1.34 -33.48
C GLY A 222 16.18 -1.60 -34.81
N PHE A 223 15.78 -2.86 -35.02
CA PHE A 223 15.12 -3.24 -36.26
C PHE A 223 13.61 -3.41 -36.09
N LEU A 224 12.85 -3.12 -37.13
CA LEU A 224 11.41 -3.27 -37.05
C LEU A 224 11.03 -4.64 -37.53
N SER A 225 9.96 -5.20 -36.97
CA SER A 225 9.52 -6.50 -37.42
C SER A 225 8.81 -6.28 -38.73
N GLN A 226 8.33 -7.36 -39.31
CA GLN A 226 7.62 -7.27 -40.58
C GLN A 226 6.28 -6.55 -40.38
N ALA A 227 5.64 -6.76 -39.22
CA ALA A 227 4.38 -6.09 -38.94
C ALA A 227 4.62 -4.64 -38.58
N GLY A 228 5.77 -4.36 -37.99
CA GLY A 228 6.10 -3.02 -37.61
C GLY A 228 6.46 -2.20 -38.83
N LYS A 229 7.16 -2.83 -39.77
CA LYS A 229 7.57 -2.15 -40.99
C LYS A 229 6.32 -1.86 -41.83
N LEU A 230 5.43 -2.84 -41.91
CA LEU A 230 4.21 -2.71 -42.69
C LEU A 230 3.31 -1.61 -42.16
N LEU A 231 3.33 -1.40 -40.85
CA LEU A 231 2.48 -0.37 -40.24
C LEU A 231 3.01 1.06 -40.14
N PHE A 232 4.30 1.24 -39.85
CA PHE A 232 4.84 2.57 -39.72
C PHE A 232 5.76 3.02 -40.85
N THR A 233 5.87 2.20 -41.88
CA THR A 233 6.73 2.47 -43.03
C THR A 233 5.93 2.41 -44.33
N SER A 234 6.23 3.32 -45.25
CA SER A 234 5.51 3.32 -46.52
C SER A 234 5.74 2.01 -47.26
N LEU A 235 4.66 1.39 -47.72
CA LEU A 235 4.82 0.14 -48.45
C LEU A 235 4.79 0.38 -49.95
N ASP A 236 5.21 1.57 -50.35
CA ASP A 236 5.28 1.96 -51.75
C ASP A 236 4.23 1.27 -52.63
N ARG A 237 2.98 1.29 -52.19
CA ARG A 237 1.89 0.70 -52.96
C ARG A 237 0.57 0.88 -52.21
N THR A 238 -0.51 0.82 -52.97
CA THR A 238 -1.82 0.99 -52.38
C THR A 238 -2.23 -0.26 -51.63
N ALA A 239 -2.60 -0.08 -50.37
CA ALA A 239 -3.02 -1.22 -49.56
C ALA A 239 -4.51 -1.41 -49.63
N ILE A 240 -5.22 -0.29 -49.66
CA ILE A 240 -6.67 -0.31 -49.71
C ILE A 240 -7.17 0.95 -50.41
N GLU A 241 -8.27 0.84 -51.15
CA GLU A 241 -8.78 2.01 -51.84
C GLU A 241 -10.30 1.96 -51.95
N LEU A 242 -10.93 3.12 -52.13
CA LEU A 242 -12.38 3.19 -52.22
C LEU A 242 -12.91 3.62 -53.58
N SER A 243 -14.04 3.03 -53.97
CA SER A 243 -14.71 3.33 -55.23
C SER A 243 -16.21 3.49 -54.98
N ILE A 244 -16.68 4.73 -55.02
CA ILE A 244 -18.08 5.06 -54.79
C ILE A 244 -18.94 4.85 -56.02
N PHE A 245 -19.94 3.99 -55.91
CA PHE A 245 -20.83 3.71 -57.03
C PHE A 245 -22.18 4.36 -56.83
N ASP A 246 -22.98 4.36 -57.88
CA ASP A 246 -24.30 4.95 -57.79
C ASP A 246 -25.29 3.85 -57.44
N VAL A 247 -25.06 2.67 -57.99
CA VAL A 247 -25.91 1.52 -57.72
C VAL A 247 -25.20 0.22 -58.13
N HIS A 248 -25.40 -0.83 -57.34
CA HIS A 248 -24.77 -2.13 -57.61
C HIS A 248 -25.00 -2.48 -59.06
N GLY A 249 -24.01 -2.17 -59.90
CA GLY A 249 -24.15 -2.48 -61.31
C GLY A 249 -23.25 -1.68 -62.22
N GLY A 250 -22.23 -1.07 -61.65
CA GLY A 250 -21.29 -0.32 -62.46
C GLY A 250 -21.59 1.16 -62.49
N GLN A 251 -20.67 1.88 -63.14
CA GLN A 251 -20.71 3.33 -63.30
C GLN A 251 -20.13 3.98 -62.05
N VAL A 252 -18.80 4.08 -62.05
CA VAL A 252 -18.05 4.66 -60.94
C VAL A 252 -18.24 6.16 -60.87
N LEU A 253 -18.75 6.60 -59.73
CA LEU A 253 -19.01 8.02 -59.51
C LEU A 253 -17.76 8.72 -59.01
N ASN A 254 -16.95 8.01 -58.24
CA ASN A 254 -15.76 8.63 -57.71
C ASN A 254 -14.93 7.62 -56.93
N ARG A 255 -13.63 7.83 -56.85
CA ARG A 255 -12.79 6.91 -56.13
C ARG A 255 -11.71 7.63 -55.34
N VAL A 256 -11.37 7.09 -54.18
CA VAL A 256 -10.33 7.68 -53.35
C VAL A 256 -9.23 6.64 -53.10
N VAL A 257 -8.07 6.89 -53.70
CA VAL A 257 -6.93 5.99 -53.59
C VAL A 257 -5.77 6.65 -52.83
N PRO A 258 -5.44 6.13 -51.63
CA PRO A 258 -4.35 6.70 -50.84
C PRO A 258 -2.99 6.64 -51.53
N GLU A 259 -2.13 7.62 -51.25
CA GLU A 259 -0.80 7.67 -51.86
C GLU A 259 0.07 6.52 -51.38
N PRO A 260 0.71 5.78 -52.30
CA PRO A 260 1.58 4.65 -51.97
C PRO A 260 2.72 4.89 -50.99
N GLU A 261 3.17 6.14 -50.84
CA GLU A 261 4.26 6.43 -49.93
C GLU A 261 3.78 6.43 -48.49
N LYS A 262 2.50 6.16 -48.28
CA LYS A 262 1.95 6.15 -46.93
C LYS A 262 1.96 4.74 -46.33
N SER A 263 2.15 4.69 -45.02
CA SER A 263 2.15 3.43 -44.29
C SER A 263 0.72 2.93 -44.21
N CYS A 264 0.52 1.70 -43.76
CA CYS A 264 -0.84 1.15 -43.66
C CYS A 264 -1.69 1.96 -42.72
N LEU A 265 -1.10 2.40 -41.61
CA LEU A 265 -1.83 3.20 -40.63
C LEU A 265 -2.32 4.49 -41.30
N GLU A 266 -1.46 5.08 -42.11
CA GLU A 266 -1.79 6.30 -42.82
C GLU A 266 -2.85 5.97 -43.85
N GLN A 267 -2.64 4.89 -44.59
CA GLN A 267 -3.61 4.50 -45.57
C GLN A 267 -4.93 4.13 -44.93
N LEU A 268 -4.88 3.43 -43.80
CA LEU A 268 -6.13 3.06 -43.13
C LEU A 268 -6.90 4.33 -42.76
N ASP A 269 -6.21 5.25 -42.09
CA ASP A 269 -6.82 6.49 -41.71
C ASP A 269 -7.43 7.20 -42.92
N TYR A 270 -6.63 7.37 -43.96
CA TYR A 270 -7.08 8.06 -45.15
C TYR A 270 -8.40 7.47 -45.66
N LEU A 271 -8.53 6.14 -45.61
CA LEU A 271 -9.77 5.51 -46.07
C LEU A 271 -10.90 5.80 -45.08
N GLU A 272 -10.63 5.60 -43.79
CA GLU A 272 -11.62 5.86 -42.74
C GLU A 272 -12.15 7.29 -42.85
N GLN A 273 -11.24 8.24 -43.04
CA GLN A 273 -11.59 9.65 -43.17
C GLN A 273 -12.63 9.85 -44.25
N ALA A 274 -12.24 9.50 -45.47
CA ALA A 274 -13.10 9.64 -46.64
C ALA A 274 -14.35 8.80 -46.52
N LEU A 275 -14.26 7.68 -45.80
CA LEU A 275 -15.40 6.81 -45.64
C LEU A 275 -16.43 7.47 -44.74
N ASN A 276 -15.97 8.25 -43.78
CA ASN A 276 -16.83 8.97 -42.84
C ASN A 276 -17.73 9.95 -43.59
N VAL A 277 -17.27 10.39 -44.75
CA VAL A 277 -18.04 11.34 -45.55
C VAL A 277 -19.04 10.67 -46.46
N VAL A 278 -18.65 9.53 -46.99
CA VAL A 278 -19.49 8.79 -47.90
C VAL A 278 -20.65 8.22 -47.12
N ASN A 279 -20.39 7.89 -45.86
CA ASN A 279 -21.41 7.35 -44.99
C ASN A 279 -22.35 8.48 -44.58
N LYS A 280 -22.99 9.04 -45.59
CA LYS A 280 -23.93 10.16 -45.50
C LYS A 280 -24.49 10.51 -44.12
N ASN A 281 -25.17 9.57 -43.45
CA ASN A 281 -25.74 9.84 -42.12
C ASN A 281 -26.97 10.76 -42.11
N ASN A 282 -28.16 10.16 -42.02
CA ASN A 282 -29.40 10.90 -42.03
C ASN A 282 -30.07 11.01 -40.65
N THR A 283 -31.04 11.90 -40.54
CA THR A 283 -31.72 12.12 -39.27
C THR A 283 -33.03 11.36 -39.08
N VAL A 284 -33.13 10.66 -37.95
CA VAL A 284 -34.32 9.87 -37.58
C VAL A 284 -35.06 10.56 -36.42
N VAL A 285 -36.38 10.46 -36.41
CA VAL A 285 -37.19 11.09 -35.37
C VAL A 285 -37.97 10.07 -34.53
N GLU A 286 -37.89 10.23 -33.21
CA GLU A 286 -38.60 9.35 -32.29
C GLU A 286 -39.19 10.21 -31.19
N GLY A 287 -40.51 10.38 -31.22
CA GLY A 287 -41.15 11.21 -30.21
C GLY A 287 -40.59 12.62 -30.34
N PHE A 288 -40.51 13.07 -31.58
CA PHE A 288 -39.99 14.39 -31.94
C PHE A 288 -38.52 14.60 -31.58
N VAL A 289 -37.97 13.63 -30.85
CA VAL A 289 -36.56 13.63 -30.46
C VAL A 289 -35.86 13.15 -31.71
N HIS A 290 -35.14 14.07 -32.31
CA HIS A 290 -34.41 13.85 -33.55
C HIS A 290 -32.93 13.57 -33.27
N LYS A 291 -32.39 12.53 -33.90
CA LYS A 291 -30.99 12.16 -33.74
C LYS A 291 -30.36 11.76 -35.08
N PRO A 292 -29.10 12.16 -35.33
CA PRO A 292 -28.43 11.82 -36.59
C PRO A 292 -27.88 10.40 -36.54
N VAL A 293 -28.27 9.57 -37.51
CA VAL A 293 -27.84 8.17 -37.59
C VAL A 293 -27.22 7.84 -38.97
N PRO A 294 -25.93 7.40 -38.99
CA PRO A 294 -25.33 7.08 -40.29
C PRO A 294 -25.97 5.90 -41.05
N GLU A 295 -25.82 5.91 -42.38
CA GLU A 295 -26.37 4.87 -43.24
C GLU A 295 -26.00 3.50 -42.73
N ILE A 296 -24.82 3.39 -42.14
CA ILE A 296 -24.42 2.13 -41.53
C ILE A 296 -23.59 2.46 -40.31
N PRO A 297 -23.88 1.80 -39.18
CA PRO A 297 -23.14 2.03 -37.94
C PRO A 297 -21.64 2.11 -38.07
N ARG A 298 -21.09 3.28 -37.71
CA ARG A 298 -19.66 3.51 -37.78
C ARG A 298 -18.82 2.29 -37.37
N LEU A 299 -19.13 1.74 -36.20
CA LEU A 299 -18.43 0.57 -35.69
C LEU A 299 -18.36 -0.53 -36.73
N ALA A 300 -19.53 -0.89 -37.25
CA ALA A 300 -19.61 -1.94 -38.25
C ALA A 300 -18.61 -1.68 -39.38
N VAL A 301 -18.54 -0.45 -39.86
CA VAL A 301 -17.60 -0.10 -40.94
C VAL A 301 -16.15 -0.27 -40.54
N ARG A 302 -15.72 0.45 -39.50
CA ARG A 302 -14.35 0.34 -39.06
C ARG A 302 -14.00 -1.11 -38.71
N GLU A 303 -14.96 -1.85 -38.17
CA GLU A 303 -14.68 -3.24 -37.82
C GLU A 303 -14.34 -4.03 -39.08
N ALA A 304 -15.12 -3.83 -40.13
CA ALA A 304 -14.94 -4.50 -41.42
C ALA A 304 -13.61 -4.09 -42.06
N MSE A 305 -13.23 -2.84 -41.83
CA MSE A 305 -12.00 -2.26 -42.35
C MSE A 305 -10.78 -2.88 -41.70
O MSE A 305 -9.93 -3.47 -42.38
CB MSE A 305 -11.97 -0.76 -42.09
CG MSE A 305 -13.00 0.04 -42.87
SE MSE A 305 -12.55 0.26 -44.75
CE MSE A 305 -11.75 2.03 -44.65
N LEU A 306 -10.67 -2.72 -40.39
CA LEU A 306 -9.54 -3.27 -39.68
C LEU A 306 -9.44 -4.77 -39.95
N ASN A 307 -10.58 -5.43 -40.05
CA ASN A 307 -10.57 -6.84 -40.27
C ASN A 307 -9.81 -7.25 -41.50
N ALA A 308 -10.05 -6.55 -42.61
CA ALA A 308 -9.35 -6.84 -43.85
C ALA A 308 -7.89 -6.44 -43.69
N MSE A 309 -7.67 -5.21 -43.21
CA MSE A 309 -6.34 -4.66 -43.01
C MSE A 309 -5.43 -5.57 -42.19
O MSE A 309 -4.21 -5.45 -42.24
CB MSE A 309 -6.48 -3.32 -42.29
CG MSE A 309 -5.40 -2.32 -42.61
SE MSE A 309 -5.52 -1.82 -44.44
CE MSE A 309 -3.73 -1.04 -44.57
N ILE A 310 -6.03 -6.49 -41.45
CA ILE A 310 -5.31 -7.41 -40.59
C ILE A 310 -5.22 -8.84 -41.14
N HIS A 311 -6.28 -9.30 -41.80
CA HIS A 311 -6.28 -10.66 -42.33
C HIS A 311 -6.08 -10.75 -43.83
N ARG A 312 -5.77 -9.61 -44.44
CA ARG A 312 -5.50 -9.49 -45.89
C ARG A 312 -4.43 -10.51 -46.24
N ASP A 313 -4.18 -10.72 -47.52
CA ASP A 313 -3.12 -11.67 -47.86
C ASP A 313 -1.76 -10.96 -47.71
N TRP A 314 -1.71 -9.66 -47.95
CA TRP A 314 -0.46 -8.91 -47.80
C TRP A 314 0.69 -9.39 -48.64
N ASN A 315 0.56 -10.59 -49.19
CA ASN A 315 1.61 -11.10 -50.03
C ASN A 315 1.16 -10.85 -51.45
N ARG A 316 -0.13 -10.52 -51.60
CA ARG A 316 -0.69 -10.22 -52.91
C ARG A 316 -0.55 -8.75 -53.24
N SER A 317 -0.56 -8.43 -54.53
CA SER A 317 -0.40 -7.04 -54.96
C SER A 317 -1.67 -6.25 -54.81
N GLU A 318 -2.68 -6.69 -55.55
CA GLU A 318 -3.99 -6.05 -55.56
C GLU A 318 -4.45 -5.55 -54.17
N PRO A 319 -4.88 -4.28 -54.10
CA PRO A 319 -5.33 -3.68 -52.84
C PRO A 319 -6.70 -4.17 -52.39
N ILE A 320 -7.01 -3.93 -51.12
CA ILE A 320 -8.29 -4.29 -50.58
C ILE A 320 -9.21 -3.40 -51.39
N ASP A 321 -10.16 -4.01 -52.09
CA ASP A 321 -11.11 -3.26 -52.90
C ASP A 321 -12.34 -3.02 -52.07
N VAL A 322 -12.57 -1.76 -51.71
CA VAL A 322 -13.76 -1.41 -50.93
C VAL A 322 -14.60 -0.48 -51.78
N ARG A 323 -15.84 -0.87 -52.04
CA ARG A 323 -16.75 -0.03 -52.81
C ARG A 323 -17.99 0.27 -51.99
N TRP A 324 -18.56 1.44 -52.25
CA TRP A 324 -19.74 1.91 -51.55
C TRP A 324 -20.86 2.19 -52.55
N ILE A 325 -22.03 1.61 -52.32
CA ILE A 325 -23.17 1.81 -53.20
C ILE A 325 -24.13 2.85 -52.64
N GLU A 326 -24.22 3.98 -53.31
CA GLU A 326 -25.08 5.08 -52.86
C GLU A 326 -26.55 4.77 -52.58
N LEU A 327 -27.28 4.43 -53.64
CA LEU A 327 -28.71 4.16 -53.54
C LEU A 327 -29.11 2.96 -52.69
N ASP A 328 -28.18 2.05 -52.43
CA ASP A 328 -28.49 0.87 -51.63
C ASP A 328 -27.90 0.97 -50.24
N SER A 329 -27.14 2.04 -50.02
CA SER A 329 -26.48 2.26 -48.75
C SER A 329 -25.66 1.04 -48.36
N THR A 330 -25.14 0.30 -49.33
CA THR A 330 -24.34 -0.86 -48.92
C THR A 330 -22.85 -0.67 -49.18
N LEU A 331 -22.03 -1.30 -48.34
CA LEU A 331 -20.59 -1.21 -48.47
C LEU A 331 -20.00 -2.59 -48.64
N ILE A 332 -19.22 -2.78 -49.68
CA ILE A 332 -18.61 -4.07 -49.92
C ILE A 332 -17.11 -3.96 -49.70
N VAL A 333 -16.54 -4.98 -49.07
CA VAL A 333 -15.10 -4.99 -48.81
C VAL A 333 -14.47 -6.30 -49.30
N ARG A 334 -13.87 -6.24 -50.49
CA ARG A 334 -13.19 -7.39 -51.08
C ARG A 334 -11.74 -7.39 -50.65
N SER A 335 -11.29 -8.50 -50.06
CA SER A 335 -9.90 -8.60 -49.61
C SER A 335 -9.13 -9.75 -50.26
N PRO A 336 -7.93 -9.47 -50.77
CA PRO A 336 -7.13 -10.52 -51.41
C PRO A 336 -6.83 -11.68 -50.47
N GLY A 337 -7.08 -12.89 -50.96
CA GLY A 337 -6.83 -14.08 -50.16
C GLY A 337 -8.12 -14.82 -49.86
N GLY A 338 -8.01 -16.01 -49.29
CA GLY A 338 -9.19 -16.78 -48.96
C GLY A 338 -9.09 -17.48 -47.62
N PHE A 339 -10.20 -18.00 -47.13
CA PHE A 339 -10.26 -18.72 -45.86
C PHE A 339 -9.23 -19.84 -45.80
N PRO A 340 -8.36 -19.83 -44.78
CA PRO A 340 -7.35 -20.88 -44.66
C PRO A 340 -7.96 -22.29 -44.69
N ALA A 341 -7.26 -23.24 -45.33
CA ALA A 341 -7.75 -24.63 -45.42
C ALA A 341 -8.16 -25.14 -44.05
N ALA A 342 -9.42 -24.90 -43.69
CA ALA A 342 -9.98 -25.31 -42.40
C ALA A 342 -11.25 -24.50 -42.10
N ILE A 343 -11.15 -23.19 -42.32
CA ILE A 343 -12.24 -22.25 -42.09
C ILE A 343 -13.17 -22.19 -43.29
N THR A 344 -14.47 -22.17 -43.02
CA THR A 344 -15.44 -22.13 -44.10
C THR A 344 -16.39 -20.95 -43.88
N SER A 345 -17.21 -20.66 -44.88
CA SER A 345 -18.15 -19.56 -44.81
C SER A 345 -19.05 -19.66 -43.58
N GLU A 346 -19.20 -20.88 -43.06
CA GLU A 346 -20.03 -21.11 -41.87
C GLU A 346 -19.19 -21.53 -40.68
N ASN A 347 -17.97 -21.03 -40.63
CA ASN A 347 -17.07 -21.37 -39.55
C ASN A 347 -16.13 -20.21 -39.27
N VAL A 348 -16.59 -19.01 -39.61
CA VAL A 348 -15.78 -17.81 -39.42
C VAL A 348 -16.03 -17.09 -38.10
N LEU A 349 -17.30 -16.84 -37.78
CA LEU A 349 -17.66 -16.16 -36.53
C LEU A 349 -17.11 -16.84 -35.28
N SER A 350 -16.57 -18.03 -35.47
CA SER A 350 -16.00 -18.81 -34.36
C SER A 350 -14.49 -18.88 -34.45
N ASN A 351 -13.95 -18.68 -35.65
CA ASN A 351 -12.51 -18.72 -35.83
C ASN A 351 -11.85 -17.67 -34.95
N ARG A 352 -10.60 -17.92 -34.59
CA ARG A 352 -9.82 -16.99 -33.76
C ARG A 352 -8.38 -16.84 -34.23
N ALA A 353 -7.85 -17.89 -34.88
CA ALA A 353 -6.47 -17.87 -35.41
C ALA A 353 -6.37 -17.02 -36.69
N ALA A 354 -5.63 -15.92 -36.60
CA ALA A 354 -5.44 -15.01 -37.73
C ALA A 354 -4.33 -15.46 -38.65
N ARG A 355 -4.36 -14.99 -39.89
CA ARG A 355 -3.34 -15.35 -40.86
C ARG A 355 -1.98 -14.87 -40.36
N TYR A 356 -1.93 -13.62 -39.93
CA TYR A 356 -0.69 -13.07 -39.44
C TYR A 356 -0.83 -12.68 -37.97
N PRO A 357 -0.71 -13.68 -37.07
CA PRO A 357 -0.80 -13.44 -35.63
C PRO A 357 0.04 -12.25 -35.20
N ALA A 358 1.28 -12.18 -35.69
CA ALA A 358 2.15 -11.07 -35.36
C ALA A 358 1.48 -9.72 -35.69
N LEU A 359 0.94 -9.60 -36.90
CA LEU A 359 0.29 -8.37 -37.34
C LEU A 359 -0.90 -8.08 -36.45
N ALA A 360 -1.68 -9.12 -36.17
CA ALA A 360 -2.84 -8.96 -35.33
C ALA A 360 -2.39 -8.40 -34.00
N ASP A 361 -1.47 -9.08 -33.33
CA ASP A 361 -1.03 -8.58 -32.04
C ASP A 361 -0.58 -7.12 -32.06
N LEU A 362 0.13 -6.71 -33.11
CA LEU A 362 0.60 -5.33 -33.18
C LEU A 362 -0.57 -4.37 -33.17
N TYR A 363 -1.66 -4.72 -33.83
CA TYR A 363 -2.84 -3.84 -33.86
C TYR A 363 -3.49 -3.76 -32.47
N ARG A 364 -3.43 -4.87 -31.73
CA ARG A 364 -3.96 -4.96 -30.39
C ARG A 364 -3.12 -4.04 -29.51
N ALA A 365 -1.82 -4.14 -29.67
CA ALA A 365 -0.86 -3.35 -28.90
C ALA A 365 -1.13 -1.86 -29.06
N LEU A 366 -1.53 -1.45 -30.27
CA LEU A 366 -1.84 -0.06 -30.57
C LEU A 366 -3.23 0.31 -30.04
N GLY A 367 -3.98 -0.70 -29.65
CA GLY A 367 -5.32 -0.48 -29.13
C GLY A 367 -6.28 -0.11 -30.24
N LEU A 368 -6.16 -0.78 -31.38
CA LEU A 368 -7.04 -0.48 -32.49
C LEU A 368 -8.06 -1.58 -32.79
N VAL A 369 -7.94 -2.70 -32.10
CA VAL A 369 -8.87 -3.81 -32.30
C VAL A 369 -9.16 -4.51 -30.98
N ASP A 370 -10.29 -5.21 -30.90
CA ASP A 370 -10.69 -5.95 -29.72
C ASP A 370 -10.02 -7.33 -29.74
N LYS A 371 -10.21 -8.12 -28.69
CA LYS A 371 -9.62 -9.45 -28.63
C LYS A 371 -9.66 -10.12 -30.01
N GLN A 372 -10.84 -10.41 -30.52
CA GLN A 372 -10.94 -11.01 -31.85
C GLN A 372 -12.37 -11.25 -32.25
N GLY A 373 -12.94 -12.32 -31.70
CA GLY A 373 -14.32 -12.63 -32.01
C GLY A 373 -15.18 -11.44 -31.66
N VAL A 374 -14.77 -10.71 -30.62
CA VAL A 374 -15.52 -9.53 -30.20
C VAL A 374 -15.74 -8.61 -31.39
N GLY A 375 -14.71 -8.46 -32.22
CA GLY A 375 -14.80 -7.61 -33.39
C GLY A 375 -15.96 -7.98 -34.30
N VAL A 376 -15.83 -9.10 -34.99
CA VAL A 376 -16.88 -9.52 -35.89
C VAL A 376 -18.26 -9.62 -35.20
N ASP A 377 -18.28 -10.07 -33.95
CA ASP A 377 -19.54 -10.20 -33.21
C ASP A 377 -20.20 -8.83 -32.94
N ARG A 378 -19.41 -7.84 -32.54
CA ARG A 378 -19.96 -6.52 -32.28
C ARG A 378 -20.44 -5.95 -33.59
N MSE A 379 -19.79 -6.35 -34.67
CA MSE A 379 -20.17 -5.88 -36.00
C MSE A 379 -21.56 -6.44 -36.26
O MSE A 379 -22.51 -5.69 -36.47
CB MSE A 379 -19.18 -6.38 -37.05
CG MSE A 379 -19.46 -5.83 -38.44
SE MSE A 379 -18.25 -6.51 -39.81
CE MSE A 379 -18.85 -8.34 -39.83
N TYR A 380 -21.68 -7.76 -36.25
CA TYR A 380 -22.98 -8.41 -36.48
C TYR A 380 -24.04 -7.74 -35.63
N GLN A 381 -23.80 -7.69 -34.32
CA GLN A 381 -24.73 -7.08 -33.38
C GLN A 381 -25.16 -5.70 -33.87
N ALA A 382 -24.21 -4.79 -34.06
CA ALA A 382 -24.52 -3.44 -34.52
C ALA A 382 -25.49 -3.44 -35.70
N MSE A 383 -25.38 -4.42 -36.58
CA MSE A 383 -26.29 -4.47 -37.73
C MSE A 383 -27.68 -4.90 -37.28
O MSE A 383 -28.64 -4.19 -37.45
CB MSE A 383 -25.77 -5.44 -38.80
CG MSE A 383 -24.45 -5.02 -39.44
SE MSE A 383 -24.48 -3.22 -40.25
CE MSE A 383 -25.81 -3.57 -41.62
N ILE A 384 -27.75 -6.10 -36.71
CA ILE A 384 -29.01 -6.62 -36.23
C ILE A 384 -29.77 -5.58 -35.39
N ALA A 385 -29.10 -5.05 -34.36
CA ALA A 385 -29.67 -4.05 -33.45
C ALA A 385 -30.42 -2.87 -34.11
N LEU A 386 -30.03 -2.52 -35.33
CA LEU A 386 -30.69 -1.45 -36.06
C LEU A 386 -31.70 -2.01 -37.05
N GLY A 387 -31.97 -3.30 -36.95
CA GLY A 387 -32.95 -3.91 -37.83
C GLY A 387 -32.47 -4.24 -39.23
N HIS A 388 -31.18 -4.07 -39.50
CA HIS A 388 -30.57 -4.36 -40.80
C HIS A 388 -30.23 -5.83 -40.77
N ARG A 389 -29.80 -6.36 -41.91
CA ARG A 389 -29.42 -7.76 -42.01
C ARG A 389 -27.94 -7.94 -41.69
N PRO A 390 -27.61 -9.03 -40.98
CA PRO A 390 -26.25 -9.36 -40.57
C PRO A 390 -25.23 -9.30 -41.69
N PRO A 391 -24.05 -8.77 -41.39
CA PRO A 391 -23.02 -8.68 -42.40
C PRO A 391 -22.63 -10.04 -42.94
N THR A 392 -22.80 -10.23 -44.24
CA THR A 392 -22.45 -11.49 -44.86
C THR A 392 -21.01 -11.46 -45.33
N ILE A 393 -20.28 -12.52 -44.99
CA ILE A 393 -18.89 -12.65 -45.37
C ILE A 393 -18.60 -14.00 -46.04
N GLU A 394 -18.46 -13.98 -47.37
CA GLU A 394 -18.19 -15.19 -48.15
C GLU A 394 -16.92 -15.08 -49.00
N GLU A 395 -16.38 -16.23 -49.42
CA GLU A 395 -15.17 -16.30 -50.25
C GLU A 395 -15.52 -16.16 -51.73
N ILE A 396 -14.79 -15.30 -52.41
CA ILE A 396 -15.00 -15.04 -53.81
C ILE A 396 -13.84 -15.55 -54.64
N ALA A 397 -14.15 -16.02 -55.85
CA ALA A 397 -13.10 -16.52 -56.74
C ALA A 397 -12.05 -15.43 -56.95
N GLY A 398 -10.80 -15.76 -56.65
CA GLY A 398 -9.72 -14.81 -56.80
C GLY A 398 -8.36 -15.43 -56.53
N PRO A 399 -8.08 -15.88 -55.29
CA PRO A 399 -8.93 -15.86 -54.09
C PRO A 399 -9.22 -14.46 -53.54
N PHE A 400 -10.41 -14.31 -52.97
CA PHE A 400 -10.86 -13.04 -52.39
C PHE A 400 -11.85 -13.32 -51.28
N VAL A 401 -11.95 -12.41 -50.33
CA VAL A 401 -12.90 -12.58 -49.23
C VAL A 401 -13.66 -11.27 -49.10
N GLU A 402 -14.91 -11.26 -49.52
CA GLU A 402 -15.63 -10.00 -49.41
C GLU A 402 -16.67 -9.98 -48.32
N THR A 403 -16.68 -8.90 -47.55
CA THR A 403 -17.63 -8.70 -46.49
C THR A 403 -18.59 -7.64 -47.01
N THR A 404 -19.89 -7.91 -46.87
CA THR A 404 -20.90 -6.98 -47.37
C THR A 404 -21.80 -6.50 -46.23
N LEU A 405 -21.91 -5.18 -46.10
CA LEU A 405 -22.73 -4.54 -45.09
C LEU A 405 -23.84 -3.77 -45.76
N VAL A 406 -25.09 -4.19 -45.56
CA VAL A 406 -26.21 -3.46 -46.15
C VAL A 406 -26.94 -2.60 -45.11
N GLY A 407 -26.80 -1.28 -45.22
CA GLY A 407 -27.44 -0.40 -44.25
C GLY A 407 -28.63 0.44 -44.69
N GLY A 408 -28.62 1.70 -44.30
CA GLY A 408 -29.71 2.59 -44.64
C GLY A 408 -30.44 3.09 -43.40
N ARG A 409 -31.67 3.56 -43.57
CA ARG A 409 -32.42 4.05 -42.43
C ARG A 409 -32.73 2.94 -41.43
N PRO A 410 -32.69 3.26 -40.13
CA PRO A 410 -32.98 2.23 -39.15
C PRO A 410 -34.47 1.92 -39.13
N VAL A 411 -34.81 0.73 -38.66
CA VAL A 411 -36.22 0.32 -38.56
C VAL A 411 -36.70 0.61 -37.13
N LEU A 412 -37.47 1.69 -36.99
CA LEU A 412 -37.99 2.15 -35.71
C LEU A 412 -38.51 1.05 -34.78
N PRO A 413 -39.54 0.29 -35.20
CA PRO A 413 -40.05 -0.76 -34.31
C PRO A 413 -38.94 -1.58 -33.66
N VAL A 414 -37.99 -2.04 -34.45
CA VAL A 414 -36.89 -2.84 -33.91
C VAL A 414 -36.08 -2.05 -32.89
N LEU A 415 -35.84 -0.77 -33.17
CA LEU A 415 -35.08 0.08 -32.27
C LEU A 415 -35.70 0.12 -30.90
N GLU A 416 -37.01 0.33 -30.87
CA GLU A 416 -37.76 0.39 -29.62
C GLU A 416 -37.88 -0.97 -28.96
N LEU A 417 -38.00 -2.02 -29.77
CA LEU A 417 -38.09 -3.37 -29.21
C LEU A 417 -36.83 -3.58 -28.38
N VAL A 418 -35.69 -3.22 -28.96
CA VAL A 418 -34.40 -3.34 -28.28
C VAL A 418 -34.29 -2.33 -27.14
N SER A 419 -34.82 -1.14 -27.40
CA SER A 419 -34.80 -0.06 -26.43
C SER A 419 -35.58 -0.41 -25.17
N SER A 420 -36.40 -1.45 -25.26
CA SER A 420 -37.25 -1.88 -24.15
C SER A 420 -36.75 -3.14 -23.45
N ILE A 421 -35.53 -3.53 -23.77
CA ILE A 421 -34.94 -4.71 -23.18
C ILE A 421 -34.52 -4.45 -21.73
N VAL A 422 -34.62 -5.48 -20.92
CA VAL A 422 -34.25 -5.41 -19.52
C VAL A 422 -33.68 -6.77 -19.10
N PRO A 423 -32.56 -6.77 -18.38
CA PRO A 423 -31.79 -5.61 -17.93
C PRO A 423 -31.29 -4.76 -19.08
N GLU A 424 -31.06 -3.48 -18.81
CA GLU A 424 -30.57 -2.53 -19.81
C GLU A 424 -29.27 -3.03 -20.45
N ALA A 425 -28.41 -3.62 -19.63
CA ALA A 425 -27.15 -4.12 -20.12
C ALA A 425 -27.28 -5.23 -21.17
N ARG A 426 -28.49 -5.74 -21.39
CA ARG A 426 -28.64 -6.80 -22.38
C ARG A 426 -28.98 -6.32 -23.77
N GLN A 427 -29.24 -5.02 -23.91
CA GLN A 427 -29.58 -4.45 -25.20
C GLN A 427 -28.51 -4.70 -26.26
N ASP A 428 -27.30 -4.26 -25.98
CA ASP A 428 -26.20 -4.44 -26.92
C ASP A 428 -25.52 -5.81 -26.77
N ASP A 429 -26.27 -6.80 -26.28
CA ASP A 429 -25.73 -8.13 -26.09
C ASP A 429 -25.84 -8.97 -27.36
N TYR A 430 -24.70 -9.49 -27.81
CA TYR A 430 -24.62 -10.30 -29.01
C TYR A 430 -25.53 -11.51 -29.00
N ARG A 431 -25.66 -12.17 -27.84
CA ARG A 431 -26.52 -13.36 -27.76
C ARG A 431 -27.98 -13.05 -28.00
N ILE A 432 -28.53 -12.10 -27.25
CA ILE A 432 -29.92 -11.80 -27.45
C ILE A 432 -30.12 -11.24 -28.86
N ALA A 433 -29.06 -10.70 -29.46
CA ALA A 433 -29.16 -10.17 -30.83
C ALA A 433 -29.35 -11.32 -31.82
N ILE A 434 -28.51 -12.33 -31.72
CA ILE A 434 -28.62 -13.47 -32.61
C ILE A 434 -29.96 -14.16 -32.36
N VAL A 435 -30.25 -14.44 -31.10
CA VAL A 435 -31.50 -15.11 -30.79
C VAL A 435 -32.67 -14.30 -31.36
N LEU A 436 -32.79 -13.03 -31.03
CA LEU A 436 -33.91 -12.27 -31.58
C LEU A 436 -33.89 -12.30 -33.12
N TYR A 437 -32.71 -12.27 -33.72
CA TYR A 437 -32.68 -12.30 -35.18
C TYR A 437 -33.22 -13.61 -35.74
N LEU A 438 -32.77 -14.74 -35.23
CA LEU A 438 -33.27 -16.01 -35.74
C LEU A 438 -34.79 -16.05 -35.67
N LEU A 439 -35.36 -15.40 -34.66
CA LEU A 439 -36.80 -15.39 -34.53
C LEU A 439 -37.49 -14.38 -35.45
N PHE A 440 -36.73 -13.44 -36.02
CA PHE A 440 -37.28 -12.46 -36.95
C PHE A 440 -37.62 -13.22 -38.23
N GLN A 441 -36.88 -14.31 -38.44
CA GLN A 441 -37.06 -15.17 -39.63
C GLN A 441 -37.97 -16.33 -39.27
N ARG A 442 -37.38 -17.35 -38.65
CA ARG A 442 -38.10 -18.55 -38.26
C ARG A 442 -39.17 -18.25 -37.21
N PRO A 443 -40.20 -19.12 -37.13
CA PRO A 443 -41.29 -18.96 -36.17
C PRO A 443 -40.89 -19.54 -34.80
N PHE A 444 -40.18 -20.66 -34.82
CA PHE A 444 -39.73 -21.27 -33.59
C PHE A 444 -38.22 -21.47 -33.69
N ILE A 445 -37.56 -21.54 -32.54
CA ILE A 445 -36.12 -21.71 -32.53
C ILE A 445 -35.73 -22.89 -31.64
N THR A 446 -34.79 -23.72 -32.11
CA THR A 446 -34.32 -24.85 -31.33
C THR A 446 -32.87 -24.66 -30.97
N ILE A 447 -32.43 -25.31 -29.90
CA ILE A 447 -31.05 -25.19 -29.46
C ILE A 447 -30.04 -25.46 -30.58
N ASP A 448 -30.41 -26.31 -31.53
CA ASP A 448 -29.54 -26.61 -32.66
C ASP A 448 -29.44 -25.42 -33.59
N VAL A 449 -30.56 -24.77 -33.86
CA VAL A 449 -30.60 -23.62 -34.76
C VAL A 449 -29.86 -22.43 -34.21
N VAL A 450 -30.00 -22.23 -32.90
CA VAL A 450 -29.33 -21.16 -32.22
C VAL A 450 -27.83 -21.39 -32.33
N ALA A 451 -27.44 -22.67 -32.25
CA ALA A 451 -26.04 -23.07 -32.34
C ALA A 451 -25.45 -22.78 -33.71
N ARG A 452 -26.07 -23.32 -34.74
CA ARG A 452 -25.61 -23.11 -36.09
C ARG A 452 -25.56 -21.61 -36.37
N GLY A 453 -26.38 -20.86 -35.64
CA GLY A 453 -26.43 -19.41 -35.82
C GLY A 453 -25.19 -18.72 -35.29
N LEU A 454 -24.82 -19.03 -34.05
CA LEU A 454 -23.65 -18.46 -33.40
C LEU A 454 -22.41 -19.13 -33.93
N GLN A 455 -22.62 -20.18 -34.72
CA GLN A 455 -21.51 -20.95 -35.29
C GLN A 455 -20.66 -21.50 -34.16
N SER A 456 -21.31 -21.93 -33.08
CA SER A 456 -20.62 -22.47 -31.94
C SER A 456 -21.23 -23.78 -31.45
N GLY A 457 -20.55 -24.43 -30.50
CA GLY A 457 -21.02 -25.69 -29.95
C GLY A 457 -22.37 -25.60 -29.30
N LYS A 458 -22.88 -26.73 -28.82
CA LYS A 458 -24.19 -26.74 -28.18
C LYS A 458 -24.18 -26.00 -26.85
N GLU A 459 -23.00 -25.83 -26.29
CA GLU A 459 -22.89 -25.12 -25.02
C GLU A 459 -23.26 -23.65 -25.19
N ALA A 460 -22.59 -22.98 -26.12
CA ALA A 460 -22.88 -21.58 -26.35
C ALA A 460 -24.36 -21.37 -26.64
N ALA A 461 -24.96 -22.31 -27.36
CA ALA A 461 -26.36 -22.24 -27.72
C ALA A 461 -27.23 -22.19 -26.47
N ARG A 462 -27.00 -23.15 -25.57
CA ARG A 462 -27.75 -23.22 -24.33
C ARG A 462 -27.60 -21.89 -23.58
N ASN A 463 -26.36 -21.42 -23.51
CA ASN A 463 -26.02 -20.17 -22.85
C ASN A 463 -26.80 -18.99 -23.42
N ALA A 464 -26.73 -18.81 -24.74
CA ALA A 464 -27.45 -17.71 -25.38
C ALA A 464 -28.94 -17.84 -25.05
N LEU A 465 -29.53 -19.00 -25.36
CA LEU A 465 -30.94 -19.21 -25.06
C LEU A 465 -31.31 -18.81 -23.64
N GLU A 466 -30.58 -19.33 -22.67
CA GLU A 466 -30.83 -19.00 -21.26
C GLU A 466 -30.84 -17.49 -21.04
N ALA A 467 -29.76 -16.82 -21.42
CA ALA A 467 -29.70 -15.38 -21.24
C ALA A 467 -30.89 -14.67 -21.89
N ALA A 468 -31.39 -15.21 -23.01
CA ALA A 468 -32.52 -14.59 -23.67
C ALA A 468 -33.80 -14.90 -22.93
N ARG A 469 -33.82 -16.05 -22.27
CA ARG A 469 -34.99 -16.45 -21.50
C ARG A 469 -35.13 -15.59 -20.27
N GLN A 470 -34.01 -15.04 -19.81
CA GLN A 470 -34.00 -14.20 -18.63
C GLN A 470 -34.06 -12.72 -18.97
N THR A 471 -34.02 -12.42 -20.27
CA THR A 471 -34.09 -11.04 -20.69
C THR A 471 -35.57 -10.71 -20.70
N THR A 472 -35.91 -9.44 -20.53
CA THR A 472 -37.31 -9.03 -20.50
C THR A 472 -37.63 -7.80 -21.30
N VAL A 473 -38.76 -7.86 -21.99
CA VAL A 473 -39.26 -6.76 -22.78
C VAL A 473 -40.73 -6.64 -22.51
N ALA A 474 -41.10 -5.48 -21.98
CA ALA A 474 -42.48 -5.15 -21.62
C ALA A 474 -42.97 -6.05 -20.50
N GLY A 475 -42.08 -6.35 -19.54
CA GLY A 475 -42.45 -7.18 -18.42
C GLY A 475 -42.58 -8.66 -18.74
N ALA A 476 -42.25 -9.03 -19.96
CA ALA A 476 -42.32 -10.42 -20.34
C ALA A 476 -40.99 -10.83 -20.95
N PRO A 477 -40.61 -12.10 -20.76
CA PRO A 477 -39.35 -12.59 -21.31
C PRO A 477 -39.36 -12.58 -22.83
N LEU A 478 -38.18 -12.48 -23.43
CA LEU A 478 -38.03 -12.46 -24.87
C LEU A 478 -38.60 -13.72 -25.48
N ILE A 479 -37.97 -14.85 -25.18
CA ILE A 479 -38.43 -16.10 -25.71
C ILE A 479 -39.25 -16.80 -24.66
N ILE A 480 -40.09 -17.73 -25.12
CA ILE A 480 -40.95 -18.50 -24.24
C ILE A 480 -40.92 -19.93 -24.76
N ALA A 481 -40.95 -20.89 -23.85
CA ALA A 481 -40.92 -22.29 -24.22
C ALA A 481 -42.31 -22.87 -24.50
N HIS A 482 -42.38 -23.75 -25.50
CA HIS A 482 -43.62 -24.42 -25.88
C HIS A 482 -43.23 -25.77 -26.49
N ASP A 483 -43.94 -26.81 -26.11
CA ASP A 483 -43.64 -28.15 -26.60
C ASP A 483 -42.17 -28.42 -26.31
N GLY A 484 -41.38 -28.53 -27.36
CA GLY A 484 -39.97 -28.77 -27.19
C GLY A 484 -39.12 -27.75 -27.91
N VAL A 485 -39.67 -26.57 -28.14
CA VAL A 485 -38.94 -25.54 -28.85
C VAL A 485 -39.09 -24.20 -28.14
N TRP A 486 -38.50 -23.16 -28.70
CA TRP A 486 -38.58 -21.82 -28.12
C TRP A 486 -39.14 -20.87 -29.15
N LEU A 487 -39.82 -19.83 -28.68
CA LEU A 487 -40.38 -18.86 -29.61
C LEU A 487 -40.63 -17.48 -29.02
N LEU A 488 -40.52 -16.47 -29.88
CA LEU A 488 -40.70 -15.08 -29.47
C LEU A 488 -41.98 -14.87 -28.67
N GLY A 489 -41.89 -14.12 -27.58
CA GLY A 489 -43.04 -13.85 -26.74
C GLY A 489 -43.99 -12.83 -27.35
N ASN A 490 -45.30 -12.99 -27.15
CA ASN A 490 -46.28 -12.06 -27.72
C ASN A 490 -45.95 -10.60 -27.47
N ALA A 491 -45.11 -10.33 -26.48
CA ALA A 491 -44.71 -8.98 -26.13
C ALA A 491 -44.04 -8.28 -27.31
N CYS A 492 -43.04 -8.97 -27.88
CA CYS A 492 -42.27 -8.48 -29.01
C CYS A 492 -43.03 -8.59 -30.30
N ARG A 493 -43.69 -9.72 -30.50
CA ARG A 493 -44.47 -9.90 -31.71
C ARG A 493 -45.35 -8.68 -31.95
N GLU A 494 -45.94 -8.14 -30.88
CA GLU A 494 -46.80 -6.98 -31.03
C GLU A 494 -46.05 -5.74 -31.50
N ILE A 495 -44.78 -5.64 -31.10
CA ILE A 495 -43.95 -4.49 -31.48
C ILE A 495 -43.46 -4.66 -32.92
N LEU A 496 -43.14 -5.89 -33.28
CA LEU A 496 -42.66 -6.20 -34.63
C LEU A 496 -43.74 -6.23 -35.72
N ARG A 497 -45.00 -6.43 -35.34
CA ARG A 497 -46.09 -6.48 -36.32
C ARG A 497 -46.17 -5.21 -37.16
N LYS A 498 -45.59 -4.13 -36.64
CA LYS A 498 -45.59 -2.84 -37.32
C LYS A 498 -44.30 -2.63 -38.12
N VAL A 499 -44.03 -3.50 -39.08
CA VAL A 499 -42.84 -3.36 -39.91
C VAL A 499 -43.20 -3.15 -41.39
N GLU A 500 -43.69 -4.20 -42.04
CA GLU A 500 -44.07 -4.11 -43.44
C GLU A 500 -44.66 -5.42 -43.94
N GLU B 9 32.04 10.86 -21.85
CA GLU B 9 31.84 10.29 -23.21
C GLU B 9 31.20 11.36 -24.11
N GLY B 10 30.76 10.96 -25.29
CA GLY B 10 30.13 11.90 -26.22
C GLY B 10 28.69 12.20 -25.88
N ARG B 11 28.03 11.25 -25.22
CA ARG B 11 26.64 11.41 -24.82
C ARG B 11 26.49 12.36 -23.65
N ARG B 12 27.48 12.38 -22.75
CA ARG B 12 27.37 13.28 -21.62
C ARG B 12 27.16 14.72 -22.08
N GLU B 13 27.73 15.06 -23.24
CA GLU B 13 27.57 16.41 -23.78
C GLU B 13 26.14 16.55 -24.29
N GLN B 14 25.68 15.52 -25.01
CA GLN B 14 24.32 15.49 -25.55
C GLN B 14 23.29 15.64 -24.43
N LEU B 15 23.53 14.93 -23.33
CA LEU B 15 22.63 15.00 -22.18
C LEU B 15 22.63 16.40 -21.60
N ILE B 16 23.82 17.00 -21.46
CA ILE B 16 23.94 18.36 -20.90
C ILE B 16 23.17 19.37 -21.75
N ALA B 17 23.35 19.25 -23.06
CA ALA B 17 22.68 20.14 -24.00
C ALA B 17 21.19 20.11 -23.71
N GLN B 18 20.65 18.89 -23.60
CA GLN B 18 19.23 18.70 -23.34
C GLN B 18 18.76 19.39 -22.06
N VAL B 19 19.53 19.26 -20.98
CA VAL B 19 19.17 19.91 -19.71
C VAL B 19 19.17 21.44 -19.88
N GLU B 20 20.22 21.94 -20.53
CA GLU B 20 20.36 23.37 -20.79
C GLU B 20 19.17 23.89 -21.56
N SER B 21 18.83 23.20 -22.65
CA SER B 21 17.70 23.60 -23.47
C SER B 21 16.39 23.65 -22.70
N ILE B 22 16.18 22.71 -21.78
CA ILE B 22 14.94 22.72 -20.99
C ILE B 22 14.91 23.93 -20.09
N LEU B 23 16.06 24.23 -19.50
CA LEU B 23 16.18 25.38 -18.60
C LEU B 23 15.96 26.68 -19.36
N ALA B 24 16.53 26.76 -20.56
CA ALA B 24 16.41 27.94 -21.40
C ALA B 24 14.96 28.33 -21.69
N SER B 25 14.04 27.37 -21.61
CA SER B 25 12.63 27.64 -21.85
C SER B 25 11.91 28.09 -20.59
N ALA B 26 12.67 28.28 -19.51
CA ALA B 26 12.10 28.69 -18.23
C ALA B 26 11.29 29.98 -18.37
N ALA B 27 10.01 29.92 -17.99
CA ALA B 27 9.12 31.08 -18.07
C ALA B 27 7.76 30.77 -17.45
N ASP B 28 7.13 31.78 -16.87
CA ASP B 28 5.81 31.63 -16.22
C ASP B 28 5.85 30.73 -14.99
N GLY B 29 7.06 30.53 -14.46
CA GLY B 29 7.23 29.70 -13.28
C GLY B 29 7.37 28.21 -13.56
N ARG B 30 7.63 27.86 -14.82
CA ARG B 30 7.76 26.47 -15.21
C ARG B 30 8.52 26.31 -16.52
N VAL B 31 9.22 25.19 -16.66
CA VAL B 31 9.98 24.90 -17.87
C VAL B 31 9.18 23.91 -18.71
N GLN B 32 9.53 23.79 -19.98
CA GLN B 32 8.83 22.87 -20.88
C GLN B 32 9.79 21.90 -21.56
N LYS B 33 9.28 20.74 -21.96
CA LYS B 33 10.11 19.75 -22.63
C LYS B 33 9.74 19.72 -24.11
N THR B 34 10.65 19.22 -24.93
CA THR B 34 10.38 19.11 -26.36
C THR B 34 10.72 17.69 -26.76
N LYS B 35 10.13 17.25 -27.86
CA LYS B 35 10.35 15.91 -28.37
C LYS B 35 11.83 15.52 -28.26
N GLU B 36 12.70 16.50 -28.46
CA GLU B 36 14.14 16.32 -28.41
C GLU B 36 14.69 16.01 -27.02
N THR B 37 14.05 16.56 -25.98
CA THR B 37 14.49 16.37 -24.60
C THR B 37 13.42 15.71 -23.71
N GLN B 38 12.50 14.98 -24.31
CA GLN B 38 11.39 14.32 -23.58
C GLN B 38 11.79 13.32 -22.50
N SER B 39 12.91 12.63 -22.70
CA SER B 39 13.35 11.63 -21.75
C SER B 39 14.08 12.17 -20.53
N VAL B 40 14.14 13.49 -20.40
CA VAL B 40 14.80 14.07 -19.23
C VAL B 40 13.92 13.77 -18.03
N ASP B 41 14.55 13.46 -16.91
CA ASP B 41 13.81 13.11 -15.69
C ASP B 41 13.55 14.25 -14.70
N PHE B 42 12.30 14.69 -14.63
CA PHE B 42 11.92 15.77 -13.71
C PHE B 42 11.65 15.19 -12.33
N LYS B 43 12.48 15.55 -11.36
CA LYS B 43 12.25 15.05 -10.02
C LYS B 43 12.19 16.15 -8.96
N GLU B 44 11.15 16.08 -8.13
CA GLU B 44 10.93 17.04 -7.08
C GLU B 44 11.40 16.49 -5.73
N GLU B 45 12.27 17.24 -5.04
CA GLU B 45 12.79 16.82 -3.75
C GLU B 45 11.63 16.39 -2.88
N ALA B 46 11.68 15.15 -2.41
CA ALA B 46 10.62 14.61 -1.58
C ALA B 46 10.71 15.05 -0.12
N GLY B 47 9.58 14.96 0.58
CA GLY B 47 9.51 15.31 2.00
C GLY B 47 9.38 16.80 2.30
N ARG B 48 8.74 17.54 1.39
CA ARG B 48 8.56 18.98 1.54
C ARG B 48 7.14 19.44 1.23
N ARG B 49 6.27 18.50 0.91
CA ARG B 49 4.88 18.81 0.61
C ARG B 49 4.01 18.80 1.87
N ASN B 50 3.56 19.99 2.26
CA ASN B 50 2.73 20.19 3.45
C ASN B 50 1.30 20.56 3.00
N GLY B 51 0.82 19.85 1.99
CA GLY B 51 -0.50 20.12 1.47
C GLY B 51 -0.45 21.17 0.37
N PRO B 52 -1.06 22.35 0.60
CA PRO B 52 -1.10 23.45 -0.37
C PRO B 52 0.27 24.13 -0.57
N GLN B 53 0.96 24.38 0.54
CA GLN B 53 2.27 25.04 0.58
C GLN B 53 3.41 24.04 0.79
N ILE B 54 4.60 24.39 0.31
CA ILE B 54 5.78 23.51 0.45
C ILE B 54 6.84 24.11 1.36
N GLU B 55 7.52 23.23 2.11
CA GLU B 55 8.55 23.69 3.03
C GLU B 55 9.84 24.11 2.33
N PRO B 56 10.69 24.87 3.05
CA PRO B 56 11.96 25.34 2.50
C PRO B 56 12.96 24.22 2.41
N GLY B 57 13.78 24.26 1.37
CA GLY B 57 14.77 23.22 1.15
C GLY B 57 15.95 23.25 2.11
N LYS B 58 16.16 22.12 2.77
CA LYS B 58 17.27 22.01 3.69
C LYS B 58 18.45 21.52 2.86
N PRO B 59 19.67 21.69 3.38
CA PRO B 59 20.89 21.26 2.67
C PRO B 59 21.09 19.75 2.73
N GLU B 60 20.54 19.11 3.77
CA GLU B 60 20.62 17.68 3.98
C GLU B 60 19.25 17.06 4.25
N ASN B 61 18.91 16.04 3.46
CA ASN B 61 17.63 15.36 3.61
C ASN B 61 17.75 13.88 3.25
N PRO B 62 18.01 13.03 4.25
CA PRO B 62 18.15 11.59 3.99
C PRO B 62 16.96 11.02 3.22
N GLU B 63 15.76 11.48 3.51
CA GLU B 63 14.60 10.95 2.81
C GLU B 63 14.71 11.13 1.29
N ALA B 64 14.95 12.36 0.87
CA ALA B 64 15.07 12.66 -0.56
C ALA B 64 16.24 11.88 -1.15
N ALA B 65 17.28 11.67 -0.34
CA ALA B 65 18.44 10.93 -0.81
C ALA B 65 18.01 9.55 -1.25
N ASP B 66 17.01 9.01 -0.55
CA ASP B 66 16.51 7.68 -0.88
C ASP B 66 15.80 7.70 -2.21
N LYS B 67 14.69 8.44 -2.30
CA LYS B 67 13.93 8.54 -3.55
C LYS B 67 14.86 8.80 -4.74
N LEU B 68 15.78 9.75 -4.60
CA LEU B 68 16.71 10.07 -5.68
C LEU B 68 17.64 8.90 -5.99
N ALA B 69 18.15 8.25 -4.95
CA ALA B 69 19.04 7.10 -5.11
C ALA B 69 18.33 6.06 -5.97
N ASP B 70 17.10 5.74 -5.57
CA ASP B 70 16.28 4.78 -6.30
C ASP B 70 16.09 5.23 -7.74
N GLU B 71 15.81 6.51 -7.95
CA GLU B 71 15.60 7.00 -9.29
C GLU B 71 16.89 6.91 -10.09
N VAL B 72 18.01 7.26 -9.48
CA VAL B 72 19.30 7.20 -10.19
C VAL B 72 19.58 5.78 -10.67
N ALA B 73 19.28 4.80 -9.83
CA ALA B 73 19.48 3.42 -10.24
C ALA B 73 18.60 3.15 -11.48
N CYS B 74 17.34 3.59 -11.49
CA CYS B 74 16.50 3.36 -12.68
C CYS B 74 17.26 3.75 -13.92
N MSE B 75 17.66 5.02 -13.92
CA MSE B 75 18.35 5.58 -15.05
C MSE B 75 19.55 4.75 -15.41
O MSE B 75 19.64 4.24 -16.52
CB MSE B 75 18.80 6.99 -14.76
CG MSE B 75 18.94 7.80 -16.02
SE MSE B 75 17.24 8.25 -16.82
CE MSE B 75 17.34 7.33 -18.52
N ALA B 76 20.47 4.63 -14.46
CA ALA B 76 21.68 3.86 -14.67
C ALA B 76 21.39 2.48 -15.26
N ASN B 77 20.25 1.90 -14.88
CA ASN B 77 19.86 0.59 -15.37
C ASN B 77 19.35 0.56 -16.80
N THR B 78 18.81 1.66 -17.28
CA THR B 78 18.32 1.66 -18.65
C THR B 78 19.47 2.04 -19.59
N PRO B 79 19.71 1.21 -20.62
CA PRO B 79 20.81 1.53 -21.54
C PRO B 79 20.89 3.00 -21.95
N GLY B 80 22.12 3.51 -22.02
CA GLY B 80 22.35 4.90 -22.38
C GLY B 80 22.15 5.86 -21.23
N GLY B 81 21.75 5.36 -20.08
CA GLY B 81 21.53 6.22 -18.93
C GLY B 81 20.65 7.38 -19.33
N GLY B 82 20.71 8.46 -18.55
CA GLY B 82 19.91 9.64 -18.82
C GLY B 82 20.26 10.75 -17.84
N ALA B 83 19.48 11.81 -17.82
CA ALA B 83 19.73 12.92 -16.90
C ALA B 83 18.52 13.26 -16.04
N LEU B 84 18.79 13.74 -14.84
CA LEU B 84 17.73 14.12 -13.92
C LEU B 84 17.83 15.58 -13.55
N ILE B 85 16.70 16.17 -13.21
CA ILE B 85 16.70 17.54 -12.79
C ILE B 85 15.89 17.58 -11.52
N VAL B 86 16.58 17.73 -10.40
CA VAL B 86 15.93 17.79 -9.12
C VAL B 86 15.51 19.21 -8.85
N GLY B 87 14.24 19.40 -8.52
CA GLY B 87 13.76 20.73 -8.23
C GLY B 87 12.64 21.15 -9.16
N ILE B 88 12.26 20.23 -10.05
CA ILE B 88 11.20 20.45 -11.02
C ILE B 88 10.07 19.46 -10.77
N GLU B 89 8.83 19.95 -10.72
CA GLU B 89 7.67 19.09 -10.49
C GLU B 89 7.48 18.21 -11.72
N ASP B 90 7.09 16.96 -11.50
CA ASP B 90 6.88 16.01 -12.59
C ASP B 90 5.62 16.29 -13.42
N LYS B 91 5.72 16.08 -14.72
CA LYS B 91 4.60 16.28 -15.65
C LYS B 91 4.17 17.74 -15.88
N THR B 92 4.25 18.58 -14.84
CA THR B 92 3.89 19.99 -14.97
C THR B 92 5.10 20.79 -15.44
N GLY B 93 6.25 20.56 -14.80
CA GLY B 93 7.44 21.26 -15.19
C GLY B 93 7.62 22.56 -14.43
N ARG B 94 6.78 22.78 -13.43
CA ARG B 94 6.89 23.98 -12.63
C ARG B 94 8.10 23.90 -11.72
N ILE B 95 8.83 25.00 -11.60
CA ILE B 95 10.01 25.07 -10.76
C ILE B 95 9.68 25.11 -9.27
N ILE B 96 10.36 24.25 -8.49
CA ILE B 96 10.19 24.16 -7.04
C ILE B 96 11.48 24.58 -6.33
N GLY B 97 12.59 23.97 -6.75
CA GLY B 97 13.89 24.30 -6.17
C GLY B 97 14.46 23.26 -5.22
N THR B 98 15.78 23.30 -5.05
CA THR B 98 16.48 22.37 -4.16
C THR B 98 17.67 23.02 -3.49
N GLU B 99 17.82 22.78 -2.19
CA GLU B 99 18.94 23.34 -1.46
C GLU B 99 19.93 22.26 -1.07
N LEU B 100 19.65 21.01 -1.45
CA LEU B 100 20.54 19.91 -1.12
C LEU B 100 21.95 20.26 -1.54
N ASP B 101 22.91 19.73 -0.77
CA ASP B 101 24.33 19.95 -1.02
C ASP B 101 24.89 18.89 -1.96
N ILE B 102 25.56 19.34 -3.01
CA ILE B 102 26.16 18.45 -3.99
C ILE B 102 26.93 17.31 -3.33
N ASP B 103 28.14 17.61 -2.85
CA ASP B 103 28.99 16.62 -2.20
C ASP B 103 28.23 15.69 -1.27
N TRP B 104 27.29 16.21 -0.50
CA TRP B 104 26.53 15.36 0.42
C TRP B 104 25.64 14.37 -0.30
N LEU B 105 24.82 14.91 -1.20
CA LEU B 105 23.90 14.09 -1.96
C LEU B 105 24.65 13.02 -2.72
N ARG B 106 25.80 13.40 -3.28
CA ARG B 106 26.64 12.45 -4.03
C ARG B 106 27.01 11.27 -3.14
N GLN B 107 27.68 11.56 -2.04
CA GLN B 107 28.08 10.51 -1.10
C GLN B 107 26.85 9.75 -0.69
N GLY B 108 25.84 10.49 -0.20
CA GLY B 108 24.60 9.89 0.22
C GLY B 108 24.07 8.85 -0.76
N ILE B 109 23.97 9.20 -2.05
CA ILE B 109 23.48 8.25 -3.05
C ILE B 109 24.47 7.10 -3.18
N PHE B 110 25.72 7.45 -3.38
CA PHE B 110 26.82 6.48 -3.52
C PHE B 110 26.78 5.41 -2.42
N THR B 111 26.58 5.84 -1.18
CA THR B 111 26.56 4.88 -0.09
C THR B 111 25.41 3.90 -0.27
N ARG B 112 24.27 4.39 -0.71
CA ARG B 112 23.14 3.50 -0.86
C ARG B 112 22.85 3.01 -2.27
N ILE B 113 23.86 2.89 -3.12
CA ILE B 113 23.55 2.43 -4.46
C ILE B 113 24.84 2.05 -5.20
N ASP B 114 25.97 2.43 -4.62
CA ASP B 114 27.28 2.13 -5.19
C ASP B 114 27.56 2.85 -6.50
N VAL B 115 27.08 4.07 -6.61
CA VAL B 115 27.30 4.87 -7.81
C VAL B 115 27.13 6.35 -7.48
N ALA B 116 28.14 7.15 -7.84
CA ALA B 116 28.11 8.59 -7.58
C ALA B 116 27.99 9.34 -8.90
N PRO B 117 26.76 9.64 -9.31
CA PRO B 117 26.47 10.35 -10.55
C PRO B 117 26.91 11.80 -10.48
N ASP B 118 27.44 12.33 -11.57
CA ASP B 118 27.88 13.71 -11.62
C ASP B 118 26.65 14.61 -11.50
N VAL B 119 26.66 15.50 -10.52
CA VAL B 119 25.53 16.41 -10.33
C VAL B 119 26.00 17.85 -10.31
N VAL B 120 25.36 18.70 -11.10
CA VAL B 120 25.74 20.11 -11.13
C VAL B 120 24.57 21.03 -10.77
N ALA B 121 24.88 22.15 -10.13
CA ALA B 121 23.86 23.11 -9.75
C ALA B 121 23.61 24.08 -10.91
N LYS B 122 22.34 24.45 -11.08
CA LYS B 122 21.92 25.35 -12.13
C LYS B 122 20.81 26.25 -11.58
N ARG B 123 20.59 27.38 -12.24
CA ARG B 123 19.55 28.30 -11.81
C ARG B 123 18.58 28.70 -12.92
N VAL B 124 17.30 28.42 -12.70
CA VAL B 124 16.27 28.76 -13.68
C VAL B 124 15.72 30.16 -13.43
N LEU B 125 14.47 30.28 -13.01
CA LEU B 125 13.93 31.61 -12.76
C LEU B 125 14.38 32.08 -11.38
N GLY B 126 15.66 31.88 -11.10
CA GLY B 126 16.24 32.29 -9.83
C GLY B 126 16.30 31.14 -8.84
N GLN B 127 15.57 30.08 -9.17
CA GLN B 127 15.52 28.90 -8.33
C GLN B 127 16.71 27.97 -8.57
N ARG B 128 17.12 27.23 -7.55
CA ARG B 128 18.25 26.32 -7.66
C ARG B 128 17.77 24.90 -7.95
N VAL B 129 18.33 24.30 -8.99
CA VAL B 129 17.95 22.94 -9.35
C VAL B 129 19.21 22.12 -9.64
N LEU B 130 19.23 20.85 -9.22
CA LEU B 130 20.40 20.01 -9.47
C LEU B 130 20.23 19.12 -10.69
N ALA B 131 21.15 19.24 -11.63
CA ALA B 131 21.10 18.41 -12.83
C ALA B 131 21.95 17.19 -12.56
N ILE B 132 21.32 16.05 -12.33
CA ILE B 132 22.09 14.84 -12.08
C ILE B 132 22.27 14.08 -13.37
N TYR B 133 23.52 13.81 -13.73
CA TYR B 133 23.82 13.10 -14.95
C TYR B 133 24.33 11.72 -14.58
N VAL B 134 23.69 10.69 -15.12
CA VAL B 134 24.10 9.34 -14.81
C VAL B 134 24.35 8.52 -16.08
N ALA B 135 25.45 7.76 -16.10
CA ALA B 135 25.79 6.94 -17.25
C ALA B 135 25.28 5.52 -17.05
N ALA B 136 25.07 4.80 -18.16
CA ALA B 136 24.60 3.42 -18.12
C ALA B 136 25.58 2.55 -17.34
N ALA B 137 25.08 1.79 -16.37
CA ALA B 137 25.96 0.95 -15.55
C ALA B 137 26.44 -0.27 -16.32
N ALA B 138 27.63 -0.74 -15.98
CA ALA B 138 28.21 -1.91 -16.63
C ALA B 138 27.55 -3.20 -16.14
N GLU B 139 26.60 -3.07 -15.23
CA GLU B 139 25.89 -4.21 -14.69
C GLU B 139 24.68 -3.69 -13.95
N PRO B 140 23.67 -4.54 -13.72
CA PRO B 140 22.49 -4.04 -13.00
C PRO B 140 22.80 -3.41 -11.65
N ILE B 141 22.17 -2.26 -11.40
CA ILE B 141 22.34 -1.52 -10.15
C ILE B 141 21.11 -1.67 -9.28
N GLU B 142 21.22 -2.41 -8.19
CA GLU B 142 20.06 -2.58 -7.33
C GLU B 142 19.90 -1.34 -6.47
N ASP B 143 18.65 -0.96 -6.26
CA ASP B 143 18.29 0.21 -5.49
C ASP B 143 18.18 -0.06 -3.98
N THR B 144 17.58 0.87 -3.23
CA THR B 144 17.45 0.71 -1.79
C THR B 144 16.43 -0.33 -1.37
N SER B 145 15.92 -1.09 -2.33
CA SER B 145 14.95 -2.13 -2.06
C SER B 145 15.36 -3.40 -2.76
N ASP B 146 16.65 -3.51 -3.08
CA ASP B 146 17.15 -4.69 -3.76
C ASP B 146 16.32 -5.04 -5.01
N ARG B 147 15.74 -4.02 -5.65
CA ARG B 147 14.95 -4.25 -6.85
C ARG B 147 15.57 -3.52 -8.02
N LEU B 148 15.73 -4.21 -9.14
CA LEU B 148 16.34 -3.57 -10.29
C LEU B 148 15.29 -3.28 -11.36
N ARG B 149 15.17 -2.01 -11.69
CA ARG B 149 14.22 -1.52 -12.68
C ARG B 149 14.86 -0.45 -13.54
N TRP B 150 14.25 -0.14 -14.67
CA TRP B 150 14.80 0.86 -15.55
C TRP B 150 13.73 1.79 -16.09
N ARG B 151 14.15 2.94 -16.61
CA ARG B 151 13.21 3.92 -17.15
C ARG B 151 12.45 3.45 -18.40
N VAL B 152 11.18 3.82 -18.48
CA VAL B 152 10.40 3.50 -19.67
C VAL B 152 9.66 4.79 -20.05
N GLY B 153 8.51 5.04 -19.44
CA GLY B 153 7.81 6.27 -19.77
C GLY B 153 8.46 7.42 -19.03
N ASP B 154 7.68 8.02 -18.15
CA ASP B 154 8.16 9.10 -17.31
C ASP B 154 8.43 8.38 -16.02
N SER B 155 7.89 7.18 -15.93
CA SER B 155 8.05 6.36 -14.75
C SER B 155 8.85 5.13 -15.12
N CYS B 156 9.51 4.52 -14.14
CA CYS B 156 10.30 3.34 -14.41
C CYS B 156 9.74 2.06 -13.80
N ARG B 157 9.80 1.02 -14.62
CA ARG B 157 9.30 -0.30 -14.28
C ARG B 157 10.40 -1.31 -14.01
N PRO B 158 10.06 -2.42 -13.32
CA PRO B 158 11.01 -3.50 -12.97
C PRO B 158 11.34 -4.44 -14.12
N VAL B 159 12.59 -4.92 -14.17
CA VAL B 159 13.02 -5.86 -15.21
C VAL B 159 13.81 -7.02 -14.67
N ASP B 160 13.80 -8.12 -15.41
CA ASP B 160 14.53 -9.31 -15.00
C ASP B 160 15.91 -9.36 -15.67
N ARG B 161 16.89 -9.88 -14.94
CA ARG B 161 18.25 -9.98 -15.47
C ARG B 161 18.30 -10.58 -16.87
N ALA B 162 17.36 -11.48 -17.14
CA ALA B 162 17.29 -12.14 -18.45
C ALA B 162 17.20 -11.13 -19.57
N GLU B 163 16.25 -10.19 -19.43
CA GLU B 163 16.04 -9.16 -20.43
C GLU B 163 17.07 -8.06 -20.27
N TRP B 164 17.41 -7.71 -19.04
CA TRP B 164 18.38 -6.66 -18.84
C TRP B 164 19.70 -6.87 -19.57
N TRP B 165 20.28 -8.07 -19.40
CA TRP B 165 21.55 -8.41 -20.03
C TRP B 165 21.51 -8.49 -21.54
N GLU B 166 20.57 -9.24 -22.10
CA GLU B 166 20.51 -9.36 -23.56
C GLU B 166 20.35 -7.98 -24.18
N TYR B 167 19.90 -7.03 -23.37
CA TYR B 167 19.72 -5.65 -23.81
C TYR B 167 21.02 -4.89 -23.65
N GLN B 168 21.71 -5.10 -22.52
CA GLN B 168 22.99 -4.41 -22.32
C GLN B 168 23.96 -4.97 -23.35
N ARG B 169 23.89 -6.28 -23.58
CA ARG B 169 24.77 -6.92 -24.54
C ARG B 169 24.62 -6.29 -25.92
N ALA B 170 23.38 -5.95 -26.26
CA ALA B 170 23.10 -5.37 -27.57
C ALA B 170 23.40 -3.89 -27.72
N GLN B 171 22.98 -3.06 -26.78
CA GLN B 171 23.23 -1.62 -26.92
C GLN B 171 23.99 -0.94 -25.80
N SER B 172 25.08 -1.57 -25.35
CA SER B 172 25.92 -0.98 -24.31
C SER B 172 27.37 -1.37 -24.52
N GLY B 173 28.22 -0.91 -23.61
CA GLY B 173 29.64 -1.20 -23.68
C GLY B 173 29.92 -2.69 -23.56
N PHE B 174 30.86 -3.17 -24.35
CA PHE B 174 31.21 -4.58 -24.32
C PHE B 174 31.72 -5.04 -22.96
N ASP B 175 31.06 -6.07 -22.44
CA ASP B 175 31.44 -6.70 -21.17
C ASP B 175 31.88 -8.09 -21.58
N PRO B 176 33.19 -8.34 -21.53
CA PRO B 176 33.73 -9.65 -21.91
C PRO B 176 33.03 -10.85 -21.29
N MSE B 177 32.75 -10.78 -19.99
CA MSE B 177 32.13 -11.89 -19.29
C MSE B 177 30.66 -12.17 -19.66
O MSE B 177 30.18 -13.30 -19.56
CB MSE B 177 32.27 -11.67 -17.78
CG MSE B 177 32.40 -12.95 -16.96
SE MSE B 177 33.89 -14.07 -17.53
CE MSE B 177 35.18 -13.56 -16.20
N ALA B 178 29.97 -11.11 -20.10
CA ALA B 178 28.56 -11.20 -20.50
C ALA B 178 28.43 -11.72 -21.93
N GLN B 179 29.54 -11.80 -22.64
CA GLN B 179 29.60 -12.29 -24.02
C GLN B 179 28.93 -13.66 -24.13
N VAL B 180 28.54 -14.04 -25.33
CA VAL B 180 27.90 -15.34 -25.53
C VAL B 180 28.91 -16.42 -25.89
N THR B 181 28.69 -17.64 -25.44
CA THR B 181 29.61 -18.75 -25.73
C THR B 181 28.86 -19.82 -26.49
N THR B 182 29.45 -21.00 -26.59
CA THR B 182 28.76 -22.07 -27.30
C THR B 182 28.27 -23.12 -26.32
N ALA B 183 28.41 -22.83 -25.03
CA ALA B 183 27.97 -23.75 -23.98
C ALA B 183 26.45 -23.73 -23.81
N THR B 184 25.79 -24.87 -24.00
CA THR B 184 24.36 -24.90 -23.85
C THR B 184 23.96 -25.33 -22.44
N LEU B 185 22.66 -25.62 -22.27
CA LEU B 185 22.13 -26.04 -20.99
C LEU B 185 22.68 -27.38 -20.51
N GLY B 186 22.97 -28.28 -21.45
CA GLY B 186 23.48 -29.57 -21.08
C GLY B 186 24.90 -29.52 -20.57
N ASP B 187 25.61 -28.44 -20.91
CA ASP B 187 26.99 -28.29 -20.47
C ASP B 187 27.07 -27.89 -18.99
N ALA B 188 25.93 -27.60 -18.39
CA ALA B 188 25.88 -27.23 -16.97
C ALA B 188 25.98 -28.46 -16.10
N ARG B 189 26.99 -28.50 -15.25
CA ARG B 189 27.17 -29.64 -14.38
C ARG B 189 26.10 -29.59 -13.29
N PRO B 190 25.34 -30.70 -13.13
CA PRO B 190 24.30 -30.77 -12.10
C PRO B 190 24.82 -30.41 -10.73
N ALA B 191 26.05 -30.79 -10.47
CA ALA B 191 26.66 -30.51 -9.18
C ALA B 191 26.57 -29.03 -8.88
N ALA B 192 26.95 -28.20 -9.86
CA ALA B 192 26.92 -26.76 -9.71
C ALA B 192 25.50 -26.28 -9.39
N LEU B 193 24.54 -26.73 -10.20
CA LEU B 193 23.14 -26.37 -10.01
C LEU B 193 22.68 -26.72 -8.59
N ALA B 194 23.11 -27.88 -8.13
CA ALA B 194 22.79 -28.35 -6.80
C ALA B 194 23.25 -27.31 -5.79
N LEU B 195 24.50 -26.88 -5.94
CA LEU B 195 25.06 -25.90 -5.02
C LEU B 195 24.31 -24.61 -5.13
N ALA B 196 23.94 -24.27 -6.37
CA ALA B 196 23.19 -23.06 -6.65
C ALA B 196 21.88 -23.03 -5.88
N ARG B 197 21.27 -24.20 -5.72
CA ARG B 197 20.01 -24.29 -4.99
C ARG B 197 20.22 -24.27 -3.50
N LYS B 198 21.41 -24.67 -3.06
CA LYS B 198 21.69 -24.72 -1.62
C LYS B 198 21.87 -23.34 -1.04
N TRP B 199 22.63 -22.50 -1.71
CA TRP B 199 22.88 -21.18 -1.17
C TRP B 199 21.70 -20.21 -1.30
N ASP B 200 20.76 -20.55 -2.17
CA ASP B 200 19.59 -19.71 -2.38
C ASP B 200 18.39 -20.60 -2.64
N PRO B 201 17.64 -20.92 -1.58
CA PRO B 201 16.45 -21.76 -1.64
C PRO B 201 15.37 -21.21 -2.58
N ALA B 202 15.51 -19.95 -2.96
CA ALA B 202 14.54 -19.34 -3.85
C ALA B 202 14.37 -20.16 -5.14
N PHE B 203 15.49 -20.66 -5.67
CA PHE B 203 15.45 -21.42 -6.91
C PHE B 203 14.87 -22.83 -6.72
N ALA B 204 14.45 -23.15 -5.50
CA ALA B 204 13.89 -24.45 -5.21
C ALA B 204 12.73 -24.84 -6.12
N GLU B 205 12.01 -23.85 -6.64
CA GLU B 205 10.85 -24.14 -7.49
C GLU B 205 11.02 -23.98 -9.01
N LEU B 206 12.24 -23.81 -9.48
CA LEU B 206 12.43 -23.67 -10.92
C LEU B 206 13.40 -24.69 -11.48
N THR B 207 13.13 -25.12 -12.71
CA THR B 207 13.95 -26.10 -13.38
C THR B 207 15.36 -25.57 -13.58
N ASP B 208 16.29 -26.50 -13.79
CA ASP B 208 17.69 -26.14 -14.04
C ASP B 208 17.75 -25.08 -15.15
N GLU B 209 16.85 -25.16 -16.12
CA GLU B 209 16.83 -24.20 -17.22
C GLU B 209 16.41 -22.81 -16.78
N GLU B 210 15.19 -22.67 -16.29
CA GLU B 210 14.74 -21.37 -15.87
C GLU B 210 15.61 -20.77 -14.77
N LEU B 211 16.39 -21.61 -14.11
CA LEU B 211 17.28 -21.14 -13.06
C LEU B 211 18.43 -20.41 -13.74
N LEU B 212 19.08 -21.09 -14.68
CA LEU B 212 20.18 -20.48 -15.39
C LEU B 212 19.71 -19.25 -16.13
N ARG B 213 18.48 -19.27 -16.64
CA ARG B 213 17.99 -18.09 -17.36
C ARG B 213 17.70 -16.95 -16.42
N GLY B 214 17.14 -17.29 -15.25
CA GLY B 214 16.80 -16.29 -14.26
C GLY B 214 17.96 -15.44 -13.81
N ILE B 215 19.09 -16.09 -13.52
CA ILE B 215 20.28 -15.37 -13.08
C ILE B 215 20.94 -14.62 -14.25
N GLY B 216 20.41 -14.78 -15.46
CA GLY B 216 20.96 -14.11 -16.62
C GLY B 216 22.06 -14.89 -17.29
N ALA B 217 22.34 -16.11 -16.85
CA ALA B 217 23.40 -16.88 -17.47
C ALA B 217 23.00 -17.52 -18.79
N LEU B 218 21.75 -17.98 -18.88
CA LEU B 218 21.26 -18.60 -20.10
C LEU B 218 20.72 -17.59 -21.09
N ASP B 219 21.01 -17.85 -22.36
CA ASP B 219 20.60 -16.97 -23.44
C ASP B 219 19.16 -17.19 -23.80
N ALA B 220 18.74 -16.54 -24.88
CA ALA B 220 17.38 -16.67 -25.38
C ALA B 220 17.43 -17.82 -26.37
N GLU B 221 18.61 -18.00 -26.98
CA GLU B 221 18.81 -19.07 -27.94
C GLU B 221 19.15 -20.34 -27.16
N GLY B 222 19.62 -20.16 -25.93
CA GLY B 222 19.96 -21.32 -25.12
C GLY B 222 21.46 -21.46 -24.93
N PHE B 223 22.15 -20.32 -24.97
CA PHE B 223 23.61 -20.27 -24.82
C PHE B 223 24.06 -19.59 -23.53
N LEU B 224 24.97 -20.22 -22.82
CA LEU B 224 25.48 -19.67 -21.58
C LEU B 224 26.44 -18.54 -21.84
N SER B 225 26.31 -17.47 -21.07
CA SER B 225 27.19 -16.32 -21.20
C SER B 225 28.51 -16.78 -20.62
N GLN B 226 29.58 -16.16 -21.11
CA GLN B 226 30.91 -16.46 -20.65
C GLN B 226 30.88 -16.75 -19.14
N ALA B 227 30.39 -15.80 -18.35
CA ALA B 227 30.32 -15.98 -16.91
C ALA B 227 29.57 -17.27 -16.54
N GLY B 228 28.36 -17.41 -17.06
CA GLY B 228 27.55 -18.58 -16.78
C GLY B 228 28.31 -19.86 -17.09
N LYS B 229 29.08 -19.84 -18.18
CA LYS B 229 29.87 -21.00 -18.60
C LYS B 229 30.94 -21.32 -17.58
N LEU B 230 31.76 -20.33 -17.25
CA LEU B 230 32.83 -20.49 -16.29
C LEU B 230 32.31 -20.89 -14.91
N LEU B 231 31.09 -20.49 -14.59
CA LEU B 231 30.50 -20.79 -13.28
C LEU B 231 29.75 -22.13 -13.16
N PHE B 232 29.21 -22.65 -14.26
CA PHE B 232 28.47 -23.90 -14.21
C PHE B 232 29.04 -24.99 -15.09
N THR B 233 30.14 -24.71 -15.79
CA THR B 233 30.77 -25.69 -16.66
C THR B 233 32.22 -25.92 -16.25
N SER B 234 32.71 -27.13 -16.52
CA SER B 234 34.08 -27.47 -16.20
C SER B 234 34.99 -26.46 -16.89
N LEU B 235 35.91 -25.85 -16.14
CA LEU B 235 36.82 -24.90 -16.75
C LEU B 235 38.05 -25.64 -17.23
N ASP B 236 38.12 -26.93 -16.90
CA ASP B 236 39.23 -27.77 -17.34
C ASP B 236 40.59 -27.34 -16.82
N ARG B 237 40.64 -26.85 -15.59
CA ARG B 237 41.88 -26.42 -14.96
C ARG B 237 41.58 -25.92 -13.56
N THR B 238 42.57 -26.00 -12.68
CA THR B 238 42.41 -25.55 -11.31
C THR B 238 42.22 -24.04 -11.25
N ALA B 239 41.14 -23.64 -10.58
CA ALA B 239 40.82 -22.24 -10.45
C ALA B 239 41.38 -21.73 -9.14
N ILE B 240 41.27 -22.52 -8.10
CA ILE B 240 41.78 -22.07 -6.83
C ILE B 240 42.26 -23.30 -6.07
N GLU B 241 43.35 -23.16 -5.33
CA GLU B 241 43.86 -24.28 -4.56
C GLU B 241 44.42 -23.84 -3.22
N LEU B 242 44.28 -24.71 -2.23
CA LEU B 242 44.75 -24.45 -0.87
C LEU B 242 46.04 -25.19 -0.54
N SER B 243 47.01 -24.46 0.00
CA SER B 243 48.30 -25.03 0.38
C SER B 243 48.52 -24.74 1.86
N ILE B 244 48.50 -25.77 2.68
CA ILE B 244 48.69 -25.59 4.11
C ILE B 244 50.16 -25.62 4.54
N PHE B 245 50.63 -24.55 5.16
CA PHE B 245 52.01 -24.47 5.62
C PHE B 245 52.12 -24.64 7.14
N ASP B 246 53.37 -24.69 7.62
CA ASP B 246 53.64 -24.87 9.04
C ASP B 246 54.12 -23.55 9.65
N VAL B 247 54.97 -22.84 8.90
CA VAL B 247 55.49 -21.57 9.34
C VAL B 247 56.02 -20.82 8.12
N HIS B 248 55.79 -19.51 8.09
CA HIS B 248 56.21 -18.69 6.96
C HIS B 248 57.57 -19.08 6.37
N GLY B 249 57.53 -19.84 5.29
CA GLY B 249 58.76 -20.28 4.66
C GLY B 249 58.81 -21.80 4.56
N GLY B 250 58.42 -22.32 3.40
CA GLY B 250 58.44 -23.76 3.18
C GLY B 250 57.77 -24.60 4.25
N GLN B 251 57.87 -25.92 4.11
CA GLN B 251 57.27 -26.87 5.05
C GLN B 251 55.80 -27.09 4.70
N VAL B 252 55.56 -27.66 3.53
CA VAL B 252 54.21 -27.93 3.03
C VAL B 252 53.51 -29.08 3.78
N LEU B 253 52.82 -28.75 4.87
CA LEU B 253 52.11 -29.74 5.67
C LEU B 253 51.10 -30.53 4.85
N ASN B 254 50.39 -29.86 3.95
CA ASN B 254 49.40 -30.52 3.09
C ASN B 254 48.97 -29.59 1.97
N ARG B 255 48.50 -30.18 0.88
CA ARG B 255 48.05 -29.41 -0.28
C ARG B 255 46.76 -30.04 -0.84
N VAL B 256 45.74 -29.21 -1.05
CA VAL B 256 44.46 -29.66 -1.61
C VAL B 256 44.09 -28.89 -2.86
N VAL B 257 43.87 -29.63 -3.93
CA VAL B 257 43.52 -29.06 -5.23
C VAL B 257 42.27 -29.73 -5.83
N PRO B 258 41.31 -28.91 -6.28
CA PRO B 258 40.08 -29.43 -6.88
C PRO B 258 40.34 -30.00 -8.27
N GLU B 259 39.58 -31.03 -8.64
CA GLU B 259 39.70 -31.69 -9.94
C GLU B 259 39.29 -30.73 -11.05
N PRO B 260 40.11 -30.65 -12.11
CA PRO B 260 39.87 -29.78 -13.25
C PRO B 260 38.53 -29.98 -14.00
N GLU B 261 37.73 -30.95 -13.57
CA GLU B 261 36.45 -31.19 -14.22
C GLU B 261 35.35 -30.40 -13.51
N LYS B 262 35.65 -29.94 -12.30
CA LYS B 262 34.71 -29.15 -11.51
C LYS B 262 34.62 -27.70 -11.97
N SER B 263 33.43 -27.09 -11.82
CA SER B 263 33.17 -25.69 -12.20
C SER B 263 33.51 -24.79 -11.01
N CYS B 264 33.75 -23.52 -11.28
CA CYS B 264 34.09 -22.59 -10.21
C CYS B 264 33.23 -22.77 -8.98
N LEU B 265 31.92 -22.87 -9.17
CA LEU B 265 31.05 -23.04 -8.02
C LEU B 265 31.48 -24.26 -7.24
N GLU B 266 31.80 -25.33 -7.96
CA GLU B 266 32.24 -26.57 -7.31
C GLU B 266 33.61 -26.42 -6.68
N GLN B 267 34.55 -25.87 -7.44
CA GLN B 267 35.88 -25.67 -6.92
C GLN B 267 35.86 -24.73 -5.72
N LEU B 268 35.01 -23.71 -5.77
CA LEU B 268 34.91 -22.76 -4.67
C LEU B 268 34.40 -23.50 -3.43
N ASP B 269 33.42 -24.38 -3.64
CA ASP B 269 32.86 -25.10 -2.52
C ASP B 269 33.92 -26.02 -1.95
N TYR B 270 34.59 -26.78 -2.82
CA TYR B 270 35.63 -27.70 -2.39
C TYR B 270 36.65 -26.99 -1.49
N LEU B 271 37.10 -25.82 -1.91
CA LEU B 271 38.05 -25.05 -1.15
C LEU B 271 37.50 -24.66 0.22
N GLU B 272 36.27 -24.15 0.25
CA GLU B 272 35.62 -23.74 1.49
C GLU B 272 35.44 -24.94 2.41
N GLN B 273 35.24 -26.12 1.80
CA GLN B 273 35.07 -27.37 2.55
C GLN B 273 36.34 -27.61 3.36
N ALA B 274 37.45 -27.62 2.64
CA ALA B 274 38.76 -27.84 3.22
C ALA B 274 39.06 -26.75 4.24
N LEU B 275 39.06 -25.52 3.78
CA LEU B 275 39.35 -24.39 4.64
C LEU B 275 38.57 -24.41 5.94
N ASN B 276 37.33 -24.88 5.88
CA ASN B 276 36.47 -24.94 7.07
C ASN B 276 37.08 -25.86 8.12
N VAL B 277 37.80 -26.87 7.66
CA VAL B 277 38.45 -27.86 8.52
C VAL B 277 39.76 -27.29 9.05
N VAL B 278 40.55 -26.71 8.14
CA VAL B 278 41.84 -26.12 8.49
C VAL B 278 41.69 -25.01 9.54
N ASN B 279 40.51 -24.41 9.60
CA ASN B 279 40.24 -23.33 10.53
C ASN B 279 40.07 -23.90 11.94
N LYS B 280 41.20 -24.29 12.51
CA LYS B 280 41.33 -24.87 13.85
C LYS B 280 40.06 -24.83 14.70
N ASN B 281 39.63 -23.63 15.09
CA ASN B 281 38.44 -23.48 15.93
C ASN B 281 38.68 -24.12 17.30
N VAL B 293 34.22 -20.81 18.31
CA VAL B 293 34.73 -19.70 17.51
C VAL B 293 36.08 -20.05 16.85
N PRO B 294 36.15 -20.04 15.51
CA PRO B 294 37.39 -20.36 14.78
C PRO B 294 38.41 -19.22 14.84
N GLU B 295 39.62 -19.48 14.38
CA GLU B 295 40.68 -18.48 14.40
C GLU B 295 40.22 -17.27 13.60
N ILE B 296 40.20 -17.41 12.28
CA ILE B 296 39.76 -16.34 11.43
C ILE B 296 38.26 -16.49 11.25
N PRO B 297 37.48 -15.41 11.47
CA PRO B 297 36.03 -15.49 11.31
C PRO B 297 35.61 -15.94 9.89
N ARG B 298 34.73 -16.96 9.83
CA ARG B 298 34.25 -17.53 8.56
C ARG B 298 33.86 -16.49 7.51
N LEU B 299 33.13 -15.46 7.95
CA LEU B 299 32.71 -14.38 7.08
C LEU B 299 33.91 -13.81 6.31
N ALA B 300 34.96 -13.47 7.07
CA ALA B 300 36.18 -12.92 6.50
C ALA B 300 36.74 -13.83 5.40
N VAL B 301 36.96 -15.09 5.74
CA VAL B 301 37.51 -16.05 4.79
C VAL B 301 36.64 -16.09 3.53
N ARG B 302 35.36 -16.42 3.70
CA ARG B 302 34.44 -16.48 2.57
C ARG B 302 34.63 -15.24 1.70
N GLU B 303 34.73 -14.09 2.34
CA GLU B 303 34.89 -12.85 1.61
C GLU B 303 36.15 -12.85 0.76
N ALA B 304 37.30 -13.05 1.39
CA ALA B 304 38.58 -13.09 0.69
C ALA B 304 38.53 -14.03 -0.51
N MSE B 305 37.83 -15.14 -0.33
CA MSE B 305 37.67 -16.16 -1.37
C MSE B 305 36.80 -15.62 -2.49
O MSE B 305 37.22 -15.51 -3.64
CB MSE B 305 36.99 -17.39 -0.77
CG MSE B 305 37.75 -18.04 0.35
SE MSE B 305 39.12 -19.26 -0.28
CE MSE B 305 38.10 -20.91 -0.14
N LEU B 306 35.56 -15.32 -2.13
CA LEU B 306 34.60 -14.79 -3.06
C LEU B 306 35.05 -13.54 -3.75
N ASN B 307 36.16 -12.98 -3.28
CA ASN B 307 36.64 -11.74 -3.88
C ASN B 307 37.68 -12.02 -4.93
N ALA B 308 38.60 -12.90 -4.56
CA ALA B 308 39.63 -13.27 -5.47
C ALA B 308 38.91 -13.98 -6.60
N MSE B 309 37.87 -14.73 -6.24
CA MSE B 309 37.12 -15.50 -7.22
C MSE B 309 36.46 -14.64 -8.31
O MSE B 309 36.40 -15.04 -9.49
CB MSE B 309 36.08 -16.35 -6.49
CG MSE B 309 35.78 -17.69 -7.17
SE MSE B 309 37.33 -18.82 -7.41
CE MSE B 309 36.60 -20.03 -8.75
N ILE B 310 35.97 -13.47 -7.94
CA ILE B 310 35.29 -12.58 -8.87
C ILE B 310 36.24 -11.59 -9.60
N HIS B 311 37.33 -11.19 -8.95
CA HIS B 311 38.28 -10.24 -9.56
C HIS B 311 39.60 -10.84 -10.04
N ARG B 312 39.60 -12.16 -10.23
CA ARG B 312 40.77 -12.91 -10.71
C ARG B 312 41.04 -12.44 -12.13
N ASP B 313 42.10 -12.95 -12.74
CA ASP B 313 42.38 -12.54 -14.10
C ASP B 313 41.64 -13.43 -15.09
N TRP B 314 41.39 -14.67 -14.69
CA TRP B 314 40.67 -15.58 -15.57
C TRP B 314 41.24 -15.71 -16.98
N ASN B 315 42.36 -15.04 -17.23
CA ASN B 315 43.00 -15.13 -18.53
C ASN B 315 44.41 -15.68 -18.30
N ARG B 316 44.78 -15.76 -17.04
CA ARG B 316 46.08 -16.28 -16.64
C ARG B 316 45.92 -17.73 -16.20
N SER B 317 47.00 -18.50 -16.34
CA SER B 317 46.99 -19.90 -15.99
C SER B 317 46.94 -20.15 -14.50
N GLU B 318 48.02 -19.80 -13.81
CA GLU B 318 48.11 -20.00 -12.37
C GLU B 318 46.82 -19.75 -11.62
N PRO B 319 46.38 -20.72 -10.81
CA PRO B 319 45.15 -20.64 -10.03
C PRO B 319 45.31 -19.72 -8.84
N ILE B 320 44.20 -19.43 -8.17
CA ILE B 320 44.22 -18.59 -6.99
C ILE B 320 44.95 -19.38 -5.93
N ASP B 321 46.08 -18.84 -5.47
CA ASP B 321 46.87 -19.50 -4.46
C ASP B 321 46.45 -19.05 -3.07
N VAL B 322 45.77 -19.93 -2.35
CA VAL B 322 45.37 -19.60 -0.99
C VAL B 322 46.17 -20.52 -0.06
N ARG B 323 47.01 -19.90 0.76
CA ARG B 323 47.86 -20.63 1.69
C ARG B 323 47.47 -20.31 3.14
N TRP B 324 47.70 -21.27 4.02
CA TRP B 324 47.36 -21.14 5.43
C TRP B 324 48.55 -21.44 6.36
N ILE B 325 48.98 -20.45 7.14
CA ILE B 325 50.10 -20.59 8.07
C ILE B 325 49.64 -21.06 9.45
N GLU B 326 49.83 -22.33 9.76
CA GLU B 326 49.40 -22.90 11.03
C GLU B 326 49.86 -22.19 12.30
N LEU B 327 51.14 -21.80 12.37
CA LEU B 327 51.68 -21.13 13.54
C LEU B 327 51.16 -19.72 13.79
N ASP B 328 51.17 -18.89 12.74
CA ASP B 328 50.71 -17.51 12.87
C ASP B 328 49.20 -17.41 12.72
N SER B 329 48.58 -18.52 12.35
CA SER B 329 47.12 -18.58 12.15
C SER B 329 46.69 -17.49 11.17
N THR B 330 47.32 -17.47 10.00
CA THR B 330 46.99 -16.46 9.00
C THR B 330 46.60 -17.12 7.67
N LEU B 331 45.93 -16.35 6.81
CA LEU B 331 45.51 -16.86 5.51
C LEU B 331 45.91 -15.85 4.44
N ILE B 332 46.43 -16.36 3.33
CA ILE B 332 46.87 -15.52 2.22
C ILE B 332 46.23 -15.99 0.92
N VAL B 333 45.76 -15.04 0.12
CA VAL B 333 45.14 -15.37 -1.14
C VAL B 333 45.77 -14.66 -2.33
N ARG B 334 46.69 -15.37 -2.98
CA ARG B 334 47.39 -14.85 -4.15
C ARG B 334 46.44 -14.97 -5.32
N SER B 335 46.06 -13.82 -5.86
CA SER B 335 45.16 -13.76 -7.00
C SER B 335 45.87 -13.24 -8.24
N PRO B 336 45.86 -14.03 -9.33
CA PRO B 336 46.53 -13.59 -10.56
C PRO B 336 45.92 -12.28 -11.06
N GLY B 337 46.78 -11.34 -11.46
CA GLY B 337 46.31 -10.05 -11.95
C GLY B 337 46.50 -8.97 -10.89
N GLY B 338 46.41 -7.71 -11.30
CA GLY B 338 46.58 -6.62 -10.34
C GLY B 338 45.49 -5.57 -10.48
N PHE B 339 45.41 -4.65 -9.52
CA PHE B 339 44.41 -3.58 -9.54
C PHE B 339 44.25 -3.03 -10.95
N PRO B 340 43.00 -2.95 -11.44
CA PRO B 340 42.76 -2.42 -12.79
C PRO B 340 43.20 -0.95 -12.88
N ALA B 341 44.04 -0.65 -13.87
CA ALA B 341 44.58 0.70 -14.11
C ALA B 341 43.59 1.82 -13.78
N ALA B 342 43.51 2.17 -12.50
CA ALA B 342 42.61 3.21 -12.00
C ALA B 342 42.51 3.08 -10.48
N ILE B 343 42.61 1.83 -10.00
CA ILE B 343 42.53 1.51 -8.57
C ILE B 343 43.92 1.41 -7.94
N THR B 344 44.07 2.07 -6.78
CA THR B 344 45.33 2.08 -6.04
C THR B 344 45.11 1.42 -4.67
N SER B 345 46.22 1.18 -3.96
CA SER B 345 46.17 0.56 -2.63
C SER B 345 45.49 1.51 -1.63
N GLU B 346 45.38 2.78 -2.00
CA GLU B 346 44.74 3.80 -1.14
C GLU B 346 43.30 4.08 -1.60
N ASN B 347 42.83 3.28 -2.54
CA ASN B 347 41.48 3.42 -3.08
C ASN B 347 40.86 2.05 -3.27
N VAL B 348 40.67 1.31 -2.18
CA VAL B 348 40.11 -0.04 -2.23
C VAL B 348 38.83 -0.17 -1.39
N LEU B 349 38.89 0.23 -0.13
CA LEU B 349 37.73 0.14 0.76
C LEU B 349 36.56 1.03 0.32
N SER B 350 36.68 1.63 -0.87
CA SER B 350 35.63 2.50 -1.40
C SER B 350 35.30 2.15 -2.84
N ASN B 351 36.29 1.66 -3.59
CA ASN B 351 36.06 1.28 -4.99
C ASN B 351 34.97 0.22 -5.14
N ARG B 352 34.03 0.46 -6.04
CA ARG B 352 32.93 -0.48 -6.28
C ARG B 352 32.97 -1.08 -7.68
N ALA B 353 33.94 -0.62 -8.49
CA ALA B 353 34.07 -1.14 -9.85
C ALA B 353 34.70 -2.54 -9.83
N ALA B 354 34.47 -3.31 -10.89
CA ALA B 354 35.01 -4.65 -11.00
C ALA B 354 35.61 -4.88 -12.38
N ARG B 355 36.51 -5.86 -12.47
CA ARG B 355 37.15 -6.17 -13.74
C ARG B 355 36.15 -6.84 -14.68
N TYR B 356 35.27 -7.64 -14.09
CA TYR B 356 34.23 -8.38 -14.82
C TYR B 356 32.86 -8.09 -14.22
N PRO B 357 32.28 -6.94 -14.56
CA PRO B 357 30.96 -6.59 -14.01
C PRO B 357 29.97 -7.74 -14.16
N ALA B 358 29.89 -8.30 -15.36
CA ALA B 358 28.95 -9.38 -15.63
C ALA B 358 29.15 -10.49 -14.63
N LEU B 359 30.39 -10.94 -14.51
CA LEU B 359 30.74 -12.02 -13.60
C LEU B 359 30.32 -11.65 -12.19
N ALA B 360 30.69 -10.45 -11.77
CA ALA B 360 30.33 -9.98 -10.43
C ALA B 360 28.81 -10.06 -10.27
N ASP B 361 28.06 -9.69 -11.30
CA ASP B 361 26.62 -9.74 -11.20
C ASP B 361 26.10 -11.16 -11.02
N LEU B 362 26.48 -12.06 -11.90
CA LEU B 362 26.01 -13.43 -11.79
C LEU B 362 26.17 -13.93 -10.36
N TYR B 363 27.23 -13.51 -9.68
CA TYR B 363 27.44 -13.93 -8.30
C TYR B 363 26.39 -13.29 -7.40
N ARG B 364 26.05 -12.03 -7.69
CA ARG B 364 25.03 -11.31 -6.92
C ARG B 364 23.70 -11.99 -7.17
N ALA B 365 23.47 -12.38 -8.43
CA ALA B 365 22.23 -13.04 -8.80
C ALA B 365 22.07 -14.32 -8.00
N LEU B 366 23.16 -15.09 -7.94
CA LEU B 366 23.18 -16.35 -7.21
C LEU B 366 23.01 -16.17 -5.72
N GLY B 367 22.93 -14.92 -5.27
CA GLY B 367 22.79 -14.65 -3.85
C GLY B 367 24.06 -14.95 -3.09
N LEU B 368 25.18 -15.02 -3.81
CA LEU B 368 26.45 -15.34 -3.18
C LEU B 368 27.26 -14.16 -2.61
N VAL B 369 26.85 -12.93 -2.88
CA VAL B 369 27.56 -11.78 -2.36
C VAL B 369 26.56 -10.69 -2.00
N ASP B 370 27.08 -9.53 -1.61
CA ASP B 370 26.24 -8.39 -1.23
C ASP B 370 26.42 -7.33 -2.30
N LYS B 371 25.98 -6.11 -2.02
CA LYS B 371 26.12 -5.01 -2.98
C LYS B 371 27.55 -4.97 -3.57
N GLN B 372 28.54 -4.70 -2.71
CA GLN B 372 29.95 -4.65 -3.11
C GLN B 372 30.87 -4.30 -1.93
N GLY B 373 30.91 -3.01 -1.60
CA GLY B 373 31.73 -2.56 -0.49
C GLY B 373 31.31 -3.27 0.77
N VAL B 374 30.02 -3.58 0.86
CA VAL B 374 29.50 -4.27 2.03
C VAL B 374 30.39 -5.49 2.33
N GLY B 375 30.86 -6.14 1.27
CA GLY B 375 31.71 -7.31 1.44
C GLY B 375 33.06 -6.99 2.07
N VAL B 376 33.95 -6.42 1.28
CA VAL B 376 35.28 -6.05 1.75
C VAL B 376 35.24 -5.29 3.09
N ASP B 377 34.19 -4.50 3.27
CA ASP B 377 34.04 -3.73 4.50
C ASP B 377 33.73 -4.64 5.69
N ARG B 378 32.73 -5.50 5.54
CA ARG B 378 32.36 -6.40 6.63
C ARG B 378 33.55 -7.27 7.00
N MSE B 379 34.40 -7.53 6.02
CA MSE B 379 35.59 -8.34 6.23
C MSE B 379 36.48 -7.61 7.22
O MSE B 379 37.03 -8.21 8.14
CB MSE B 379 36.32 -8.53 4.90
CG MSE B 379 37.59 -9.36 5.02
SE MSE B 379 38.33 -9.74 3.29
CE MSE B 379 39.26 -8.08 2.97
N TYR B 380 36.62 -6.30 7.03
CA TYR B 380 37.43 -5.49 7.91
C TYR B 380 36.82 -5.49 9.29
N GLN B 381 35.61 -4.95 9.38
CA GLN B 381 34.90 -4.89 10.65
C GLN B 381 34.96 -6.21 11.42
N ALA B 382 34.93 -7.32 10.68
CA ALA B 382 34.97 -8.65 11.31
C ALA B 382 36.20 -8.82 12.19
N MSE B 383 37.36 -8.48 11.63
CA MSE B 383 38.63 -8.58 12.31
C MSE B 383 38.72 -7.52 13.42
O MSE B 383 38.96 -7.83 14.58
CB MSE B 383 39.77 -8.37 11.32
CG MSE B 383 39.67 -9.21 10.07
SE MSE B 383 39.76 -11.11 10.41
CE MSE B 383 41.67 -11.36 10.24
N ILE B 384 38.50 -6.27 13.02
CA ILE B 384 38.54 -5.14 13.93
C ILE B 384 37.78 -5.43 15.22
N ALA B 385 36.61 -6.03 15.11
CA ALA B 385 35.76 -6.33 16.27
C ALA B 385 36.25 -7.47 17.13
N LEU B 386 37.10 -8.33 16.57
CA LEU B 386 37.63 -9.44 17.36
C LEU B 386 39.02 -9.14 17.89
N GLY B 387 39.56 -7.97 17.56
CA GLY B 387 40.87 -7.61 18.06
C GLY B 387 42.02 -7.86 17.11
N HIS B 388 41.79 -8.68 16.08
CA HIS B 388 42.83 -8.98 15.09
C HIS B 388 43.04 -7.72 14.27
N ARG B 389 44.12 -7.69 13.50
CA ARG B 389 44.41 -6.54 12.66
C ARG B 389 43.67 -6.62 11.33
N PRO B 390 43.28 -5.47 10.75
CA PRO B 390 42.56 -5.38 9.48
C PRO B 390 43.25 -6.11 8.34
N PRO B 391 42.47 -6.85 7.54
CA PRO B 391 43.05 -7.60 6.42
C PRO B 391 43.81 -6.68 5.49
N THR B 392 45.10 -6.94 5.31
CA THR B 392 45.89 -6.10 4.43
C THR B 392 45.92 -6.67 3.02
N ILE B 393 45.47 -5.86 2.06
CA ILE B 393 45.46 -6.28 0.66
C ILE B 393 46.41 -5.41 -0.15
N GLU B 394 47.35 -6.07 -0.85
CA GLU B 394 48.36 -5.37 -1.63
C GLU B 394 48.59 -6.05 -2.98
N GLU B 395 49.24 -5.34 -3.90
CA GLU B 395 49.54 -5.87 -5.23
C GLU B 395 51.03 -6.21 -5.36
N ILE B 396 51.32 -7.50 -5.51
CA ILE B 396 52.70 -7.98 -5.66
C ILE B 396 53.04 -7.98 -7.13
N ALA B 397 54.33 -8.06 -7.46
CA ALA B 397 54.72 -8.09 -8.86
C ALA B 397 54.31 -9.44 -9.46
N GLY B 398 53.83 -9.40 -10.70
CA GLY B 398 53.39 -10.61 -11.36
C GLY B 398 52.67 -10.33 -12.67
N PRO B 399 51.54 -9.61 -12.65
CA PRO B 399 50.86 -9.02 -11.49
C PRO B 399 50.26 -10.09 -10.60
N PHE B 400 49.92 -9.69 -9.37
CA PHE B 400 49.35 -10.56 -8.35
C PHE B 400 48.78 -9.69 -7.24
N VAL B 401 47.65 -10.09 -6.68
CA VAL B 401 47.05 -9.33 -5.60
C VAL B 401 46.71 -10.29 -4.48
N GLU B 402 47.30 -10.09 -3.31
CA GLU B 402 47.02 -11.00 -2.21
C GLU B 402 46.48 -10.31 -0.97
N THR B 403 45.51 -10.98 -0.35
CA THR B 403 44.88 -10.48 0.85
C THR B 403 45.41 -11.36 1.98
N THR B 404 45.71 -10.73 3.11
CA THR B 404 46.24 -11.46 4.26
C THR B 404 45.47 -11.20 5.54
N LEU B 405 44.90 -12.26 6.08
CA LEU B 405 44.12 -12.17 7.31
C LEU B 405 44.88 -12.86 8.41
N VAL B 406 45.06 -12.16 9.53
CA VAL B 406 45.77 -12.74 10.64
C VAL B 406 44.81 -13.05 11.77
N GLY B 407 44.55 -14.33 11.99
CA GLY B 407 43.63 -14.73 13.02
C GLY B 407 44.25 -15.16 14.33
N GLY B 408 43.54 -16.02 15.05
CA GLY B 408 44.01 -16.51 16.32
C GLY B 408 43.03 -16.23 17.45
N ARG B 409 43.46 -16.44 18.69
CA ARG B 409 42.59 -16.19 19.82
C ARG B 409 42.17 -14.72 19.81
N PRO B 410 40.90 -14.47 20.13
CA PRO B 410 40.33 -13.13 20.18
C PRO B 410 40.74 -12.44 21.46
N VAL B 411 41.01 -11.14 21.38
CA VAL B 411 41.42 -10.39 22.56
C VAL B 411 40.17 -9.97 23.38
N LEU B 412 39.94 -10.69 24.48
CA LEU B 412 38.81 -10.46 25.37
C LEU B 412 38.40 -9.01 25.62
N PRO B 413 39.31 -8.19 26.17
CA PRO B 413 38.97 -6.79 26.44
C PRO B 413 38.37 -6.04 25.24
N VAL B 414 38.78 -6.41 24.03
CA VAL B 414 38.24 -5.76 22.84
C VAL B 414 36.79 -6.20 22.62
N LEU B 415 36.49 -7.47 22.91
CA LEU B 415 35.12 -7.98 22.74
C LEU B 415 34.15 -7.38 23.74
N GLU B 416 34.60 -7.20 24.98
CA GLU B 416 33.74 -6.62 26.00
C GLU B 416 33.55 -5.14 25.70
N LEU B 417 34.51 -4.55 25.02
CA LEU B 417 34.42 -3.13 24.66
C LEU B 417 33.27 -3.01 23.66
N VAL B 418 33.19 -3.99 22.76
CA VAL B 418 32.14 -4.01 21.75
C VAL B 418 30.81 -4.39 22.40
N SER B 419 30.84 -5.34 23.33
CA SER B 419 29.62 -5.76 24.02
C SER B 419 28.93 -4.63 24.80
N SER B 420 29.64 -3.52 25.01
CA SER B 420 29.07 -2.41 25.77
C SER B 420 28.53 -1.31 24.88
N ILE B 421 28.84 -1.40 23.59
CA ILE B 421 28.42 -0.42 22.59
C ILE B 421 26.91 -0.23 22.65
N VAL B 422 26.49 1.03 22.64
CA VAL B 422 25.08 1.37 22.69
C VAL B 422 24.81 2.55 21.79
N PRO B 423 23.77 2.45 20.94
CA PRO B 423 22.85 1.34 20.74
C PRO B 423 23.49 0.03 20.28
N GLU B 424 22.87 -1.08 20.69
CA GLU B 424 23.35 -2.40 20.36
C GLU B 424 23.58 -2.59 18.87
N ALA B 425 22.76 -1.96 18.04
CA ALA B 425 22.91 -2.12 16.60
C ALA B 425 24.17 -1.47 16.04
N ARG B 426 24.90 -0.75 16.89
CA ARG B 426 26.12 -0.10 16.44
C ARG B 426 27.36 -0.98 16.59
N GLN B 427 27.21 -2.10 17.28
CA GLN B 427 28.33 -2.99 17.47
C GLN B 427 28.97 -3.39 16.15
N ASP B 428 28.22 -4.09 15.31
CA ASP B 428 28.75 -4.54 14.02
C ASP B 428 28.71 -3.47 12.92
N ASP B 429 28.82 -2.20 13.33
CA ASP B 429 28.79 -1.09 12.39
C ASP B 429 30.18 -0.72 11.88
N TYR B 430 30.42 -0.97 10.59
CA TYR B 430 31.69 -0.68 9.95
C TYR B 430 32.31 0.67 10.30
N ARG B 431 31.50 1.72 10.35
CA ARG B 431 32.03 3.04 10.67
C ARG B 431 32.71 3.08 12.03
N ILE B 432 31.96 2.81 13.10
CA ILE B 432 32.56 2.87 14.42
C ILE B 432 33.79 1.96 14.48
N ALA B 433 33.78 0.88 13.71
CA ALA B 433 34.91 -0.05 13.70
C ALA B 433 36.16 0.70 13.24
N ILE B 434 36.04 1.39 12.11
CA ILE B 434 37.17 2.15 11.57
C ILE B 434 37.56 3.23 12.57
N VAL B 435 36.57 3.93 13.12
CA VAL B 435 36.88 4.97 14.09
C VAL B 435 37.61 4.35 15.27
N LEU B 436 37.01 3.34 15.90
CA LEU B 436 37.65 2.71 17.04
C LEU B 436 39.06 2.22 16.73
N TYR B 437 39.21 1.47 15.65
CA TYR B 437 40.53 0.95 15.31
C TYR B 437 41.55 2.04 15.13
N LEU B 438 41.11 3.19 14.64
CA LEU B 438 42.03 4.30 14.48
C LEU B 438 42.50 4.72 15.88
N LEU B 439 41.57 4.83 16.83
CA LEU B 439 41.93 5.19 18.19
C LEU B 439 42.69 4.10 18.93
N PHE B 440 43.05 3.06 18.20
CA PHE B 440 43.80 1.96 18.77
C PHE B 440 45.25 2.19 18.34
N GLN B 441 45.42 2.86 17.21
CA GLN B 441 46.74 3.15 16.67
C GLN B 441 47.19 4.55 17.02
N ARG B 442 46.31 5.53 16.79
CA ARG B 442 46.62 6.93 17.08
C ARG B 442 46.01 7.40 18.38
N PRO B 443 46.64 8.40 19.02
CA PRO B 443 46.15 8.97 20.28
C PRO B 443 44.96 9.90 20.05
N PHE B 444 44.91 10.49 18.85
CA PHE B 444 43.82 11.40 18.51
C PHE B 444 43.39 11.18 17.06
N ILE B 445 42.13 11.42 16.80
CA ILE B 445 41.60 11.25 15.46
C ILE B 445 40.95 12.53 14.96
N THR B 446 41.16 12.83 13.69
CA THR B 446 40.60 14.01 13.09
C THR B 446 39.83 13.61 11.86
N ILE B 447 38.88 14.46 11.48
CA ILE B 447 38.04 14.22 10.31
C ILE B 447 38.80 13.76 9.09
N ASP B 448 39.99 14.31 8.87
CA ASP B 448 40.79 13.92 7.72
C ASP B 448 41.32 12.52 7.92
N VAL B 449 41.82 12.25 9.12
CA VAL B 449 42.36 10.94 9.44
C VAL B 449 41.31 9.85 9.21
N VAL B 450 40.11 10.11 9.73
CA VAL B 450 38.98 9.19 9.58
C VAL B 450 38.76 8.93 8.09
N ALA B 451 38.70 10.01 7.32
CA ALA B 451 38.51 9.93 5.89
C ALA B 451 39.53 9.02 5.21
N ARG B 452 40.79 9.11 5.66
CA ARG B 452 41.85 8.30 5.09
C ARG B 452 41.68 6.84 5.48
N GLY B 453 41.07 6.61 6.64
CA GLY B 453 40.84 5.26 7.12
C GLY B 453 39.74 4.60 6.32
N LEU B 454 38.71 5.38 6.01
CA LEU B 454 37.56 4.92 5.23
C LEU B 454 37.92 4.98 3.76
N GLN B 455 39.01 5.67 3.48
CA GLN B 455 39.49 5.85 2.12
C GLN B 455 38.38 6.56 1.33
N SER B 456 37.49 7.23 2.04
CA SER B 456 36.41 7.95 1.39
C SER B 456 36.66 9.45 1.47
N GLY B 457 35.63 10.23 1.13
CA GLY B 457 35.75 11.68 1.15
C GLY B 457 35.53 12.27 2.52
N LYS B 458 35.47 13.59 2.57
CA LYS B 458 35.26 14.28 3.84
C LYS B 458 33.85 14.02 4.38
N GLU B 459 32.89 13.80 3.48
CA GLU B 459 31.52 13.54 3.91
C GLU B 459 31.40 12.24 4.70
N ALA B 460 31.80 11.14 4.08
CA ALA B 460 31.75 9.85 4.73
C ALA B 460 32.39 9.91 6.10
N ALA B 461 33.52 10.60 6.18
CA ALA B 461 34.26 10.74 7.44
C ALA B 461 33.42 11.43 8.50
N ARG B 462 32.93 12.62 8.15
CA ARG B 462 32.11 13.42 9.05
C ARG B 462 30.95 12.58 9.57
N ASN B 463 30.32 11.84 8.65
CA ASN B 463 29.21 10.97 8.97
C ASN B 463 29.67 9.94 10.00
N ALA B 464 30.74 9.23 9.69
CA ALA B 464 31.28 8.23 10.59
C ALA B 464 31.47 8.86 11.97
N LEU B 465 32.22 9.94 12.03
CA LEU B 465 32.47 10.64 13.30
C LEU B 465 31.19 10.95 14.08
N GLU B 466 30.19 11.48 13.38
CA GLU B 466 28.92 11.82 14.01
C GLU B 466 28.34 10.58 14.68
N ALA B 467 28.36 9.48 13.96
CA ALA B 467 27.83 8.22 14.46
C ALA B 467 28.65 7.78 15.67
N ALA B 468 29.96 7.97 15.56
CA ALA B 468 30.90 7.62 16.60
C ALA B 468 30.61 8.41 17.86
N ARG B 469 30.50 9.72 17.72
CA ARG B 469 30.22 10.56 18.88
C ARG B 469 28.91 10.15 19.55
N GLN B 470 27.97 9.72 18.73
CA GLN B 470 26.66 9.32 19.23
C GLN B 470 26.62 7.93 19.82
N THR B 471 27.68 7.16 19.63
CA THR B 471 27.74 5.81 20.19
C THR B 471 28.24 5.91 21.62
N THR B 472 27.66 5.11 22.50
CA THR B 472 28.04 5.14 23.90
C THR B 472 28.50 3.79 24.47
N VAL B 473 29.39 3.87 25.45
CA VAL B 473 29.91 2.70 26.15
C VAL B 473 30.12 3.08 27.61
N ALA B 474 29.72 2.17 28.50
CA ALA B 474 29.81 2.38 29.95
C ALA B 474 29.08 3.66 30.39
N GLY B 475 28.22 4.18 29.53
CA GLY B 475 27.47 5.36 29.89
C GLY B 475 28.07 6.66 29.39
N ALA B 476 29.11 6.54 28.56
CA ALA B 476 29.75 7.73 28.03
C ALA B 476 30.07 7.53 26.56
N PRO B 477 30.04 8.63 25.79
CA PRO B 477 30.35 8.55 24.36
C PRO B 477 31.67 7.87 24.04
N LEU B 478 31.70 7.18 22.90
CA LEU B 478 32.90 6.48 22.46
C LEU B 478 34.09 7.41 22.43
N ILE B 479 33.92 8.54 21.74
CA ILE B 479 34.99 9.50 21.63
C ILE B 479 34.60 10.80 22.32
N ILE B 480 35.60 11.55 22.79
CA ILE B 480 35.38 12.83 23.47
C ILE B 480 36.18 13.90 22.73
N ALA B 481 35.66 15.12 22.68
CA ALA B 481 36.34 16.20 22.00
C ALA B 481 37.40 16.88 22.88
N HIS B 482 38.48 17.34 22.25
CA HIS B 482 39.60 18.03 22.91
C HIS B 482 40.08 19.12 21.95
N ASP B 483 39.73 20.37 22.21
CA ASP B 483 40.11 21.48 21.33
C ASP B 483 39.49 21.22 19.97
N GLY B 484 40.29 20.88 18.97
CA GLY B 484 39.73 20.62 17.66
C GLY B 484 39.94 19.18 17.22
N VAL B 485 40.08 18.30 18.19
CA VAL B 485 40.32 16.88 17.92
C VAL B 485 39.54 15.93 18.85
N TRP B 486 39.17 14.77 18.32
CA TRP B 486 38.44 13.76 19.08
C TRP B 486 39.44 12.70 19.53
N LEU B 487 39.22 12.15 20.72
CA LEU B 487 40.09 11.10 21.21
C LEU B 487 39.29 10.11 22.04
N LEU B 488 39.79 8.88 22.13
CA LEU B 488 39.13 7.81 22.86
C LEU B 488 38.77 8.21 24.28
N GLY B 489 37.51 7.99 24.68
CA GLY B 489 37.07 8.34 26.02
C GLY B 489 37.61 7.41 27.11
N ASN B 490 37.78 7.94 28.31
CA ASN B 490 38.31 7.15 29.43
C ASN B 490 37.61 5.81 29.57
N ALA B 491 36.31 5.82 29.31
CA ALA B 491 35.51 4.61 29.40
C ALA B 491 36.20 3.43 28.70
N CYS B 492 36.52 3.62 27.43
CA CYS B 492 37.16 2.59 26.63
C CYS B 492 38.62 2.40 26.99
N ARG B 493 39.30 3.48 27.31
CA ARG B 493 40.69 3.41 27.69
C ARG B 493 40.86 2.39 28.83
N GLU B 494 40.09 2.57 29.89
CA GLU B 494 40.17 1.65 31.02
C GLU B 494 39.99 0.20 30.61
N ILE B 495 39.14 -0.02 29.61
CA ILE B 495 38.85 -1.37 29.11
C ILE B 495 40.04 -1.93 28.33
N LEU B 496 40.58 -1.11 27.44
CA LEU B 496 41.73 -1.48 26.61
C LEU B 496 43.01 -1.66 27.41
N ARG B 497 43.17 -0.89 28.48
CA ARG B 497 44.37 -1.01 29.31
C ARG B 497 44.58 -2.43 29.84
N LYS B 498 43.52 -3.24 29.84
CA LYS B 498 43.60 -4.61 30.34
C LYS B 498 44.24 -5.59 29.36
N VAL B 499 44.50 -5.11 28.14
CA VAL B 499 45.12 -5.93 27.12
C VAL B 499 46.58 -6.11 27.50
N GLU B 500 47.03 -7.36 27.53
CA GLU B 500 48.42 -7.64 27.88
C GLU B 500 49.32 -6.98 26.85
N PRO B 501 50.08 -5.96 27.27
CA PRO B 501 50.99 -5.23 26.37
C PRO B 501 51.92 -6.12 25.53
N SER B 502 51.83 -5.96 24.22
CA SER B 502 52.64 -6.70 23.26
C SER B 502 52.50 -6.06 21.90
N PRO B 503 53.31 -6.46 20.90
CA PRO B 503 53.18 -5.83 19.59
C PRO B 503 51.78 -6.02 19.02
N PHE B 504 51.32 -5.04 18.25
CA PHE B 504 49.99 -5.05 17.64
C PHE B 504 48.88 -4.68 18.61
N SER B 505 49.13 -4.86 19.91
CA SER B 505 48.16 -4.54 20.95
C SER B 505 47.71 -3.09 20.79
N PRO B 506 46.42 -2.82 21.06
CA PRO B 506 45.83 -1.48 20.95
C PRO B 506 46.25 -0.53 22.05
N VAL B 507 45.89 0.74 21.86
CA VAL B 507 46.17 1.84 22.77
C VAL B 507 47.55 1.78 23.45
N ARG B 508 48.60 1.66 22.63
CA ARG B 508 49.94 1.60 23.20
C ARG B 508 50.42 3.00 23.56
N TYR B 509 49.80 4.01 22.96
CA TYR B 509 50.19 5.39 23.24
C TYR B 509 49.79 5.83 24.66
N LEU B 510 49.06 4.98 25.37
CA LEU B 510 48.64 5.31 26.75
C LEU B 510 49.74 4.83 27.69
N SER B 511 50.97 5.22 27.38
CA SER B 511 52.13 4.82 28.16
C SER B 511 52.95 6.02 28.64
N THR B 512 53.97 5.73 29.44
CA THR B 512 54.84 6.75 29.98
C THR B 512 56.15 6.72 29.18
N ASP B 513 56.23 5.79 28.22
CA ASP B 513 57.38 5.59 27.34
C ASP B 513 57.72 6.86 26.55
N GLN B 514 59.02 7.17 26.42
CA GLN B 514 59.45 8.37 25.70
C GLN B 514 59.10 8.34 24.22
N ALA B 515 59.21 7.16 23.63
CA ALA B 515 58.92 6.95 22.21
C ALA B 515 57.46 7.22 21.94
N GLU B 516 56.61 6.63 22.77
CA GLU B 516 55.17 6.79 22.63
C GLU B 516 54.77 8.25 22.81
N LEU B 517 55.20 8.84 23.92
CA LEU B 517 54.89 10.23 24.20
C LEU B 517 55.31 11.13 23.03
N THR B 518 56.51 10.88 22.50
CA THR B 518 57.03 11.67 21.38
C THR B 518 56.12 11.54 20.16
N ASN B 519 55.84 10.29 19.75
CA ASN B 519 54.98 10.04 18.60
C ASN B 519 53.67 10.79 18.74
N ALA B 520 53.10 10.77 19.94
CA ALA B 520 51.84 11.46 20.18
C ALA B 520 52.02 12.95 19.96
N ALA B 521 52.97 13.54 20.69
CA ALA B 521 53.24 14.97 20.57
C ALA B 521 53.57 15.36 19.13
N MSE B 522 54.35 14.52 18.45
CA MSE B 522 54.74 14.79 17.07
C MSE B 522 53.53 14.78 16.15
O MSE B 522 53.39 15.64 15.29
CB MSE B 522 55.77 13.76 16.62
CG MSE B 522 56.83 14.30 15.65
SE MSE B 522 57.77 15.88 16.32
CE MSE B 522 58.27 16.70 14.61
N LEU B 523 52.64 13.81 16.35
CA LEU B 523 51.44 13.71 15.53
C LEU B 523 50.64 15.01 15.60
N TRP B 524 50.49 15.53 16.82
CA TRP B 524 49.74 16.77 17.05
C TRP B 524 50.35 17.98 16.34
N LEU B 525 51.64 18.21 16.56
CA LEU B 525 52.36 19.34 15.97
C LEU B 525 52.36 19.33 14.45
N SER B 526 52.43 18.13 13.87
CA SER B 526 52.44 17.99 12.43
C SER B 526 51.06 17.95 11.81
N GLU B 527 50.02 17.79 12.63
CA GLU B 527 48.66 17.73 12.10
C GLU B 527 47.72 18.79 12.68
N VAL B 528 47.70 18.91 13.99
CA VAL B 528 46.84 19.88 14.66
C VAL B 528 47.42 21.28 14.61
N GLY B 529 48.40 21.54 15.48
CA GLY B 529 49.03 22.85 15.53
C GLY B 529 50.03 22.98 16.66
N ASP B 530 50.09 24.15 17.27
CA ASP B 530 51.00 24.41 18.37
C ASP B 530 50.65 23.54 19.57
N LEU B 531 51.41 22.46 19.73
CA LEU B 531 51.21 21.53 20.83
C LEU B 531 51.34 22.15 22.20
N ALA B 532 50.28 22.12 23.01
CA ALA B 532 50.39 22.66 24.35
C ALA B 532 50.69 21.50 25.28
N THR B 533 51.43 21.77 26.34
CA THR B 533 51.80 20.73 27.28
C THR B 533 50.57 19.98 27.78
N SER B 534 49.50 20.74 28.00
CA SER B 534 48.22 20.21 28.47
C SER B 534 47.68 19.12 27.54
N ASP B 535 47.65 19.41 26.24
CA ASP B 535 47.16 18.48 25.24
C ASP B 535 47.89 17.14 25.29
N LEU B 536 49.21 17.17 25.49
CA LEU B 536 49.99 15.93 25.54
C LEU B 536 49.57 15.06 26.70
N MSE B 537 49.12 15.67 27.79
CA MSE B 537 48.67 14.91 28.94
C MSE B 537 47.41 14.13 28.62
O MSE B 537 47.29 12.96 28.97
CB MSE B 537 48.35 15.82 30.11
CG MSE B 537 49.46 16.77 30.49
SE MSE B 537 48.96 17.60 32.14
CE MSE B 537 47.71 18.89 31.44
N ALA B 538 46.46 14.80 27.97
CA ALA B 538 45.20 14.18 27.61
C ALA B 538 45.39 13.08 26.55
N MSE B 539 46.36 13.26 25.68
CA MSE B 539 46.63 12.28 24.64
C MSE B 539 47.09 10.93 25.17
O MSE B 539 46.54 9.89 24.81
CB MSE B 539 47.66 12.79 23.64
CG MSE B 539 47.18 13.88 22.68
SE MSE B 539 48.34 14.03 21.10
CE MSE B 539 49.68 15.25 21.82
N CYS B 540 48.10 10.93 26.04
CA CYS B 540 48.64 9.69 26.58
C CYS B 540 48.18 9.40 28.01
N GLY B 541 47.43 10.35 28.58
CA GLY B 541 46.94 10.19 29.94
C GLY B 541 48.09 10.03 30.89
N VAL B 542 49.01 11.00 30.88
CA VAL B 542 50.19 10.97 31.72
C VAL B 542 50.31 12.21 32.61
N SER B 543 51.21 12.14 33.58
CA SER B 543 51.46 13.23 34.55
C SER B 543 52.00 14.48 33.84
N ARG B 544 51.71 15.65 34.40
CA ARG B 544 52.20 16.88 33.79
C ARG B 544 53.72 16.79 33.72
N GLY B 545 54.31 16.19 34.76
CA GLY B 545 55.74 16.03 34.82
C GLY B 545 56.24 15.10 33.73
N THR B 546 55.45 14.08 33.43
CA THR B 546 55.79 13.11 32.39
C THR B 546 55.67 13.74 31.02
N ALA B 547 54.74 14.68 30.88
CA ALA B 547 54.53 15.37 29.61
C ALA B 547 55.61 16.41 29.38
N LYS B 548 55.86 17.25 30.39
CA LYS B 548 56.88 18.29 30.32
C LYS B 548 58.20 17.69 29.84
N ALA B 549 58.55 16.54 30.42
CA ALA B 549 59.76 15.83 30.07
C ALA B 549 59.90 15.67 28.56
N CYS B 550 58.90 15.07 27.93
CA CYS B 550 58.93 14.86 26.49
C CYS B 550 59.06 16.19 25.74
N VAL B 551 58.25 17.15 26.14
CA VAL B 551 58.26 18.48 25.51
C VAL B 551 59.66 19.04 25.53
N ASP B 552 60.22 19.16 26.73
CA ASP B 552 61.56 19.67 26.96
C ASP B 552 62.55 19.02 26.01
N GLY B 553 62.57 17.69 26.00
CA GLY B 553 63.47 16.95 25.14
C GLY B 553 63.34 17.36 23.68
N LEU B 554 62.12 17.68 23.28
CA LEU B 554 61.86 18.12 21.91
C LEU B 554 62.43 19.52 21.72
N VAL B 555 62.64 20.23 22.83
CA VAL B 555 63.20 21.58 22.76
C VAL B 555 64.72 21.45 22.68
N ASP B 556 65.29 20.56 23.49
CA ASP B 556 66.73 20.30 23.53
C ASP B 556 67.28 19.79 22.19
N GLU B 557 66.44 19.12 21.40
CA GLU B 557 66.86 18.59 20.10
C GLU B 557 66.51 19.61 19.02
N GLU B 558 66.00 20.76 19.46
CA GLU B 558 65.61 21.84 18.54
C GLU B 558 64.64 21.41 17.48
N ARG B 559 63.65 20.62 17.89
CA ARG B 559 62.60 20.13 17.01
C ARG B 559 61.48 21.17 17.01
N VAL B 560 61.20 21.69 18.22
CA VAL B 560 60.19 22.70 18.45
C VAL B 560 60.76 23.85 19.28
N VAL B 561 60.03 24.95 19.35
CA VAL B 561 60.47 26.12 20.10
C VAL B 561 59.29 26.74 20.87
N ALA B 562 59.54 27.12 22.12
CA ALA B 562 58.53 27.73 22.98
C ALA B 562 57.93 28.99 22.34
N VAL B 563 56.70 29.34 22.73
CA VAL B 563 56.00 30.53 22.22
C VAL B 563 54.87 30.96 23.17
N GLY B 564 54.88 32.22 23.60
CA GLY B 564 53.86 32.71 24.52
C GLY B 564 54.26 32.39 25.95
N GLY B 565 53.49 32.86 26.92
CA GLY B 565 53.80 32.59 28.32
C GLY B 565 52.57 32.40 29.19
N GLY B 566 52.73 31.72 30.31
CA GLY B 566 51.60 31.48 31.20
C GLY B 566 50.75 30.28 30.77
N ARG B 567 49.44 30.37 30.96
CA ARG B 567 48.52 29.31 30.56
C ARG B 567 48.33 29.31 29.04
N SER B 568 49.06 30.19 28.37
CA SER B 568 48.99 30.31 26.91
C SER B 568 50.34 30.01 26.26
N ARG B 569 51.08 29.08 26.85
CA ARG B 569 52.39 28.68 26.33
C ARG B 569 52.36 27.28 25.69
N ARG B 570 52.52 27.25 24.38
CA ARG B 570 52.51 26.00 23.63
C ARG B 570 53.87 25.83 22.95
N TYR B 571 53.94 24.97 21.94
CA TYR B 571 55.20 24.73 21.24
C TYR B 571 54.93 24.48 19.76
N ARG B 572 55.80 24.98 18.90
CA ARG B 572 55.62 24.81 17.47
C ARG B 572 56.89 24.34 16.82
N LEU B 573 56.83 23.17 16.16
CA LEU B 573 58.01 22.64 15.53
C LEU B 573 58.59 23.54 14.45
N VAL B 574 59.79 23.17 14.00
CA VAL B 574 60.51 23.92 12.99
C VAL B 574 60.71 23.09 11.71
N GLU C 9 -42.13 -8.97 14.74
CA GLU C 9 -42.14 -7.55 15.20
C GLU C 9 -42.86 -6.62 14.21
N GLY C 10 -43.21 -5.42 14.69
CA GLY C 10 -43.90 -4.43 13.86
C GLY C 10 -42.98 -3.80 12.83
N ARG C 11 -41.71 -4.16 12.89
CA ARG C 11 -40.71 -3.65 11.97
C ARG C 11 -40.70 -4.42 10.67
N ARG C 12 -40.72 -5.74 10.77
CA ARG C 12 -40.73 -6.54 9.57
C ARG C 12 -41.82 -6.03 8.63
N GLU C 13 -42.94 -5.59 9.20
CA GLU C 13 -44.03 -5.08 8.38
C GLU C 13 -43.60 -3.79 7.71
N GLN C 14 -42.95 -2.93 8.49
CA GLN C 14 -42.45 -1.64 7.99
C GLN C 14 -41.39 -1.85 6.90
N LEU C 15 -40.53 -2.84 7.12
CA LEU C 15 -39.47 -3.18 6.18
C LEU C 15 -40.07 -3.62 4.86
N ILE C 16 -40.94 -4.62 4.91
CA ILE C 16 -41.62 -5.11 3.72
C ILE C 16 -42.24 -3.96 2.93
N ALA C 17 -42.85 -3.03 3.65
CA ALA C 17 -43.49 -1.89 3.00
C ALA C 17 -42.45 -1.13 2.19
N GLN C 18 -41.33 -0.81 2.85
CA GLN C 18 -40.25 -0.10 2.19
C GLN C 18 -39.82 -0.78 0.89
N VAL C 19 -39.64 -2.08 0.96
CA VAL C 19 -39.25 -2.84 -0.22
C VAL C 19 -40.35 -2.75 -1.26
N GLU C 20 -41.60 -2.83 -0.83
CA GLU C 20 -42.71 -2.71 -1.78
C GLU C 20 -42.65 -1.36 -2.46
N SER C 21 -42.47 -0.30 -1.69
CA SER C 21 -42.39 1.05 -2.23
C SER C 21 -41.36 1.17 -3.32
N ILE C 22 -40.15 0.69 -3.03
CA ILE C 22 -39.04 0.76 -3.98
C ILE C 22 -39.35 0.00 -5.25
N LEU C 23 -39.86 -1.22 -5.10
CA LEU C 23 -40.20 -2.00 -6.28
C LEU C 23 -41.30 -1.29 -7.06
N ALA C 24 -42.23 -0.66 -6.35
CA ALA C 24 -43.32 0.04 -7.00
C ALA C 24 -42.86 1.13 -7.97
N SER C 25 -41.66 1.68 -7.76
CA SER C 25 -41.15 2.75 -8.60
C SER C 25 -40.44 2.25 -9.85
N ALA C 26 -40.42 0.93 -10.01
CA ALA C 26 -39.77 0.32 -11.16
C ALA C 26 -40.18 0.98 -12.47
N ALA C 27 -39.19 1.45 -13.22
CA ALA C 27 -39.43 2.09 -14.51
C ALA C 27 -38.10 2.44 -15.18
N ASP C 28 -38.01 2.08 -16.46
CA ASP C 28 -36.82 2.35 -17.25
C ASP C 28 -35.68 1.42 -16.86
N GLY C 29 -36.02 0.16 -16.60
CA GLY C 29 -35.01 -0.82 -16.24
C GLY C 29 -34.33 -0.57 -14.91
N ARG C 30 -34.96 0.19 -14.04
CA ARG C 30 -34.36 0.47 -12.74
C ARG C 30 -35.33 1.02 -11.73
N VAL C 31 -35.00 0.83 -10.46
CA VAL C 31 -35.82 1.32 -9.37
C VAL C 31 -35.10 2.47 -8.67
N GLN C 32 -35.89 3.30 -8.00
CA GLN C 32 -35.34 4.43 -7.28
C GLN C 32 -35.73 4.40 -5.80
N LYS C 33 -34.86 4.97 -4.98
CA LYS C 33 -35.09 5.03 -3.54
C LYS C 33 -35.72 6.36 -3.15
N THR C 34 -36.36 6.39 -2.00
CA THR C 34 -37.01 7.59 -1.52
C THR C 34 -36.59 7.80 -0.07
N LYS C 35 -36.78 9.01 0.46
CA LYS C 35 -36.36 9.29 1.85
C LYS C 35 -36.71 8.21 2.87
N GLU C 36 -37.89 7.61 2.68
CA GLU C 36 -38.40 6.58 3.57
C GLU C 36 -37.85 5.18 3.34
N THR C 37 -37.16 4.99 2.23
CA THR C 37 -36.61 3.68 1.92
C THR C 37 -35.12 3.74 1.66
N GLN C 38 -34.53 4.90 1.96
CA GLN C 38 -33.11 5.14 1.77
C GLN C 38 -32.16 4.05 2.29
N SER C 39 -32.52 3.44 3.41
CA SER C 39 -31.69 2.41 4.03
C SER C 39 -31.80 1.02 3.45
N VAL C 40 -32.84 0.74 2.66
CA VAL C 40 -32.98 -0.57 2.04
C VAL C 40 -31.70 -0.82 1.25
N ASP C 41 -31.12 -1.99 1.44
CA ASP C 41 -29.86 -2.41 0.82
C ASP C 41 -29.99 -3.05 -0.59
N PHE C 42 -29.45 -2.42 -1.62
CA PHE C 42 -29.51 -3.04 -2.95
C PHE C 42 -28.29 -3.95 -3.17
N LYS C 43 -28.49 -5.16 -3.68
CA LYS C 43 -27.35 -6.04 -3.93
C LYS C 43 -27.48 -6.82 -5.21
N GLU C 44 -26.36 -6.92 -5.91
CA GLU C 44 -26.31 -7.62 -7.18
C GLU C 44 -25.64 -8.97 -7.04
N GLU C 45 -26.32 -10.04 -7.48
CA GLU C 45 -25.72 -11.35 -7.37
C GLU C 45 -24.30 -11.22 -7.93
N ALA C 46 -23.31 -11.72 -7.21
CA ALA C 46 -21.94 -11.62 -7.67
C ALA C 46 -21.59 -12.82 -8.54
N GLY C 47 -20.61 -12.64 -9.43
CA GLY C 47 -20.17 -13.73 -10.29
C GLY C 47 -20.77 -13.77 -11.69
N ARG C 48 -21.57 -12.76 -12.02
CA ARG C 48 -22.22 -12.68 -13.31
C ARG C 48 -21.76 -11.52 -14.19
N ARG C 49 -20.73 -10.82 -13.74
CA ARG C 49 -20.19 -9.70 -14.51
C ARG C 49 -19.11 -10.13 -15.49
N ASN C 50 -19.48 -10.19 -16.76
CA ASN C 50 -18.59 -10.60 -17.86
C ASN C 50 -18.23 -9.33 -18.64
N GLY C 51 -17.89 -8.28 -17.92
CA GLY C 51 -17.52 -7.02 -18.53
C GLY C 51 -18.75 -6.21 -18.93
N PRO C 52 -19.04 -6.16 -20.25
CA PRO C 52 -20.19 -5.42 -20.78
C PRO C 52 -21.54 -6.13 -20.58
N GLN C 53 -21.56 -7.43 -20.85
CA GLN C 53 -22.75 -8.27 -20.72
C GLN C 53 -22.80 -8.99 -19.38
N ILE C 54 -24.00 -9.35 -18.93
CA ILE C 54 -24.10 -10.05 -17.66
C ILE C 54 -24.58 -11.48 -17.85
N GLU C 55 -23.80 -12.45 -17.37
CA GLU C 55 -24.17 -13.85 -17.54
C GLU C 55 -25.49 -14.21 -16.89
N PRO C 56 -26.23 -15.14 -17.50
CA PRO C 56 -27.52 -15.57 -16.97
C PRO C 56 -27.34 -16.12 -15.56
N GLY C 57 -28.38 -16.00 -14.76
CA GLY C 57 -28.31 -16.47 -13.39
C GLY C 57 -28.57 -17.94 -13.29
N LYS C 58 -28.03 -18.55 -12.24
CA LYS C 58 -28.18 -19.97 -11.97
C LYS C 58 -28.87 -20.10 -10.62
N PRO C 59 -29.44 -21.28 -10.33
CA PRO C 59 -30.12 -21.48 -9.04
C PRO C 59 -29.14 -21.51 -7.87
N GLU C 60 -27.99 -22.13 -8.08
CA GLU C 60 -26.97 -22.22 -7.05
C GLU C 60 -25.73 -21.44 -7.44
N ASN C 61 -25.09 -20.82 -6.46
CA ASN C 61 -23.90 -20.02 -6.73
C ASN C 61 -23.19 -19.65 -5.45
N PRO C 62 -22.36 -20.58 -4.92
CA PRO C 62 -21.60 -20.37 -3.69
C PRO C 62 -20.87 -19.03 -3.59
N GLU C 63 -20.21 -18.60 -4.67
CA GLU C 63 -19.51 -17.31 -4.62
C GLU C 63 -20.50 -16.21 -4.20
N ALA C 64 -21.65 -16.16 -4.85
CA ALA C 64 -22.65 -15.15 -4.53
C ALA C 64 -23.22 -15.34 -3.12
N ALA C 65 -23.29 -16.59 -2.67
CA ALA C 65 -23.81 -16.89 -1.34
C ALA C 65 -22.84 -16.32 -0.31
N ASP C 66 -21.55 -16.36 -0.61
CA ASP C 66 -20.57 -15.83 0.32
C ASP C 66 -20.80 -14.33 0.51
N LYS C 67 -20.73 -13.59 -0.60
CA LYS C 67 -20.90 -12.14 -0.54
C LYS C 67 -22.20 -11.78 0.19
N LEU C 68 -23.27 -12.49 -0.17
CA LEU C 68 -24.58 -12.27 0.43
C LEU C 68 -24.58 -12.52 1.93
N ALA C 69 -23.84 -13.54 2.35
CA ALA C 69 -23.73 -13.87 3.76
C ALA C 69 -23.03 -12.73 4.49
N ASP C 70 -21.86 -12.35 3.98
CA ASP C 70 -21.12 -11.27 4.59
C ASP C 70 -21.99 -10.04 4.75
N GLU C 71 -22.84 -9.80 3.75
CA GLU C 71 -23.72 -8.64 3.80
C GLU C 71 -24.79 -8.85 4.86
N VAL C 72 -25.38 -10.04 4.88
CA VAL C 72 -26.40 -10.31 5.87
C VAL C 72 -25.82 -10.10 7.27
N ALA C 73 -24.52 -10.25 7.42
CA ALA C 73 -23.95 -10.01 8.72
C ALA C 73 -24.00 -8.50 9.02
N CYS C 74 -23.52 -7.63 8.12
CA CYS C 74 -23.58 -6.17 8.37
C CYS C 74 -24.92 -5.75 8.87
N MSE C 75 -25.92 -6.23 8.14
CA MSE C 75 -27.28 -5.92 8.44
C MSE C 75 -27.61 -6.41 9.83
O MSE C 75 -27.82 -5.59 10.74
CB MSE C 75 -28.19 -6.53 7.39
CG MSE C 75 -29.46 -5.74 7.22
SE MSE C 75 -29.15 -3.90 6.74
CE MSE C 75 -29.29 -3.05 8.45
N ALA C 76 -27.61 -7.72 10.06
CA ALA C 76 -27.92 -8.23 11.39
C ALA C 76 -27.15 -7.53 12.51
N ASN C 77 -25.91 -7.13 12.23
CA ASN C 77 -25.10 -6.48 13.25
C ASN C 77 -25.52 -5.04 13.51
N THR C 78 -26.24 -4.43 12.58
CA THR C 78 -26.69 -3.05 12.80
C THR C 78 -28.00 -3.07 13.56
N PRO C 79 -28.09 -2.32 14.69
CA PRO C 79 -29.35 -2.35 15.43
C PRO C 79 -30.53 -2.09 14.49
N GLY C 80 -31.68 -2.70 14.79
CA GLY C 80 -32.82 -2.53 13.93
C GLY C 80 -32.79 -3.48 12.73
N GLY C 81 -31.60 -3.87 12.32
CA GLY C 81 -31.49 -4.76 11.18
C GLY C 81 -31.97 -4.02 9.95
N GLY C 82 -32.20 -4.74 8.85
CA GLY C 82 -32.66 -4.09 7.65
C GLY C 82 -33.14 -5.07 6.60
N ALA C 83 -33.38 -4.57 5.40
CA ALA C 83 -33.86 -5.37 4.28
C ALA C 83 -32.96 -5.20 3.06
N LEU C 84 -32.62 -6.32 2.41
CA LEU C 84 -31.80 -6.28 1.20
C LEU C 84 -32.59 -6.76 0.02
N ILE C 85 -32.30 -6.20 -1.15
CA ILE C 85 -32.96 -6.61 -2.37
C ILE C 85 -31.89 -7.09 -3.31
N VAL C 86 -31.80 -8.41 -3.46
CA VAL C 86 -30.82 -9.01 -4.34
C VAL C 86 -31.36 -8.97 -5.77
N GLY C 87 -30.54 -8.45 -6.68
CA GLY C 87 -30.94 -8.38 -8.07
C GLY C 87 -31.01 -6.95 -8.57
N ILE C 88 -30.66 -5.99 -7.70
CA ILE C 88 -30.68 -4.56 -8.03
C ILE C 88 -29.25 -3.99 -7.95
N GLU C 89 -28.77 -3.41 -9.06
CA GLU C 89 -27.44 -2.83 -9.09
C GLU C 89 -27.28 -1.71 -8.06
N ASP C 90 -26.24 -1.82 -7.24
CA ASP C 90 -25.96 -0.81 -6.21
C ASP C 90 -25.74 0.55 -6.79
N LYS C 91 -26.27 1.56 -6.09
CA LYS C 91 -26.16 2.98 -6.46
C LYS C 91 -26.97 3.42 -7.67
N THR C 92 -26.97 2.62 -8.73
CA THR C 92 -27.71 2.96 -9.93
C THR C 92 -29.16 2.58 -9.75
N GLY C 93 -29.40 1.43 -9.12
CA GLY C 93 -30.77 0.99 -8.92
C GLY C 93 -31.28 0.23 -10.14
N ARG C 94 -30.39 -0.14 -11.04
CA ARG C 94 -30.76 -0.87 -12.24
C ARG C 94 -31.13 -2.31 -11.92
N ILE C 95 -32.19 -2.81 -12.56
CA ILE C 95 -32.63 -4.17 -12.33
C ILE C 95 -31.76 -5.19 -13.09
N ILE C 96 -31.22 -6.17 -12.37
CA ILE C 96 -30.39 -7.20 -12.99
C ILE C 96 -31.09 -8.55 -12.93
N GLY C 97 -31.49 -8.93 -11.73
CA GLY C 97 -32.17 -10.20 -11.53
C GLY C 97 -31.35 -11.25 -10.81
N THR C 98 -31.98 -12.39 -10.49
CA THR C 98 -31.34 -13.50 -9.79
C THR C 98 -32.17 -14.77 -9.91
N GLU C 99 -31.51 -15.91 -10.04
CA GLU C 99 -32.24 -17.16 -10.15
C GLU C 99 -31.95 -18.08 -8.97
N LEU C 100 -31.18 -17.56 -8.02
CA LEU C 100 -30.81 -18.27 -6.81
C LEU C 100 -32.02 -18.90 -6.17
N ASP C 101 -31.85 -20.13 -5.69
CA ASP C 101 -32.92 -20.87 -5.05
C ASP C 101 -33.08 -20.38 -3.61
N ILE C 102 -34.30 -20.01 -3.23
CA ILE C 102 -34.54 -19.53 -1.88
C ILE C 102 -34.11 -20.53 -0.80
N ASP C 103 -34.51 -21.79 -0.95
CA ASP C 103 -34.13 -22.81 0.02
C ASP C 103 -32.64 -23.01 0.06
N TRP C 104 -32.03 -23.02 -1.12
CA TRP C 104 -30.59 -23.20 -1.20
C TRP C 104 -29.84 -22.04 -0.55
N LEU C 105 -30.18 -20.82 -0.95
CA LEU C 105 -29.53 -19.65 -0.42
C LEU C 105 -29.71 -19.52 1.08
N ARG C 106 -30.92 -19.79 1.57
CA ARG C 106 -31.18 -19.69 3.01
C ARG C 106 -30.28 -20.68 3.73
N GLN C 107 -30.41 -21.96 3.37
CA GLN C 107 -29.59 -22.98 3.99
C GLN C 107 -28.12 -22.66 3.78
N GLY C 108 -27.81 -22.00 2.66
CA GLY C 108 -26.44 -21.63 2.37
C GLY C 108 -25.94 -20.58 3.35
N ILE C 109 -26.68 -19.49 3.46
CA ILE C 109 -26.29 -18.41 4.36
C ILE C 109 -26.22 -18.87 5.79
N PHE C 110 -27.22 -19.64 6.20
CA PHE C 110 -27.28 -20.14 7.56
C PHE C 110 -26.03 -20.94 7.95
N THR C 111 -25.42 -21.57 6.96
CA THR C 111 -24.25 -22.36 7.23
C THR C 111 -23.00 -21.54 7.48
N ARG C 112 -22.85 -20.42 6.79
CA ARG C 112 -21.64 -19.65 7.01
C ARG C 112 -21.76 -18.50 7.99
N ILE C 113 -22.88 -17.81 7.97
CA ILE C 113 -23.09 -16.67 8.85
C ILE C 113 -23.80 -17.09 10.16
N ASP C 114 -24.38 -18.29 10.18
CA ASP C 114 -25.07 -18.82 11.35
C ASP C 114 -26.47 -18.24 11.59
N VAL C 115 -27.01 -17.55 10.59
CA VAL C 115 -28.34 -16.98 10.67
C VAL C 115 -29.12 -17.30 9.40
N ALA C 116 -30.43 -17.47 9.53
CA ALA C 116 -31.26 -17.80 8.38
C ALA C 116 -32.34 -16.73 8.18
N PRO C 117 -31.99 -15.64 7.47
CA PRO C 117 -32.90 -14.53 7.19
C PRO C 117 -34.07 -14.93 6.31
N ASP C 118 -35.17 -14.20 6.48
CA ASP C 118 -36.36 -14.45 5.68
C ASP C 118 -36.04 -13.93 4.29
N VAL C 119 -36.46 -14.66 3.27
CA VAL C 119 -36.21 -14.21 1.93
C VAL C 119 -37.39 -14.62 1.03
N VAL C 120 -38.00 -13.64 0.38
CA VAL C 120 -39.12 -13.89 -0.50
C VAL C 120 -38.82 -13.36 -1.87
N ALA C 121 -39.25 -14.09 -2.89
CA ALA C 121 -38.98 -13.66 -4.25
C ALA C 121 -40.04 -12.70 -4.75
N LYS C 122 -39.61 -11.76 -5.58
CA LYS C 122 -40.53 -10.80 -6.13
C LYS C 122 -40.20 -10.53 -7.60
N ARG C 123 -41.06 -9.80 -8.29
CA ARG C 123 -40.81 -9.49 -9.70
C ARG C 123 -41.03 -8.03 -10.04
N VAL C 124 -40.00 -7.35 -10.52
CA VAL C 124 -40.13 -5.94 -10.89
C VAL C 124 -40.64 -5.82 -12.31
N LEU C 125 -39.75 -5.46 -13.23
CA LEU C 125 -40.18 -5.34 -14.62
C LEU C 125 -40.13 -6.70 -15.30
N GLY C 126 -40.63 -7.73 -14.60
CA GLY C 126 -40.64 -9.07 -15.16
C GLY C 126 -39.45 -9.85 -14.63
N GLN C 127 -38.47 -9.12 -14.11
CA GLN C 127 -37.27 -9.72 -13.56
C GLN C 127 -37.51 -10.23 -12.14
N ARG C 128 -36.83 -11.31 -11.75
CA ARG C 128 -37.00 -11.86 -10.41
C ARG C 128 -35.96 -11.30 -9.46
N VAL C 129 -36.38 -10.86 -8.28
CA VAL C 129 -35.41 -10.35 -7.31
C VAL C 129 -35.70 -10.96 -5.95
N LEU C 130 -34.66 -11.11 -5.14
CA LEU C 130 -34.85 -11.69 -3.82
C LEU C 130 -34.86 -10.63 -2.72
N ALA C 131 -35.93 -10.58 -1.95
CA ALA C 131 -35.96 -9.62 -0.88
C ALA C 131 -35.52 -10.38 0.36
N ILE C 132 -34.44 -9.94 0.97
CA ILE C 132 -34.00 -10.62 2.17
C ILE C 132 -34.23 -9.75 3.36
N TYR C 133 -34.97 -10.26 4.33
CA TYR C 133 -35.26 -9.51 5.54
C TYR C 133 -34.49 -10.09 6.72
N VAL C 134 -33.54 -9.30 7.21
CA VAL C 134 -32.71 -9.70 8.34
C VAL C 134 -33.00 -8.86 9.59
N ALA C 135 -33.25 -9.56 10.70
CA ALA C 135 -33.54 -8.97 11.99
C ALA C 135 -32.25 -8.69 12.74
N ALA C 136 -32.30 -7.74 13.67
CA ALA C 136 -31.13 -7.37 14.46
C ALA C 136 -30.73 -8.54 15.34
N ALA C 137 -29.46 -8.95 15.27
CA ALA C 137 -28.99 -10.08 16.07
C ALA C 137 -28.85 -9.78 17.56
N ALA C 138 -28.99 -10.80 18.39
CA ALA C 138 -28.87 -10.64 19.83
C ALA C 138 -27.40 -10.63 20.26
N GLU C 139 -26.52 -10.95 19.31
CA GLU C 139 -25.09 -10.94 19.57
C GLU C 139 -24.33 -10.75 18.27
N PRO C 140 -23.14 -10.10 18.32
CA PRO C 140 -22.38 -9.88 17.08
C PRO C 140 -22.30 -11.11 16.21
N ILE C 141 -22.54 -10.92 14.92
CA ILE C 141 -22.50 -11.99 13.93
C ILE C 141 -21.21 -11.80 13.14
N GLU C 142 -20.27 -12.73 13.23
CA GLU C 142 -19.02 -12.59 12.47
C GLU C 142 -19.19 -13.20 11.09
N ASP C 143 -18.84 -12.47 10.04
CA ASP C 143 -19.00 -13.03 8.70
C ASP C 143 -17.99 -14.10 8.33
N THR C 144 -17.99 -14.49 7.05
CA THR C 144 -17.10 -15.51 6.55
C THR C 144 -15.65 -15.24 6.89
N SER C 145 -15.26 -13.97 6.88
CA SER C 145 -13.87 -13.63 7.19
C SER C 145 -13.67 -13.37 8.68
N ASP C 146 -14.64 -13.79 9.49
CA ASP C 146 -14.60 -13.60 10.95
C ASP C 146 -14.44 -12.13 11.29
N ARG C 147 -15.12 -11.29 10.53
CA ARG C 147 -15.06 -9.86 10.75
C ARG C 147 -16.36 -9.42 11.35
N LEU C 148 -16.28 -8.39 12.18
CA LEU C 148 -17.46 -7.85 12.83
C LEU C 148 -17.70 -6.43 12.32
N ARG C 149 -18.72 -6.26 11.49
CA ARG C 149 -19.02 -4.94 10.94
C ARG C 149 -20.52 -4.70 10.74
N TRP C 150 -20.93 -3.42 10.72
CA TRP C 150 -22.34 -3.05 10.55
C TRP C 150 -22.55 -1.95 9.51
N ARG C 151 -23.79 -1.82 9.03
CA ARG C 151 -24.14 -0.81 8.01
C ARG C 151 -24.01 0.64 8.49
N VAL C 152 -23.53 1.51 7.61
CA VAL C 152 -23.42 2.91 8.00
C VAL C 152 -24.09 3.71 6.88
N GLY C 153 -23.47 3.82 5.73
CA GLY C 153 -24.12 4.55 4.67
C GLY C 153 -24.76 3.50 3.78
N ASP C 154 -24.21 3.38 2.58
CA ASP C 154 -24.67 2.37 1.65
C ASP C 154 -23.71 1.22 1.88
N SER C 155 -22.53 1.57 2.35
CA SER C 155 -21.52 0.57 2.62
C SER C 155 -21.44 0.32 4.11
N CYS C 156 -20.77 -0.75 4.50
CA CYS C 156 -20.66 -1.01 5.90
C CYS C 156 -19.23 -1.20 6.42
N ARG C 157 -18.94 -0.43 7.46
CA ARG C 157 -17.65 -0.36 8.12
C ARG C 157 -17.54 -1.32 9.32
N PRO C 158 -16.30 -1.59 9.77
CA PRO C 158 -16.07 -2.49 10.91
C PRO C 158 -16.37 -1.84 12.24
N VAL C 159 -16.71 -2.64 13.25
CA VAL C 159 -16.99 -2.12 14.59
C VAL C 159 -16.58 -3.10 15.67
N ASP C 160 -15.88 -2.60 16.70
CA ASP C 160 -15.42 -3.45 17.80
C ASP C 160 -16.54 -3.85 18.75
N ARG C 161 -16.35 -4.95 19.48
CA ARG C 161 -17.37 -5.42 20.40
C ARG C 161 -17.73 -4.39 21.45
N ALA C 162 -16.75 -3.58 21.85
CA ALA C 162 -16.97 -2.55 22.84
C ALA C 162 -18.07 -1.61 22.39
N GLU C 163 -17.92 -1.06 21.18
CA GLU C 163 -18.92 -0.15 20.67
C GLU C 163 -20.20 -0.90 20.40
N TRP C 164 -20.10 -2.05 19.74
CA TRP C 164 -21.29 -2.80 19.39
C TRP C 164 -22.24 -3.09 20.54
N TRP C 165 -21.68 -3.52 21.68
CA TRP C 165 -22.54 -3.83 22.81
C TRP C 165 -23.18 -2.60 23.42
N GLU C 166 -22.41 -1.54 23.64
CA GLU C 166 -23.00 -0.35 24.21
C GLU C 166 -24.16 0.09 23.35
N TYR C 167 -24.08 -0.20 22.05
CA TYR C 167 -25.16 0.18 21.15
C TYR C 167 -26.29 -0.83 21.20
N GLN C 168 -25.96 -2.09 21.44
CA GLN C 168 -26.99 -3.12 21.51
C GLN C 168 -27.81 -2.90 22.80
N ARG C 169 -27.13 -2.69 23.92
CA ARG C 169 -27.82 -2.49 25.18
C ARG C 169 -28.74 -1.28 25.10
N ALA C 170 -28.24 -0.22 24.47
CA ALA C 170 -28.97 1.04 24.31
C ALA C 170 -30.21 1.02 23.43
N GLN C 171 -30.10 0.44 22.24
CA GLN C 171 -31.23 0.41 21.33
C GLN C 171 -31.56 -0.93 20.71
N SER C 172 -31.74 -1.95 21.55
CA SER C 172 -32.06 -3.27 21.04
C SER C 172 -32.68 -4.15 22.12
N GLY C 173 -33.13 -5.33 21.72
CA GLY C 173 -33.75 -6.26 22.65
C GLY C 173 -32.96 -6.29 23.95
N PHE C 174 -33.61 -6.69 25.03
CA PHE C 174 -32.91 -6.74 26.31
C PHE C 174 -32.15 -8.05 26.50
N ASP C 175 -30.82 -7.97 26.51
CA ASP C 175 -30.00 -9.15 26.74
C ASP C 175 -29.68 -9.16 28.22
N PRO C 176 -30.33 -10.06 28.97
CA PRO C 176 -30.12 -10.15 30.40
C PRO C 176 -28.66 -10.12 30.85
N MSE C 177 -27.86 -11.00 30.26
CA MSE C 177 -26.45 -11.12 30.60
C MSE C 177 -25.61 -9.92 30.15
O MSE C 177 -24.47 -9.76 30.59
CB MSE C 177 -25.93 -12.42 29.97
CG MSE C 177 -24.72 -13.00 30.63
SE MSE C 177 -25.02 -13.55 32.47
CE MSE C 177 -26.05 -15.14 32.11
N ALA C 178 -26.18 -9.07 29.30
CA ALA C 178 -25.44 -7.90 28.82
C ALA C 178 -25.65 -6.66 29.67
N GLN C 179 -26.61 -6.75 30.59
CA GLN C 179 -26.96 -5.64 31.49
C GLN C 179 -25.78 -5.19 32.35
N VAL C 180 -25.84 -3.95 32.81
CA VAL C 180 -24.76 -3.40 33.63
C VAL C 180 -24.93 -3.76 35.11
N THR C 181 -23.81 -3.94 35.80
CA THR C 181 -23.80 -4.27 37.23
C THR C 181 -23.03 -3.18 37.97
N THR C 182 -22.85 -3.37 39.27
CA THR C 182 -22.12 -2.41 40.10
C THR C 182 -20.66 -2.81 40.26
N ALA C 183 -20.28 -3.93 39.66
CA ALA C 183 -18.91 -4.42 39.73
C ALA C 183 -18.05 -3.61 38.79
N THR C 184 -16.81 -3.35 39.22
CA THR C 184 -15.89 -2.57 38.41
C THR C 184 -14.59 -3.33 38.20
N LEU C 185 -13.65 -2.64 37.56
CA LEU C 185 -12.33 -3.17 37.25
C LEU C 185 -11.63 -3.78 38.45
N GLY C 186 -11.87 -3.20 39.61
CA GLY C 186 -11.24 -3.69 40.82
C GLY C 186 -11.82 -5.01 41.31
N ASP C 187 -13.03 -5.36 40.89
CA ASP C 187 -13.64 -6.61 41.33
C ASP C 187 -13.12 -7.77 40.48
N ALA C 188 -12.46 -7.45 39.36
CA ALA C 188 -11.90 -8.46 38.47
C ALA C 188 -10.79 -9.17 39.20
N ARG C 189 -10.87 -10.49 39.29
CA ARG C 189 -9.83 -11.24 39.98
C ARG C 189 -8.66 -11.41 39.03
N PRO C 190 -7.44 -11.12 39.49
CA PRO C 190 -6.25 -11.24 38.64
C PRO C 190 -6.11 -12.63 38.05
N ALA C 191 -6.30 -13.63 38.89
CA ALA C 191 -6.20 -15.02 38.46
C ALA C 191 -6.99 -15.25 37.17
N ALA C 192 -8.22 -14.74 37.15
CA ALA C 192 -9.13 -14.88 36.01
C ALA C 192 -8.57 -14.17 34.78
N LEU C 193 -7.93 -13.03 35.01
CA LEU C 193 -7.34 -12.27 33.91
C LEU C 193 -6.12 -13.03 33.43
N ALA C 194 -5.34 -13.55 34.38
CA ALA C 194 -4.15 -14.32 34.07
C ALA C 194 -4.51 -15.47 33.12
N LEU C 195 -5.62 -16.15 33.43
CA LEU C 195 -6.12 -17.26 32.64
C LEU C 195 -6.54 -16.81 31.24
N ALA C 196 -7.20 -15.65 31.21
CA ALA C 196 -7.67 -15.07 29.97
C ALA C 196 -6.50 -14.97 29.00
N ARG C 197 -5.43 -14.35 29.49
CA ARG C 197 -4.23 -14.16 28.68
C ARG C 197 -3.56 -15.45 28.26
N LYS C 198 -3.36 -16.39 29.19
CA LYS C 198 -2.68 -17.63 28.80
C LYS C 198 -3.48 -18.39 27.75
N TRP C 199 -4.79 -18.13 27.66
CA TRP C 199 -5.61 -18.81 26.68
C TRP C 199 -5.67 -18.10 25.34
N ASP C 200 -5.46 -16.79 25.36
CA ASP C 200 -5.46 -15.98 24.14
C ASP C 200 -4.34 -14.94 24.18
N PRO C 201 -3.26 -15.16 23.44
CA PRO C 201 -2.10 -14.25 23.40
C PRO C 201 -2.43 -12.86 22.85
N ALA C 202 -3.56 -12.74 22.17
CA ALA C 202 -3.96 -11.47 21.59
C ALA C 202 -3.99 -10.33 22.62
N PHE C 203 -4.43 -10.64 23.84
CA PHE C 203 -4.51 -9.64 24.90
C PHE C 203 -3.14 -9.34 25.49
N ALA C 204 -2.22 -10.27 25.31
CA ALA C 204 -0.87 -10.16 25.85
C ALA C 204 -0.23 -8.76 25.75
N GLU C 205 -0.68 -7.94 24.80
CA GLU C 205 -0.11 -6.61 24.63
C GLU C 205 -1.00 -5.48 25.11
N LEU C 206 -1.80 -5.71 26.14
CA LEU C 206 -2.68 -4.66 26.64
C LEU C 206 -3.10 -4.79 28.09
N THR C 207 -3.32 -3.65 28.73
CA THR C 207 -3.69 -3.56 30.14
C THR C 207 -4.96 -4.34 30.47
N ASP C 208 -5.06 -4.76 31.72
CA ASP C 208 -6.22 -5.51 32.16
C ASP C 208 -7.49 -4.76 31.77
N GLU C 209 -7.47 -3.44 31.96
CA GLU C 209 -8.61 -2.62 31.61
C GLU C 209 -8.98 -2.78 30.15
N GLU C 210 -8.01 -2.52 29.27
CA GLU C 210 -8.22 -2.63 27.84
C GLU C 210 -8.75 -3.99 27.45
N LEU C 211 -8.32 -5.01 28.18
CA LEU C 211 -8.75 -6.36 27.91
C LEU C 211 -10.24 -6.45 28.19
N LEU C 212 -10.61 -6.30 29.45
CA LEU C 212 -12.02 -6.37 29.79
C LEU C 212 -12.87 -5.48 28.90
N ARG C 213 -12.29 -4.39 28.39
CA ARG C 213 -13.05 -3.52 27.53
C ARG C 213 -13.12 -4.10 26.12
N GLY C 214 -11.97 -4.56 25.65
CA GLY C 214 -11.88 -5.13 24.32
C GLY C 214 -12.86 -6.26 24.13
N ILE C 215 -12.96 -7.14 25.11
CA ILE C 215 -13.88 -8.26 24.99
C ILE C 215 -15.31 -7.74 25.04
N GLY C 216 -15.48 -6.55 25.61
CA GLY C 216 -16.80 -5.96 25.68
C GLY C 216 -17.53 -6.08 27.01
N ALA C 217 -16.79 -6.36 28.08
CA ALA C 217 -17.41 -6.49 29.39
C ALA C 217 -17.23 -5.24 30.26
N LEU C 218 -16.35 -4.33 29.83
CA LEU C 218 -16.10 -3.11 30.60
C LEU C 218 -16.83 -1.89 30.04
N ASP C 219 -17.81 -1.43 30.81
CA ASP C 219 -18.65 -0.28 30.50
C ASP C 219 -17.87 1.02 30.23
N ALA C 220 -18.43 1.88 29.40
CA ALA C 220 -17.78 3.15 29.12
C ALA C 220 -17.66 3.91 30.43
N GLU C 221 -18.50 3.55 31.40
CA GLU C 221 -18.48 4.19 32.70
C GLU C 221 -17.46 3.51 33.60
N GLY C 222 -17.14 2.26 33.28
CA GLY C 222 -16.16 1.51 34.07
C GLY C 222 -16.79 0.35 34.81
N PHE C 223 -18.05 0.05 34.49
CA PHE C 223 -18.78 -1.05 35.12
C PHE C 223 -18.79 -2.34 34.30
N LEU C 224 -18.72 -3.49 34.96
CA LEU C 224 -18.74 -4.75 34.25
C LEU C 224 -20.19 -5.11 33.90
N SER C 225 -20.38 -5.88 32.84
CA SER C 225 -21.71 -6.32 32.45
C SER C 225 -22.00 -7.55 33.30
N GLN C 226 -23.21 -8.09 33.15
CA GLN C 226 -23.58 -9.27 33.90
C GLN C 226 -22.65 -10.46 33.61
N ALA C 227 -22.19 -10.58 32.37
CA ALA C 227 -21.32 -11.67 31.98
C ALA C 227 -19.90 -11.36 32.46
N GLY C 228 -19.51 -10.10 32.31
CA GLY C 228 -18.18 -9.69 32.74
C GLY C 228 -18.03 -10.05 34.20
N LYS C 229 -19.04 -9.70 34.99
CA LYS C 229 -19.03 -9.98 36.43
C LYS C 229 -19.01 -11.47 36.74
N LEU C 230 -19.71 -12.25 35.93
CA LEU C 230 -19.79 -13.71 36.13
C LEU C 230 -18.52 -14.45 35.75
N LEU C 231 -17.78 -13.91 34.80
CA LEU C 231 -16.59 -14.58 34.34
C LEU C 231 -15.29 -14.17 35.00
N PHE C 232 -15.20 -12.93 35.48
CA PHE C 232 -13.98 -12.43 36.10
C PHE C 232 -14.12 -12.10 37.57
N THR C 233 -15.30 -12.32 38.14
CA THR C 233 -15.56 -12.01 39.55
C THR C 233 -16.12 -13.19 40.32
N SER C 234 -15.69 -13.33 41.57
CA SER C 234 -16.14 -14.41 42.45
C SER C 234 -17.65 -14.51 42.41
N LEU C 235 -18.21 -15.67 42.10
CA LEU C 235 -19.66 -15.75 42.09
C LEU C 235 -20.13 -16.32 43.43
N ASP C 236 -19.20 -16.43 44.38
CA ASP C 236 -19.48 -16.92 45.72
C ASP C 236 -20.42 -18.13 45.75
N ARG C 237 -20.10 -19.15 44.96
CA ARG C 237 -20.89 -20.38 44.92
C ARG C 237 -20.35 -21.29 43.83
N THR C 238 -20.34 -22.59 44.08
CA THR C 238 -19.83 -23.52 43.08
C THR C 238 -20.69 -23.52 41.82
N ALA C 239 -20.03 -23.43 40.67
CA ALA C 239 -20.72 -23.40 39.39
C ALA C 239 -20.74 -24.76 38.73
N ILE C 240 -19.65 -25.48 38.88
CA ILE C 240 -19.55 -26.80 38.30
C ILE C 240 -18.64 -27.62 39.18
N GLU C 241 -18.95 -28.90 39.31
CA GLU C 241 -18.12 -29.75 40.13
C GLU C 241 -18.15 -31.17 39.62
N LEU C 242 -16.99 -31.83 39.76
CA LEU C 242 -16.78 -33.20 39.30
C LEU C 242 -16.83 -34.24 40.41
N SER C 243 -17.42 -35.39 40.09
CA SER C 243 -17.52 -36.50 41.02
C SER C 243 -17.15 -37.77 40.26
N ILE C 244 -16.04 -38.39 40.65
CA ILE C 244 -15.54 -39.61 40.00
C ILE C 244 -16.18 -40.90 40.55
N PHE C 245 -16.81 -41.65 39.67
CA PHE C 245 -17.44 -42.89 40.05
C PHE C 245 -16.63 -44.08 39.58
N ASP C 246 -16.93 -45.24 40.15
CA ASP C 246 -16.23 -46.47 39.79
C ASP C 246 -16.91 -47.07 38.57
N VAL C 247 -18.23 -47.04 38.59
CA VAL C 247 -19.02 -47.59 37.51
C VAL C 247 -20.48 -47.18 37.72
N HIS C 248 -21.17 -46.83 36.64
CA HIS C 248 -22.57 -46.40 36.73
C HIS C 248 -23.32 -47.34 37.66
N GLY C 249 -23.51 -46.90 38.90
CA GLY C 249 -24.19 -47.73 39.85
C GLY C 249 -23.89 -47.26 41.26
N GLY C 250 -23.33 -46.06 41.33
CA GLY C 250 -23.01 -45.49 42.62
C GLY C 250 -21.64 -45.88 43.12
N GLN C 251 -21.35 -45.42 44.34
CA GLN C 251 -20.10 -45.65 45.04
C GLN C 251 -19.18 -44.59 44.47
N VAL C 252 -19.17 -43.43 45.14
CA VAL C 252 -18.36 -42.27 44.76
C VAL C 252 -16.93 -42.45 45.23
N LEU C 253 -16.01 -42.65 44.29
CA LEU C 253 -14.62 -42.84 44.64
C LEU C 253 -14.05 -41.54 45.18
N ASN C 254 -14.27 -40.47 44.44
CA ASN C 254 -13.76 -39.19 44.87
C ASN C 254 -14.44 -38.04 44.14
N ARG C 255 -14.43 -36.85 44.72
CA ARG C 255 -15.04 -35.71 44.07
C ARG C 255 -14.16 -34.47 44.21
N VAL C 256 -14.25 -33.58 43.22
CA VAL C 256 -13.49 -32.34 43.21
C VAL C 256 -14.43 -31.15 43.01
N VAL C 257 -14.44 -30.23 43.97
CA VAL C 257 -15.30 -29.07 43.88
C VAL C 257 -14.49 -27.77 43.96
N PRO C 258 -14.63 -26.91 42.95
CA PRO C 258 -13.89 -25.63 42.93
C PRO C 258 -14.30 -24.69 44.04
N GLU C 259 -13.34 -23.91 44.55
CA GLU C 259 -13.63 -22.97 45.63
C GLU C 259 -14.64 -21.92 45.15
N PRO C 260 -15.71 -21.69 45.93
CA PRO C 260 -16.76 -20.72 45.61
C PRO C 260 -16.33 -19.28 45.38
N GLU C 261 -15.15 -18.89 45.87
CA GLU C 261 -14.68 -17.51 45.66
C GLU C 261 -14.04 -17.36 44.29
N LYS C 262 -13.74 -18.49 43.66
CA LYS C 262 -13.12 -18.49 42.34
C LYS C 262 -14.12 -18.06 41.29
N SER C 263 -13.68 -17.20 40.39
CA SER C 263 -14.52 -16.70 39.30
C SER C 263 -14.90 -17.90 38.44
N CYS C 264 -15.84 -17.68 37.54
CA CYS C 264 -16.30 -18.75 36.70
C CYS C 264 -15.18 -19.31 35.83
N LEU C 265 -14.34 -18.42 35.29
CA LEU C 265 -13.22 -18.88 34.47
C LEU C 265 -12.34 -19.79 35.34
N GLU C 266 -11.96 -19.29 36.51
CA GLU C 266 -11.14 -20.08 37.40
C GLU C 266 -11.76 -21.44 37.63
N GLN C 267 -13.06 -21.47 37.88
CA GLN C 267 -13.75 -22.72 38.11
C GLN C 267 -13.67 -23.63 36.89
N LEU C 268 -13.95 -23.09 35.71
CA LEU C 268 -13.87 -23.93 34.52
C LEU C 268 -12.46 -24.56 34.42
N ASP C 269 -11.42 -23.74 34.59
CA ASP C 269 -10.03 -24.19 34.55
C ASP C 269 -9.86 -25.34 35.56
N TYR C 270 -10.18 -25.07 36.82
CA TYR C 270 -10.06 -26.08 37.88
C TYR C 270 -10.66 -27.39 37.39
N LEU C 271 -11.95 -27.36 37.04
CA LEU C 271 -12.63 -28.55 36.55
C LEU C 271 -11.88 -29.19 35.37
N GLU C 272 -11.56 -28.39 34.34
CA GLU C 272 -10.84 -28.90 33.18
C GLU C 272 -9.53 -29.57 33.59
N GLN C 273 -8.74 -28.89 34.43
CA GLN C 273 -7.46 -29.42 34.88
C GLN C 273 -7.65 -30.82 35.47
N ALA C 274 -8.54 -30.92 36.44
CA ALA C 274 -8.83 -32.19 37.11
C ALA C 274 -9.35 -33.22 36.14
N LEU C 275 -10.31 -32.82 35.33
CA LEU C 275 -10.90 -33.72 34.36
C LEU C 275 -9.82 -34.26 33.41
N ASN C 276 -8.73 -33.51 33.28
CA ASN C 276 -7.62 -33.88 32.41
C ASN C 276 -6.86 -35.08 32.97
N VAL C 277 -6.86 -35.20 34.28
CA VAL C 277 -6.17 -36.29 34.95
C VAL C 277 -7.03 -37.52 34.95
N VAL C 278 -8.34 -37.33 35.05
CA VAL C 278 -9.26 -38.45 35.09
C VAL C 278 -9.39 -39.13 33.75
N ASN C 279 -8.99 -38.42 32.69
CA ASN C 279 -9.07 -38.94 31.33
C ASN C 279 -7.86 -39.85 31.09
N LYS C 280 -7.69 -40.81 32.02
CA LYS C 280 -6.61 -41.80 32.03
C LYS C 280 -5.77 -41.92 30.76
N ASN C 281 -6.37 -42.29 29.64
CA ASN C 281 -5.61 -42.39 28.40
C ASN C 281 -4.66 -43.59 28.37
N VAL C 293 -3.48 -42.11 23.21
CA VAL C 293 -4.93 -41.95 22.96
C VAL C 293 -5.85 -41.91 24.22
N PRO C 294 -6.36 -40.71 24.59
CA PRO C 294 -7.24 -40.53 25.74
C PRO C 294 -8.56 -41.29 25.60
N GLU C 295 -9.09 -41.78 26.73
CA GLU C 295 -10.34 -42.55 26.77
C GLU C 295 -11.47 -41.80 26.07
N ILE C 296 -11.40 -40.47 26.12
CA ILE C 296 -12.38 -39.61 25.48
C ILE C 296 -11.66 -38.40 24.88
N PRO C 297 -11.81 -38.17 23.57
CA PRO C 297 -11.15 -37.04 22.89
C PRO C 297 -11.24 -35.71 23.66
N ARG C 298 -10.09 -35.18 24.07
CA ARG C 298 -10.05 -33.93 24.82
C ARG C 298 -11.03 -32.85 24.31
N LEU C 299 -11.15 -32.74 22.99
CA LEU C 299 -12.04 -31.77 22.38
C LEU C 299 -13.51 -32.02 22.77
N ALA C 300 -13.93 -33.28 22.66
CA ALA C 300 -15.30 -33.66 22.99
C ALA C 300 -15.62 -33.26 24.44
N VAL C 301 -14.65 -33.48 25.32
CA VAL C 301 -14.83 -33.11 26.72
C VAL C 301 -14.96 -31.59 26.81
N ARG C 302 -13.89 -30.89 26.49
CA ARG C 302 -13.89 -29.44 26.58
C ARG C 302 -15.16 -28.83 25.98
N GLU C 303 -15.62 -29.40 24.87
CA GLU C 303 -16.80 -28.89 24.20
C GLU C 303 -18.03 -28.98 25.13
N ALA C 304 -18.27 -30.17 25.68
CA ALA C 304 -19.40 -30.41 26.58
C ALA C 304 -19.34 -29.48 27.80
N MSE C 305 -18.13 -29.24 28.28
CA MSE C 305 -17.89 -28.39 29.42
C MSE C 305 -18.32 -26.96 29.16
O MSE C 305 -19.14 -26.39 29.87
CB MSE C 305 -16.41 -28.39 29.77
CG MSE C 305 -15.90 -29.72 30.27
SE MSE C 305 -16.45 -30.08 32.08
CE MSE C 305 -14.79 -29.68 32.98
N LEU C 306 -17.71 -26.38 28.14
CA LEU C 306 -18.01 -25.02 27.77
C LEU C 306 -19.48 -24.90 27.44
N ASN C 307 -20.04 -25.85 26.70
CA ASN C 307 -21.45 -25.72 26.38
C ASN C 307 -22.28 -25.60 27.62
N ALA C 308 -21.93 -26.40 28.62
CA ALA C 308 -22.64 -26.38 29.88
C ALA C 308 -22.38 -25.03 30.53
N MSE C 309 -21.12 -24.66 30.67
CA MSE C 309 -20.77 -23.38 31.29
C MSE C 309 -21.51 -22.19 30.65
O MSE C 309 -21.94 -21.27 31.35
CB MSE C 309 -19.26 -23.17 31.15
CG MSE C 309 -18.65 -22.30 32.24
SE MSE C 309 -18.83 -23.13 33.98
CE MSE C 309 -18.12 -24.88 33.56
N ILE C 310 -21.65 -22.23 29.33
CA ILE C 310 -22.31 -21.16 28.57
C ILE C 310 -23.84 -21.23 28.51
N HIS C 311 -24.36 -22.40 28.16
CA HIS C 311 -25.80 -22.58 28.06
C HIS C 311 -26.46 -23.07 29.31
N ARG C 312 -25.75 -22.95 30.43
CA ARG C 312 -26.25 -23.35 31.74
C ARG C 312 -27.52 -22.54 32.00
N ASP C 313 -28.04 -22.58 33.22
CA ASP C 313 -29.22 -21.79 33.55
C ASP C 313 -28.76 -20.57 34.35
N TRP C 314 -27.75 -20.73 35.18
CA TRP C 314 -27.21 -19.62 35.96
C TRP C 314 -28.18 -18.95 36.90
N ASN C 315 -29.47 -19.15 36.67
CA ASN C 315 -30.49 -18.57 37.54
C ASN C 315 -30.87 -19.62 38.57
N ARG C 316 -30.29 -20.81 38.41
CA ARG C 316 -30.52 -21.92 39.30
C ARG C 316 -29.33 -22.02 40.25
N SER C 317 -29.53 -22.62 41.42
CA SER C 317 -28.49 -22.76 42.43
C SER C 317 -27.54 -23.91 42.14
N GLU C 318 -28.13 -25.10 42.01
CA GLU C 318 -27.38 -26.32 41.77
C GLU C 318 -26.28 -26.18 40.71
N PRO C 319 -25.04 -26.49 41.09
CA PRO C 319 -23.89 -26.41 40.20
C PRO C 319 -24.01 -27.40 39.07
N ILE C 320 -23.24 -27.20 38.02
CA ILE C 320 -23.25 -28.12 36.91
C ILE C 320 -22.69 -29.39 37.49
N ASP C 321 -23.42 -30.49 37.34
CA ASP C 321 -22.95 -31.76 37.88
C ASP C 321 -22.29 -32.64 36.83
N VAL C 322 -20.98 -32.78 36.91
CA VAL C 322 -20.28 -33.63 35.96
C VAL C 322 -19.68 -34.83 36.68
N ARG C 323 -19.98 -36.02 36.19
CA ARG C 323 -19.44 -37.23 36.79
C ARG C 323 -18.71 -38.06 35.74
N TRP C 324 -17.61 -38.67 36.16
CA TRP C 324 -16.80 -39.49 35.30
C TRP C 324 -16.78 -40.95 35.75
N ILE C 325 -17.22 -41.84 34.86
CA ILE C 325 -17.27 -43.27 35.15
C ILE C 325 -15.99 -43.95 34.69
N GLU C 326 -15.01 -44.08 35.58
CA GLU C 326 -13.72 -44.69 35.23
C GLU C 326 -13.73 -45.97 34.43
N LEU C 327 -14.51 -46.95 34.89
CA LEU C 327 -14.57 -48.23 34.23
C LEU C 327 -15.20 -48.23 32.85
N ASP C 328 -16.38 -47.65 32.73
CA ASP C 328 -17.10 -47.59 31.45
C ASP C 328 -16.60 -46.43 30.58
N SER C 329 -15.49 -45.83 30.99
CA SER C 329 -14.87 -44.71 30.30
C SER C 329 -15.91 -43.79 29.71
N THR C 330 -16.80 -43.29 30.57
CA THR C 330 -17.84 -42.39 30.11
C THR C 330 -17.99 -41.16 31.00
N LEU C 331 -18.38 -40.04 30.38
CA LEU C 331 -18.57 -38.79 31.08
C LEU C 331 -19.98 -38.22 30.90
N ILE C 332 -20.57 -37.76 31.99
CA ILE C 332 -21.93 -37.22 31.97
C ILE C 332 -21.92 -35.81 32.52
N VAL C 333 -22.56 -34.89 31.81
CA VAL C 333 -22.62 -33.51 32.27
C VAL C 333 -24.04 -32.99 32.42
N ARG C 334 -24.53 -32.97 33.67
CA ARG C 334 -25.87 -32.48 34.00
C ARG C 334 -25.82 -30.99 34.18
N SER C 335 -26.65 -30.30 33.42
CA SER C 335 -26.71 -28.86 33.51
C SER C 335 -28.09 -28.36 33.90
N PRO C 336 -28.15 -27.54 34.96
CA PRO C 336 -29.43 -27.01 35.39
C PRO C 336 -30.11 -26.24 34.27
N GLY C 337 -31.42 -26.46 34.14
CA GLY C 337 -32.19 -25.79 33.11
C GLY C 337 -32.64 -26.79 32.07
N GLY C 338 -33.63 -26.40 31.27
CA GLY C 338 -34.12 -27.27 30.23
C GLY C 338 -33.96 -26.59 28.88
N PHE C 339 -34.54 -27.15 27.83
CA PHE C 339 -34.46 -26.57 26.50
C PHE C 339 -35.36 -25.35 26.36
N PRO C 340 -34.86 -24.29 25.70
CA PRO C 340 -35.65 -23.07 25.51
C PRO C 340 -36.90 -23.32 24.69
N ALA C 341 -37.96 -23.75 25.38
CA ALA C 341 -39.27 -24.05 24.79
C ALA C 341 -39.36 -23.71 23.32
N ALA C 342 -38.87 -24.63 22.49
CA ALA C 342 -38.86 -24.46 21.04
C ALA C 342 -37.94 -25.51 20.43
N ILE C 343 -36.97 -25.97 21.23
CA ILE C 343 -36.00 -26.97 20.78
C ILE C 343 -36.23 -28.31 21.46
N THR C 344 -35.92 -29.39 20.73
CA THR C 344 -36.09 -30.74 21.25
C THR C 344 -34.79 -31.53 21.05
N SER C 345 -34.69 -32.69 21.71
CA SER C 345 -33.51 -33.53 21.61
C SER C 345 -33.12 -33.83 20.15
N GLU C 346 -34.10 -33.73 19.24
CA GLU C 346 -33.87 -33.97 17.81
C GLU C 346 -33.92 -32.67 17.01
N ASN C 347 -33.36 -31.62 17.57
CA ASN C 347 -33.37 -30.32 16.92
C ASN C 347 -32.27 -29.43 17.48
N VAL C 348 -31.52 -29.96 18.42
CA VAL C 348 -30.43 -29.23 19.06
C VAL C 348 -29.20 -29.07 18.19
N LEU C 349 -28.87 -30.11 17.42
CA LEU C 349 -27.68 -30.07 16.55
C LEU C 349 -27.79 -29.01 15.44
N SER C 350 -29.00 -28.47 15.25
CA SER C 350 -29.24 -27.46 14.23
C SER C 350 -29.43 -26.08 14.85
N ASN C 351 -29.89 -26.04 16.10
CA ASN C 351 -30.11 -24.78 16.79
C ASN C 351 -28.83 -23.96 16.86
N ARG C 352 -28.98 -22.65 16.98
CA ARG C 352 -27.83 -21.74 17.05
C ARG C 352 -28.11 -20.59 18.02
N ALA C 353 -29.38 -20.45 18.41
CA ALA C 353 -29.79 -19.41 19.35
C ALA C 353 -29.45 -19.82 20.78
N ALA C 354 -28.65 -18.99 21.44
CA ALA C 354 -28.24 -19.28 22.81
C ALA C 354 -29.17 -18.64 23.82
N ARG C 355 -29.07 -19.10 25.07
CA ARG C 355 -29.88 -18.56 26.14
C ARG C 355 -29.33 -17.21 26.54
N TYR C 356 -28.01 -17.12 26.68
CA TYR C 356 -27.39 -15.86 27.06
C TYR C 356 -26.45 -15.36 25.96
N PRO C 357 -27.00 -14.73 24.94
CA PRO C 357 -26.16 -14.23 23.86
C PRO C 357 -24.99 -13.39 24.35
N ALA C 358 -25.22 -12.52 25.32
CA ALA C 358 -24.16 -11.66 25.83
C ALA C 358 -23.04 -12.47 26.43
N LEU C 359 -23.41 -13.53 27.14
CA LEU C 359 -22.45 -14.44 27.81
C LEU C 359 -21.73 -15.28 26.75
N ALA C 360 -22.51 -15.81 25.80
CA ALA C 360 -21.97 -16.62 24.73
C ALA C 360 -20.95 -15.84 23.94
N ASP C 361 -21.30 -14.63 23.54
CA ASP C 361 -20.35 -13.84 22.77
C ASP C 361 -19.11 -13.52 23.61
N LEU C 362 -19.27 -13.27 24.91
CA LEU C 362 -18.10 -12.97 25.71
C LEU C 362 -17.10 -14.13 25.60
N TYR C 363 -17.59 -15.36 25.54
CA TYR C 363 -16.69 -16.52 25.42
C TYR C 363 -15.96 -16.50 24.08
N ARG C 364 -16.66 -16.11 23.01
CA ARG C 364 -16.01 -16.03 21.70
C ARG C 364 -14.99 -14.91 21.74
N ALA C 365 -15.28 -13.86 22.50
CA ALA C 365 -14.36 -12.74 22.59
C ALA C 365 -13.04 -13.23 23.19
N LEU C 366 -13.14 -14.12 24.17
CA LEU C 366 -11.96 -14.68 24.83
C LEU C 366 -11.30 -15.75 23.96
N GLY C 367 -11.97 -16.10 22.87
CA GLY C 367 -11.43 -17.12 21.97
C GLY C 367 -11.51 -18.48 22.62
N LEU C 368 -12.60 -18.74 23.34
CA LEU C 368 -12.75 -20.01 24.00
C LEU C 368 -13.71 -20.98 23.36
N VAL C 369 -14.41 -20.56 22.30
CA VAL C 369 -15.37 -21.44 21.64
C VAL C 369 -15.50 -21.11 20.15
N ASP C 370 -15.97 -22.07 19.36
CA ASP C 370 -16.13 -21.87 17.92
C ASP C 370 -17.30 -20.96 17.62
N LYS C 371 -17.75 -20.94 16.38
CA LYS C 371 -18.86 -20.08 16.01
C LYS C 371 -20.11 -20.42 16.81
N GLN C 372 -20.55 -21.68 16.76
CA GLN C 372 -21.73 -22.08 17.53
C GLN C 372 -22.08 -23.53 17.26
N GLY C 373 -22.54 -23.80 16.05
CA GLY C 373 -22.88 -25.16 15.71
C GLY C 373 -21.59 -25.95 15.62
N VAL C 374 -20.53 -25.28 15.17
CA VAL C 374 -19.23 -25.91 15.04
C VAL C 374 -18.85 -26.66 16.32
N GLY C 375 -19.19 -26.07 17.46
CA GLY C 375 -18.87 -26.70 18.73
C GLY C 375 -19.44 -28.10 18.84
N VAL C 376 -20.75 -28.19 18.96
CA VAL C 376 -21.40 -29.48 19.09
C VAL C 376 -21.08 -30.40 17.90
N ASP C 377 -21.15 -29.86 16.69
CA ASP C 377 -20.87 -30.68 15.52
C ASP C 377 -19.49 -31.32 15.57
N ARG C 378 -18.50 -30.56 16.00
CA ARG C 378 -17.14 -31.11 16.08
C ARG C 378 -17.09 -32.15 17.19
N MSE C 379 -17.97 -31.98 18.18
CA MSE C 379 -18.04 -32.92 19.28
C MSE C 379 -18.49 -34.26 18.77
O MSE C 379 -17.86 -35.28 19.02
CB MSE C 379 -19.01 -32.43 20.33
CG MSE C 379 -19.18 -33.41 21.45
SE MSE C 379 -20.04 -32.59 22.94
CE MSE C 379 -21.81 -33.29 22.62
N TYR C 380 -19.60 -34.26 18.04
CA TYR C 380 -20.13 -35.49 17.47
C TYR C 380 -19.13 -36.15 16.54
N GLN C 381 -18.63 -35.38 15.57
CA GLN C 381 -17.68 -35.92 14.62
C GLN C 381 -16.52 -36.57 15.36
N ALA C 382 -15.92 -35.82 16.29
CA ALA C 382 -14.79 -36.33 17.04
C ALA C 382 -15.09 -37.72 17.60
N MSE C 383 -16.29 -37.89 18.13
CA MSE C 383 -16.71 -39.17 18.68
C MSE C 383 -16.87 -40.18 17.58
O MSE C 383 -16.34 -41.28 17.65
CB MSE C 383 -18.04 -39.03 19.42
CG MSE C 383 -17.99 -38.17 20.65
SE MSE C 383 -16.83 -38.88 22.02
CE MSE C 383 -17.99 -40.27 22.67
N ILE C 384 -17.61 -39.82 16.55
CA ILE C 384 -17.83 -40.74 15.47
C ILE C 384 -16.53 -41.23 14.85
N ALA C 385 -15.65 -40.29 14.50
CA ALA C 385 -14.37 -40.62 13.86
C ALA C 385 -13.52 -41.69 14.54
N LEU C 386 -13.72 -41.88 15.84
CA LEU C 386 -12.98 -42.87 16.62
C LEU C 386 -13.78 -44.17 16.84
N GLY C 387 -14.94 -44.26 16.18
CA GLY C 387 -15.77 -45.45 16.29
C GLY C 387 -16.71 -45.49 17.47
N HIS C 388 -16.60 -44.51 18.37
CA HIS C 388 -17.47 -44.43 19.55
C HIS C 388 -18.86 -44.01 19.09
N ARG C 389 -19.80 -44.06 20.02
CA ARG C 389 -21.16 -43.67 19.70
C ARG C 389 -21.31 -42.16 19.88
N PRO C 390 -22.15 -41.54 19.05
CA PRO C 390 -22.35 -40.09 19.15
C PRO C 390 -22.83 -39.68 20.53
N PRO C 391 -22.49 -38.46 20.96
CA PRO C 391 -22.91 -38.00 22.28
C PRO C 391 -24.42 -37.91 22.35
N THR C 392 -24.98 -38.16 23.52
CA THR C 392 -26.41 -38.09 23.71
C THR C 392 -26.77 -36.98 24.66
N ILE C 393 -27.52 -36.02 24.15
CA ILE C 393 -27.94 -34.90 24.97
C ILE C 393 -29.48 -34.87 25.08
N GLU C 394 -30.01 -35.04 26.29
CA GLU C 394 -31.45 -35.03 26.52
C GLU C 394 -31.86 -34.27 27.79
N GLU C 395 -33.12 -33.82 27.82
CA GLU C 395 -33.65 -33.09 28.97
C GLU C 395 -34.18 -34.03 30.03
N ILE C 396 -33.80 -33.78 31.28
CA ILE C 396 -34.25 -34.62 32.36
C ILE C 396 -35.08 -33.82 33.35
N ALA C 397 -35.88 -34.52 34.14
CA ALA C 397 -36.71 -33.88 35.15
C ALA C 397 -35.83 -32.98 36.01
N GLY C 398 -36.26 -31.74 36.20
CA GLY C 398 -35.50 -30.81 37.01
C GLY C 398 -36.06 -29.41 36.94
N PRO C 399 -35.96 -28.74 35.79
CA PRO C 399 -35.35 -29.21 34.54
C PRO C 399 -33.84 -29.33 34.58
N PHE C 400 -33.31 -30.16 33.68
CA PHE C 400 -31.88 -30.46 33.57
C PHE C 400 -31.58 -30.92 32.15
N VAL C 401 -30.32 -30.79 31.72
CA VAL C 401 -29.93 -31.26 30.40
C VAL C 401 -28.62 -31.99 30.59
N GLU C 402 -28.59 -33.29 30.27
CA GLU C 402 -27.37 -34.06 30.43
C GLU C 402 -26.84 -34.63 29.14
N THR C 403 -25.54 -34.43 28.94
CA THR C 403 -24.84 -34.92 27.77
C THR C 403 -23.99 -36.11 28.21
N THR C 404 -24.15 -37.24 27.52
CA THR C 404 -23.38 -38.42 27.87
C THR C 404 -22.40 -38.77 26.77
N LEU C 405 -21.13 -38.89 27.12
CA LEU C 405 -20.09 -39.25 26.18
C LEU C 405 -19.50 -40.57 26.60
N VAL C 406 -19.58 -41.56 25.73
CA VAL C 406 -19.05 -42.86 26.06
C VAL C 406 -17.87 -43.21 25.17
N GLY C 407 -16.68 -43.18 25.75
CA GLY C 407 -15.47 -43.47 24.98
C GLY C 407 -14.76 -44.80 25.15
N GLY C 408 -13.53 -44.75 25.64
CA GLY C 408 -12.77 -45.97 25.83
C GLY C 408 -11.85 -46.25 24.66
N ARG C 409 -11.68 -47.52 24.32
CA ARG C 409 -10.80 -47.89 23.22
C ARG C 409 -11.45 -47.67 21.85
N PRO C 410 -10.74 -46.99 20.94
CA PRO C 410 -11.26 -46.71 19.61
C PRO C 410 -11.37 -47.98 18.76
N VAL C 411 -12.39 -48.08 17.92
CA VAL C 411 -12.52 -49.26 17.08
C VAL C 411 -11.55 -49.15 15.90
N LEU C 412 -10.55 -50.05 15.86
CA LEU C 412 -9.52 -50.07 14.82
C LEU C 412 -10.06 -50.01 13.39
N PRO C 413 -10.94 -50.96 13.01
CA PRO C 413 -11.47 -50.89 11.64
C PRO C 413 -11.97 -49.50 11.23
N VAL C 414 -12.57 -48.76 12.15
CA VAL C 414 -13.07 -47.42 11.85
C VAL C 414 -11.93 -46.40 11.78
N LEU C 415 -10.84 -46.67 12.49
CA LEU C 415 -9.71 -45.75 12.47
C LEU C 415 -8.99 -45.77 11.14
N GLU C 416 -8.81 -46.96 10.59
CA GLU C 416 -8.13 -47.10 9.30
C GLU C 416 -9.07 -46.74 8.16
N LEU C 417 -10.37 -46.98 8.36
CA LEU C 417 -11.36 -46.65 7.32
C LEU C 417 -11.27 -45.16 7.11
N VAL C 418 -11.00 -44.43 8.19
CA VAL C 418 -10.89 -43.00 8.10
C VAL C 418 -9.53 -42.62 7.52
N SER C 419 -8.57 -43.53 7.64
CA SER C 419 -7.23 -43.27 7.12
C SER C 419 -7.14 -43.45 5.61
N SER C 420 -8.13 -44.13 5.04
CA SER C 420 -8.17 -44.41 3.61
C SER C 420 -9.04 -43.40 2.86
N ILE C 421 -9.57 -42.45 3.61
CA ILE C 421 -10.43 -41.40 3.06
C ILE C 421 -9.62 -40.47 2.18
N VAL C 422 -10.24 -40.05 1.09
CA VAL C 422 -9.64 -39.13 0.13
C VAL C 422 -10.75 -38.31 -0.52
N PRO C 423 -10.52 -36.99 -0.66
CA PRO C 423 -9.31 -36.27 -0.25
C PRO C 423 -9.04 -36.35 1.24
N GLU C 424 -7.79 -36.16 1.60
CA GLU C 424 -7.34 -36.20 2.99
C GLU C 424 -8.16 -35.26 3.88
N ALA C 425 -8.56 -34.11 3.34
CA ALA C 425 -9.33 -33.14 4.10
C ALA C 425 -10.69 -33.66 4.51
N ARG C 426 -11.15 -34.68 3.81
CA ARG C 426 -12.45 -35.25 4.10
C ARG C 426 -12.49 -36.14 5.32
N GLN C 427 -11.32 -36.59 5.80
CA GLN C 427 -11.31 -37.46 6.96
C GLN C 427 -12.10 -36.91 8.14
N ASP C 428 -11.71 -35.75 8.65
CA ASP C 428 -12.43 -35.17 9.79
C ASP C 428 -13.56 -34.21 9.37
N ASP C 429 -14.46 -34.69 8.52
CA ASP C 429 -15.57 -33.90 8.02
C ASP C 429 -16.91 -34.30 8.65
N TYR C 430 -17.50 -33.39 9.42
CA TYR C 430 -18.77 -33.66 10.06
C TYR C 430 -19.74 -34.42 9.15
N ARG C 431 -19.91 -33.96 7.94
CA ARG C 431 -20.85 -34.63 7.03
C ARG C 431 -20.58 -36.10 6.76
N ILE C 432 -19.41 -36.41 6.19
CA ILE C 432 -19.13 -37.80 5.91
C ILE C 432 -19.26 -38.65 7.17
N ALA C 433 -18.91 -38.07 8.32
CA ALA C 433 -19.00 -38.79 9.59
C ALA C 433 -20.44 -39.22 9.83
N ILE C 434 -21.36 -38.26 9.77
CA ILE C 434 -22.77 -38.56 9.97
C ILE C 434 -23.23 -39.57 8.93
N VAL C 435 -22.85 -39.36 7.68
CA VAL C 435 -23.26 -40.28 6.63
C VAL C 435 -22.76 -41.70 6.91
N LEU C 436 -21.47 -41.85 7.18
CA LEU C 436 -20.96 -43.16 7.48
C LEU C 436 -21.63 -43.73 8.71
N TYR C 437 -21.65 -42.97 9.80
CA TYR C 437 -22.24 -43.46 11.02
C TYR C 437 -23.67 -43.93 10.81
N LEU C 438 -24.40 -43.23 9.96
CA LEU C 438 -25.77 -43.64 9.69
C LEU C 438 -25.77 -45.01 9.06
N LEU C 439 -24.92 -45.22 8.06
CA LEU C 439 -24.86 -46.51 7.39
C LEU C 439 -24.31 -47.60 8.30
N PHE C 440 -23.59 -47.22 9.36
CA PHE C 440 -23.07 -48.22 10.30
C PHE C 440 -24.24 -48.81 11.07
N GLN C 441 -25.41 -48.18 10.92
CA GLN C 441 -26.62 -48.60 11.61
C GLN C 441 -27.54 -49.29 10.62
N ARG C 442 -28.00 -48.52 9.63
CA ARG C 442 -28.92 -49.01 8.62
C ARG C 442 -28.16 -49.54 7.41
N PRO C 443 -28.81 -50.40 6.62
CA PRO C 443 -28.19 -50.98 5.42
C PRO C 443 -28.24 -49.95 4.30
N PHE C 444 -29.36 -49.25 4.18
CA PHE C 444 -29.54 -48.23 3.15
C PHE C 444 -29.89 -46.90 3.79
N ILE C 445 -29.51 -45.81 3.15
CA ILE C 445 -29.80 -44.51 3.69
C ILE C 445 -30.56 -43.66 2.69
N THR C 446 -31.46 -42.81 3.17
CA THR C 446 -32.23 -41.97 2.28
C THR C 446 -32.08 -40.51 2.68
N ILE C 447 -32.14 -39.64 1.68
CA ILE C 447 -31.99 -38.21 1.88
C ILE C 447 -32.80 -37.71 3.07
N ASP C 448 -33.99 -38.25 3.26
CA ASP C 448 -34.82 -37.83 4.37
C ASP C 448 -34.14 -38.19 5.69
N VAL C 449 -33.56 -39.38 5.76
CA VAL C 449 -32.88 -39.83 6.97
C VAL C 449 -31.65 -39.00 7.28
N VAL C 450 -30.82 -38.82 6.26
CA VAL C 450 -29.60 -38.05 6.38
C VAL C 450 -29.94 -36.68 6.93
N ALA C 451 -31.11 -36.17 6.53
CA ALA C 451 -31.56 -34.87 6.98
C ALA C 451 -31.92 -34.94 8.44
N ARG C 452 -32.67 -35.96 8.80
CA ARG C 452 -33.11 -36.12 10.17
C ARG C 452 -31.92 -36.36 11.09
N GLY C 453 -30.86 -36.96 10.54
CA GLY C 453 -29.66 -37.21 11.34
C GLY C 453 -28.93 -35.90 11.59
N LEU C 454 -28.79 -35.10 10.54
CA LEU C 454 -28.12 -33.80 10.65
C LEU C 454 -29.04 -32.84 11.36
N GLN C 455 -30.31 -33.21 11.38
CA GLN C 455 -31.32 -32.40 12.01
C GLN C 455 -31.44 -31.08 11.25
N SER C 456 -31.23 -31.14 9.94
CA SER C 456 -31.34 -29.93 9.15
C SER C 456 -32.25 -30.15 7.96
N GLY C 457 -32.44 -29.11 7.16
CA GLY C 457 -33.31 -29.21 6.00
C GLY C 457 -32.81 -30.14 4.92
N LYS C 458 -33.72 -30.54 4.03
CA LYS C 458 -33.40 -31.44 2.93
C LYS C 458 -32.23 -30.91 2.10
N GLU C 459 -31.91 -29.64 2.24
CA GLU C 459 -30.80 -29.06 1.49
C GLU C 459 -29.48 -29.52 2.08
N ALA C 460 -29.28 -29.30 3.37
CA ALA C 460 -28.05 -29.70 4.04
C ALA C 460 -27.81 -31.19 3.85
N ALA C 461 -28.90 -31.94 3.72
CA ALA C 461 -28.84 -33.38 3.54
C ALA C 461 -28.31 -33.77 2.16
N ARG C 462 -28.87 -33.16 1.12
CA ARG C 462 -28.44 -33.45 -0.22
C ARG C 462 -26.96 -33.10 -0.32
N ASN C 463 -26.59 -31.97 0.31
CA ASN C 463 -25.21 -31.49 0.35
C ASN C 463 -24.34 -32.54 1.01
N ALA C 464 -24.74 -32.98 2.20
CA ALA C 464 -23.98 -33.99 2.91
C ALA C 464 -23.81 -35.24 2.05
N LEU C 465 -24.90 -35.73 1.45
CA LEU C 465 -24.81 -36.92 0.59
C LEU C 465 -23.84 -36.72 -0.56
N GLU C 466 -23.96 -35.59 -1.25
CA GLU C 466 -23.06 -35.30 -2.35
C GLU C 466 -21.61 -35.31 -1.86
N ALA C 467 -21.34 -34.57 -0.79
CA ALA C 467 -19.99 -34.53 -0.24
C ALA C 467 -19.43 -35.94 -0.09
N ALA C 468 -20.19 -36.81 0.55
CA ALA C 468 -19.76 -38.19 0.75
C ALA C 468 -19.60 -38.92 -0.58
N ARG C 469 -20.61 -38.81 -1.44
CA ARG C 469 -20.57 -39.46 -2.74
C ARG C 469 -19.28 -39.18 -3.51
N GLN C 470 -18.72 -37.97 -3.30
CA GLN C 470 -17.49 -37.56 -3.97
C GLN C 470 -16.24 -37.84 -3.15
N THR C 471 -16.40 -38.49 -2.00
CA THR C 471 -15.28 -38.83 -1.16
C THR C 471 -14.97 -40.29 -1.46
N THR C 472 -13.70 -40.64 -1.64
CA THR C 472 -13.38 -42.03 -1.94
C THR C 472 -12.48 -42.67 -0.91
N VAL C 473 -12.71 -43.95 -0.70
CA VAL C 473 -11.89 -44.72 0.22
C VAL C 473 -11.50 -46.00 -0.49
N ALA C 474 -10.21 -46.27 -0.51
CA ALA C 474 -9.69 -47.46 -1.16
C ALA C 474 -9.96 -47.45 -2.67
N GLY C 475 -10.05 -46.26 -3.25
CA GLY C 475 -10.29 -46.18 -4.69
C GLY C 475 -11.73 -46.19 -5.12
N ALA C 476 -12.64 -46.39 -4.17
CA ALA C 476 -14.06 -46.40 -4.49
C ALA C 476 -14.78 -45.36 -3.66
N PRO C 477 -15.89 -44.83 -4.19
CA PRO C 477 -16.71 -43.82 -3.52
C PRO C 477 -17.37 -44.37 -2.26
N LEU C 478 -17.37 -43.57 -1.19
CA LEU C 478 -17.95 -43.98 0.09
C LEU C 478 -19.32 -44.61 -0.03
N ILE C 479 -20.24 -43.92 -0.70
CA ILE C 479 -21.58 -44.42 -0.88
C ILE C 479 -21.88 -44.60 -2.35
N ILE C 480 -22.88 -45.40 -2.63
CA ILE C 480 -23.29 -45.70 -4.00
C ILE C 480 -24.78 -45.43 -4.13
N ALA C 481 -25.22 -45.03 -5.31
CA ALA C 481 -26.62 -44.77 -5.53
C ALA C 481 -27.27 -45.94 -6.27
N HIS C 482 -27.98 -46.77 -5.52
CA HIS C 482 -28.67 -47.91 -6.11
C HIS C 482 -30.17 -47.62 -5.95
N ASP C 483 -30.96 -47.93 -6.97
CA ASP C 483 -32.39 -47.66 -6.92
C ASP C 483 -32.60 -46.19 -6.57
N GLY C 484 -33.54 -45.92 -5.68
CA GLY C 484 -33.78 -44.55 -5.27
C GLY C 484 -33.11 -44.27 -3.94
N VAL C 485 -32.33 -45.25 -3.45
CA VAL C 485 -31.63 -45.12 -2.17
C VAL C 485 -30.12 -45.03 -2.33
N TRP C 486 -29.44 -44.91 -1.19
CA TRP C 486 -27.99 -44.81 -1.15
C TRP C 486 -27.38 -45.90 -0.25
N LEU C 487 -26.51 -46.72 -0.83
CA LEU C 487 -25.88 -47.80 -0.07
C LEU C 487 -24.42 -47.49 0.21
N LEU C 488 -23.81 -48.29 1.08
CA LEU C 488 -22.42 -48.07 1.43
C LEU C 488 -21.54 -48.82 0.43
N GLY C 489 -20.37 -48.27 0.11
CA GLY C 489 -19.48 -48.91 -0.85
C GLY C 489 -18.90 -50.24 -0.39
N ASN C 490 -18.76 -51.19 -1.31
CA ASN C 490 -18.23 -52.51 -0.95
C ASN C 490 -16.83 -52.50 -0.35
N ALA C 491 -16.12 -51.38 -0.47
CA ALA C 491 -14.77 -51.27 0.07
C ALA C 491 -14.79 -50.86 1.55
N CYS C 492 -15.92 -50.31 1.98
CA CYS C 492 -16.09 -49.86 3.36
C CYS C 492 -16.53 -50.99 4.27
N ARG C 493 -17.33 -51.91 3.73
CA ARG C 493 -17.81 -53.05 4.49
C ARG C 493 -16.66 -54.02 4.77
N GLU C 494 -15.73 -54.13 3.84
CA GLU C 494 -14.57 -55.00 3.98
C GLU C 494 -13.75 -54.59 5.19
N ILE C 495 -13.44 -53.30 5.27
CA ILE C 495 -12.64 -52.76 6.37
C ILE C 495 -13.29 -53.08 7.72
N LEU C 496 -14.62 -53.08 7.76
CA LEU C 496 -15.40 -53.37 8.97
C LEU C 496 -15.65 -54.87 9.15
N GLU D 9 -1.50 18.96 36.80
CA GLU D 9 -2.52 17.96 37.22
C GLU D 9 -1.82 16.79 37.91
N GLY D 10 -2.57 16.03 38.72
CA GLY D 10 -1.98 14.90 39.42
C GLY D 10 -1.61 13.75 38.50
N ARG D 11 -2.14 13.79 37.28
CA ARG D 11 -1.90 12.76 36.27
C ARG D 11 -0.50 12.88 35.69
N ARG D 12 -0.11 14.11 35.35
CA ARG D 12 1.21 14.35 34.80
C ARG D 12 2.27 13.74 35.70
N GLU D 13 2.05 13.79 37.01
CA GLU D 13 3.03 13.21 37.95
C GLU D 13 3.07 11.71 37.75
N GLN D 14 1.89 11.11 37.68
CA GLN D 14 1.76 9.68 37.49
C GLN D 14 2.50 9.26 36.22
N LEU D 15 2.44 10.10 35.18
CA LEU D 15 3.12 9.80 33.91
C LEU D 15 4.64 9.97 34.07
N ILE D 16 5.06 11.11 34.61
CA ILE D 16 6.46 11.39 34.81
C ILE D 16 7.11 10.27 35.60
N ALA D 17 6.46 9.89 36.69
CA ALA D 17 6.97 8.82 37.54
C ALA D 17 7.04 7.51 36.74
N GLN D 18 6.11 7.33 35.81
CA GLN D 18 6.11 6.12 34.99
C GLN D 18 7.32 6.08 34.07
N VAL D 19 7.59 7.20 33.42
CA VAL D 19 8.72 7.29 32.51
C VAL D 19 10.04 7.10 33.29
N GLU D 20 10.13 7.71 34.47
CA GLU D 20 11.30 7.60 35.32
C GLU D 20 11.59 6.13 35.67
N SER D 21 10.54 5.38 35.97
CA SER D 21 10.64 3.96 36.31
C SER D 21 11.25 3.14 35.18
N ILE D 22 10.73 3.33 33.97
CA ILE D 22 11.22 2.61 32.81
C ILE D 22 12.69 2.92 32.57
N LEU D 23 13.05 4.19 32.66
CA LEU D 23 14.43 4.56 32.45
C LEU D 23 15.32 3.98 33.53
N ALA D 24 14.82 3.99 34.77
CA ALA D 24 15.59 3.48 35.90
C ALA D 24 15.78 1.97 35.87
N SER D 25 15.49 1.35 34.73
CA SER D 25 15.64 -0.10 34.60
C SER D 25 16.57 -0.42 33.45
N ALA D 26 17.20 0.61 32.89
CA ALA D 26 18.10 0.42 31.77
C ALA D 26 19.19 -0.60 32.10
N ALA D 27 19.34 -1.61 31.26
CA ALA D 27 20.36 -2.62 31.47
C ALA D 27 20.64 -3.29 30.14
N ASP D 28 21.90 -3.64 29.88
CA ASP D 28 22.26 -4.29 28.62
C ASP D 28 21.76 -3.55 27.39
N GLY D 29 21.88 -2.23 27.45
CA GLY D 29 21.46 -1.38 26.35
C GLY D 29 19.99 -1.44 26.02
N ARG D 30 19.13 -1.50 27.03
CA ARG D 30 17.70 -1.58 26.79
C ARG D 30 16.92 -1.35 28.07
N VAL D 31 15.72 -0.81 27.94
CA VAL D 31 14.90 -0.59 29.12
C VAL D 31 13.83 -1.67 29.17
N GLN D 32 13.24 -1.84 30.34
CA GLN D 32 12.21 -2.85 30.51
C GLN D 32 10.91 -2.23 31.05
N LYS D 33 9.78 -2.59 30.44
CA LYS D 33 8.50 -2.05 30.86
C LYS D 33 7.91 -2.95 31.95
N THR D 34 7.31 -2.33 32.96
CA THR D 34 6.70 -3.07 34.07
C THR D 34 5.17 -3.04 33.89
N LYS D 35 4.44 -3.86 34.63
CA LYS D 35 2.98 -3.89 34.50
C LYS D 35 2.33 -2.54 34.78
N GLU D 36 2.96 -1.75 35.64
CA GLU D 36 2.42 -0.44 36.00
C GLU D 36 2.70 0.67 35.00
N THR D 37 3.66 0.42 34.11
CA THR D 37 4.06 1.41 33.11
C THR D 37 3.92 0.86 31.68
N GLN D 38 3.14 -0.20 31.53
CA GLN D 38 2.93 -0.86 30.23
C GLN D 38 2.43 0.07 29.13
N SER D 39 1.54 0.99 29.50
CA SER D 39 0.93 1.94 28.56
C SER D 39 1.84 3.02 28.00
N VAL D 40 3.06 3.13 28.53
CA VAL D 40 3.99 4.13 28.03
C VAL D 40 4.21 3.78 26.56
N ASP D 41 4.48 4.80 25.75
CA ASP D 41 4.68 4.61 24.32
C ASP D 41 6.14 4.73 23.89
N PHE D 42 6.74 3.62 23.50
CA PHE D 42 8.13 3.63 23.04
C PHE D 42 8.17 3.98 21.55
N LYS D 43 8.86 5.06 21.19
CA LYS D 43 8.95 5.44 19.78
C LYS D 43 10.37 5.65 19.29
N GLU D 44 10.66 5.14 18.10
CA GLU D 44 11.99 5.27 17.51
C GLU D 44 12.00 6.37 16.45
N GLU D 45 12.95 7.31 16.54
CA GLU D 45 13.01 8.41 15.57
C GLU D 45 12.94 7.84 14.16
N ALA D 46 11.95 8.30 13.41
CA ALA D 46 11.73 7.85 12.06
C ALA D 46 12.86 8.26 11.11
N GLY D 47 12.92 7.58 9.97
CA GLY D 47 13.91 7.87 8.95
C GLY D 47 15.37 7.78 9.31
N ARG D 48 15.77 6.70 9.96
CA ARG D 48 17.17 6.52 10.34
C ARG D 48 17.63 5.08 10.30
N ARG D 49 16.75 4.19 9.85
CA ARG D 49 17.06 2.77 9.76
C ARG D 49 17.56 2.42 8.36
N ASN D 50 18.88 2.22 8.24
CA ASN D 50 19.51 1.88 6.97
C ASN D 50 20.00 0.43 7.04
N GLY D 51 19.05 -0.49 7.12
CA GLY D 51 19.40 -1.89 7.20
C GLY D 51 19.80 -2.27 8.62
N PRO D 52 21.02 -2.78 8.79
CA PRO D 52 21.52 -3.20 10.12
C PRO D 52 21.94 -2.02 11.00
N GLN D 53 22.71 -1.11 10.41
CA GLN D 53 23.24 0.07 11.09
C GLN D 53 22.16 1.16 11.14
N ILE D 54 22.38 2.17 11.97
CA ILE D 54 21.44 3.27 12.08
C ILE D 54 22.17 4.61 12.02
N GLU D 55 21.75 5.46 11.09
CA GLU D 55 22.39 6.76 10.94
C GLU D 55 22.36 7.60 12.20
N PRO D 56 23.31 8.54 12.31
CA PRO D 56 23.36 9.40 13.50
C PRO D 56 22.17 10.34 13.48
N GLY D 57 21.71 10.73 14.66
CA GLY D 57 20.57 11.62 14.74
C GLY D 57 20.92 13.07 14.50
N LYS D 58 20.00 13.79 13.86
CA LYS D 58 20.19 15.20 13.59
C LYS D 58 19.21 15.96 14.46
N PRO D 59 19.44 17.27 14.63
CA PRO D 59 18.57 18.12 15.44
C PRO D 59 17.20 18.35 14.79
N GLU D 60 17.17 18.42 13.46
CA GLU D 60 15.94 18.62 12.70
C GLU D 60 15.69 17.45 11.77
N ASN D 61 14.44 17.04 11.67
CA ASN D 61 14.04 15.93 10.80
C ASN D 61 12.53 15.98 10.55
N PRO D 62 12.13 16.71 9.51
CA PRO D 62 10.69 16.84 9.19
C PRO D 62 9.94 15.50 9.02
N GLU D 63 10.65 14.44 8.66
CA GLU D 63 10.03 13.13 8.49
C GLU D 63 9.54 12.59 9.84
N ALA D 64 10.45 12.51 10.81
CA ALA D 64 10.13 12.03 12.14
C ALA D 64 9.13 12.97 12.80
N ALA D 65 9.22 14.25 12.47
CA ALA D 65 8.31 15.25 13.02
C ALA D 65 6.91 14.80 12.66
N ASP D 66 6.72 14.45 11.39
CA ASP D 66 5.43 13.98 10.91
C ASP D 66 4.96 12.77 11.71
N LYS D 67 5.66 11.64 11.59
CA LYS D 67 5.28 10.42 12.32
C LYS D 67 4.92 10.68 13.78
N LEU D 68 5.82 11.38 14.49
CA LEU D 68 5.61 11.70 15.89
C LEU D 68 4.36 12.57 16.08
N ALA D 69 4.10 13.45 15.12
CA ALA D 69 2.94 14.30 15.22
C ALA D 69 1.68 13.41 15.29
N ASP D 70 1.62 12.43 14.38
CA ASP D 70 0.51 11.47 14.29
C ASP D 70 0.37 10.75 15.64
N GLU D 71 1.44 10.10 16.07
CA GLU D 71 1.43 9.37 17.33
C GLU D 71 0.91 10.24 18.49
N VAL D 72 1.38 11.48 18.55
CA VAL D 72 0.96 12.40 19.60
C VAL D 72 -0.55 12.60 19.48
N ALA D 73 -1.06 12.65 18.25
CA ALA D 73 -2.50 12.80 18.03
C ALA D 73 -3.23 11.57 18.59
N CYS D 74 -2.66 10.37 18.40
CA CYS D 74 -3.30 9.16 18.93
C CYS D 74 -3.51 9.30 20.41
N MSE D 75 -2.41 9.59 21.09
CA MSE D 75 -2.39 9.73 22.53
C MSE D 75 -3.38 10.75 23.02
O MSE D 75 -4.17 10.49 23.92
CB MSE D 75 -0.99 10.13 22.99
CG MSE D 75 -0.80 9.82 24.44
SE MSE D 75 -0.70 7.93 24.72
CE MSE D 75 -2.43 7.56 25.52
N ALA D 76 -3.31 11.94 22.41
CA ALA D 76 -4.18 13.03 22.77
C ALA D 76 -5.64 12.62 22.64
N ASN D 77 -5.96 11.88 21.58
CA ASN D 77 -7.31 11.41 21.34
C ASN D 77 -7.80 10.40 22.38
N THR D 78 -6.90 9.55 22.89
CA THR D 78 -7.30 8.57 23.89
C THR D 78 -7.42 9.16 25.28
N PRO D 79 -8.58 8.99 25.94
CA PRO D 79 -8.80 9.53 27.29
C PRO D 79 -7.68 9.22 28.27
N GLY D 80 -7.30 10.25 29.00
CA GLY D 80 -6.25 10.11 29.99
C GLY D 80 -4.88 10.42 29.42
N GLY D 81 -4.81 10.63 28.11
CA GLY D 81 -3.53 10.93 27.50
C GLY D 81 -2.48 9.86 27.78
N GLY D 82 -1.22 10.24 27.65
CA GLY D 82 -0.11 9.31 27.88
C GLY D 82 1.24 9.96 27.64
N ALA D 83 2.28 9.16 27.82
CA ALA D 83 3.63 9.64 27.65
C ALA D 83 4.36 8.81 26.62
N LEU D 84 5.19 9.46 25.81
CA LEU D 84 5.97 8.78 24.79
C LEU D 84 7.44 8.96 25.07
N ILE D 85 8.23 7.90 24.86
CA ILE D 85 9.67 8.02 25.04
C ILE D 85 10.27 7.86 23.64
N VAL D 86 10.63 8.98 23.03
CA VAL D 86 11.20 8.94 21.70
C VAL D 86 12.69 8.61 21.84
N GLY D 87 13.14 7.55 21.17
CA GLY D 87 14.55 7.18 21.24
C GLY D 87 14.75 5.73 21.66
N ILE D 88 13.63 5.02 21.81
CA ILE D 88 13.63 3.62 22.23
C ILE D 88 12.82 2.77 21.25
N GLU D 89 13.40 1.64 20.86
CA GLU D 89 12.76 0.73 19.92
C GLU D 89 11.45 0.19 20.45
N ASP D 90 10.58 -0.21 19.53
CA ASP D 90 9.28 -0.72 19.89
C ASP D 90 9.28 -2.21 20.22
N LYS D 91 8.61 -2.56 21.32
CA LYS D 91 8.48 -3.93 21.80
C LYS D 91 9.75 -4.46 22.45
N THR D 92 10.90 -4.21 21.84
CA THR D 92 12.18 -4.65 22.37
C THR D 92 12.59 -3.77 23.54
N GLY D 93 12.52 -2.45 23.32
CA GLY D 93 12.85 -1.50 24.37
C GLY D 93 14.32 -1.14 24.37
N ARG D 94 15.01 -1.43 23.27
CA ARG D 94 16.43 -1.10 23.20
C ARG D 94 16.66 0.37 22.92
N ILE D 95 17.63 0.94 23.62
CA ILE D 95 17.95 2.35 23.47
C ILE D 95 18.54 2.69 22.12
N ILE D 96 17.88 3.59 21.38
CA ILE D 96 18.37 4.03 20.09
C ILE D 96 18.88 5.47 20.19
N GLY D 97 18.14 6.34 20.89
CA GLY D 97 18.58 7.71 21.04
C GLY D 97 17.98 8.67 20.05
N THR D 98 18.03 9.96 20.37
CA THR D 98 17.48 11.01 19.51
C THR D 98 18.12 12.35 19.79
N GLU D 99 18.55 13.03 18.73
CA GLU D 99 19.18 14.33 18.89
C GLU D 99 18.23 15.44 18.49
N LEU D 100 16.97 15.10 18.28
CA LEU D 100 15.97 16.09 17.91
C LEU D 100 15.95 17.27 18.87
N ASP D 101 15.78 18.46 18.33
CA ASP D 101 15.75 19.69 19.12
C ASP D 101 14.37 19.90 19.74
N ILE D 102 14.33 19.99 21.07
CA ILE D 102 13.07 20.18 21.78
C ILE D 102 12.19 21.29 21.19
N ASP D 103 12.67 22.52 21.25
CA ASP D 103 11.91 23.65 20.74
C ASP D 103 11.45 23.47 19.30
N TRP D 104 12.30 22.87 18.45
CA TRP D 104 11.96 22.65 17.05
C TRP D 104 10.81 21.64 16.89
N LEU D 105 11.01 20.48 17.51
CA LEU D 105 10.01 19.42 17.47
C LEU D 105 8.69 19.97 18.01
N ARG D 106 8.70 20.56 19.20
CA ARG D 106 7.48 21.11 19.75
C ARG D 106 6.77 21.99 18.73
N GLN D 107 7.49 22.97 18.17
CA GLN D 107 6.90 23.84 17.17
C GLN D 107 6.36 23.01 16.01
N GLY D 108 7.23 22.18 15.44
CA GLY D 108 6.84 21.32 14.34
C GLY D 108 5.55 20.57 14.61
N ILE D 109 5.48 19.83 15.70
CA ILE D 109 4.28 19.09 16.03
C ILE D 109 3.12 20.07 16.13
N PHE D 110 3.27 21.08 16.99
CA PHE D 110 2.22 22.07 17.15
C PHE D 110 1.67 22.58 15.83
N THR D 111 2.55 22.85 14.86
CA THR D 111 2.12 23.38 13.56
C THR D 111 1.30 22.41 12.75
N ARG D 112 1.56 21.13 12.91
CA ARG D 112 0.82 20.16 12.12
C ARG D 112 -0.28 19.40 12.83
N ILE D 113 -0.41 19.60 14.13
CA ILE D 113 -1.42 18.85 14.85
C ILE D 113 -2.25 19.78 15.75
N ASP D 114 -1.81 21.04 15.84
CA ASP D 114 -2.44 22.07 16.64
C ASP D 114 -2.31 21.85 18.14
N VAL D 115 -1.28 21.10 18.55
CA VAL D 115 -1.04 20.83 19.97
C VAL D 115 0.46 20.70 20.27
N ALA D 116 0.92 21.35 21.34
CA ALA D 116 2.34 21.28 21.71
C ALA D 116 2.52 20.58 23.06
N PRO D 117 2.77 19.26 23.02
CA PRO D 117 2.97 18.45 24.22
C PRO D 117 4.27 18.78 24.94
N ASP D 118 4.26 18.71 26.27
CA ASP D 118 5.45 18.99 27.03
C ASP D 118 6.46 17.90 26.76
N VAL D 119 7.59 18.27 26.18
CA VAL D 119 8.66 17.31 25.86
C VAL D 119 9.94 17.63 26.64
N VAL D 120 10.38 16.68 27.47
CA VAL D 120 11.57 16.86 28.29
C VAL D 120 12.68 15.89 27.89
N ALA D 121 13.94 16.31 28.04
CA ALA D 121 15.05 15.44 27.69
C ALA D 121 15.48 14.60 28.89
N LYS D 122 15.89 13.37 28.61
CA LYS D 122 16.36 12.45 29.63
C LYS D 122 17.54 11.70 29.04
N ARG D 123 18.33 11.07 29.90
CA ARG D 123 19.48 10.31 29.43
C ARG D 123 19.59 8.99 30.15
N VAL D 124 19.62 7.90 29.37
CA VAL D 124 19.73 6.56 29.94
C VAL D 124 21.17 6.06 30.04
N LEU D 125 21.50 5.04 29.25
CA LEU D 125 22.86 4.52 29.30
C LEU D 125 23.76 5.49 28.56
N GLY D 126 23.57 6.77 28.84
CA GLY D 126 24.36 7.80 28.21
C GLY D 126 23.72 8.24 26.91
N GLN D 127 22.60 7.63 26.56
CA GLN D 127 21.88 7.97 25.33
C GLN D 127 20.81 9.03 25.57
N ARG D 128 20.52 9.84 24.55
CA ARG D 128 19.50 10.89 24.69
C ARG D 128 18.13 10.44 24.21
N VAL D 129 17.12 10.74 25.01
CA VAL D 129 15.75 10.39 24.67
C VAL D 129 14.80 11.52 25.05
N LEU D 130 13.73 11.65 24.28
CA LEU D 130 12.75 12.69 24.54
C LEU D 130 11.54 12.05 25.19
N ALA D 131 11.12 12.62 26.31
CA ALA D 131 9.95 12.11 27.00
C ALA D 131 8.85 13.10 26.69
N ILE D 132 7.97 12.76 25.76
CA ILE D 132 6.88 13.65 25.41
C ILE D 132 5.64 13.31 26.23
N TYR D 133 5.12 14.29 26.97
CA TYR D 133 3.94 14.09 27.79
C TYR D 133 2.75 14.77 27.12
N VAL D 134 1.71 14.00 26.78
CA VAL D 134 0.55 14.58 26.14
C VAL D 134 -0.74 14.41 26.94
N ALA D 135 -1.46 15.52 27.09
CA ALA D 135 -2.72 15.55 27.82
C ALA D 135 -3.90 15.24 26.91
N ALA D 136 -4.88 14.53 27.46
CA ALA D 136 -6.08 14.17 26.70
C ALA D 136 -6.69 15.47 26.18
N ALA D 137 -7.05 15.49 24.90
CA ALA D 137 -7.62 16.67 24.27
C ALA D 137 -9.07 16.91 24.63
N ALA D 138 -9.51 18.15 24.58
CA ALA D 138 -10.89 18.49 24.91
C ALA D 138 -11.79 18.17 23.72
N GLU D 139 -11.16 17.88 22.59
CA GLU D 139 -11.90 17.56 21.38
C GLU D 139 -11.00 16.79 20.47
N PRO D 140 -11.58 15.94 19.62
CA PRO D 140 -10.77 15.14 18.71
C PRO D 140 -9.72 15.92 17.93
N ILE D 141 -8.51 15.38 17.91
CA ILE D 141 -7.36 15.95 17.23
C ILE D 141 -7.09 15.10 15.99
N GLU D 142 -7.34 15.65 14.80
CA GLU D 142 -7.09 14.90 13.57
C GLU D 142 -5.60 15.02 13.25
N ASP D 143 -4.94 13.89 12.95
CA ASP D 143 -3.51 13.90 12.64
C ASP D 143 -3.18 14.49 11.27
N THR D 144 -1.95 14.31 10.81
CA THR D 144 -1.50 14.87 9.54
C THR D 144 -2.23 14.34 8.31
N SER D 145 -2.77 13.12 8.42
CA SER D 145 -3.48 12.49 7.32
C SER D 145 -4.97 12.74 7.41
N ASP D 146 -5.36 13.65 8.30
CA ASP D 146 -6.77 14.01 8.47
C ASP D 146 -7.60 12.89 9.06
N ARG D 147 -6.96 12.02 9.84
CA ARG D 147 -7.68 10.90 10.43
C ARG D 147 -7.75 10.99 11.93
N LEU D 148 -8.83 10.45 12.48
CA LEU D 148 -9.05 10.48 13.91
C LEU D 148 -8.92 9.10 14.58
N ARG D 149 -7.79 8.84 15.24
CA ARG D 149 -7.56 7.57 15.90
C ARG D 149 -6.97 7.70 17.31
N TRP D 150 -7.20 6.70 18.15
CA TRP D 150 -6.68 6.74 19.51
C TRP D 150 -5.91 5.48 19.91
N ARG D 151 -5.19 5.54 21.03
CA ARG D 151 -4.39 4.40 21.50
C ARG D 151 -5.22 3.22 22.02
N VAL D 152 -4.81 2.02 21.62
CA VAL D 152 -5.48 0.82 22.11
C VAL D 152 -4.42 -0.06 22.77
N GLY D 153 -3.88 -1.03 22.06
CA GLY D 153 -2.87 -1.85 22.70
C GLY D 153 -1.62 -1.01 22.82
N ASP D 154 -0.69 -1.32 21.95
CA ASP D 154 0.57 -0.62 21.86
C ASP D 154 0.43 0.17 20.59
N SER D 155 -0.43 -0.34 19.73
CA SER D 155 -0.71 0.28 18.45
C SER D 155 -2.01 1.04 18.63
N CYS D 156 -2.28 2.00 17.75
CA CYS D 156 -3.50 2.76 17.87
C CYS D 156 -4.38 2.76 16.62
N ARG D 157 -5.59 2.23 16.79
CA ARG D 157 -6.59 2.10 15.74
C ARG D 157 -7.55 3.29 15.64
N PRO D 158 -8.23 3.45 14.49
CA PRO D 158 -9.19 4.54 14.24
C PRO D 158 -10.46 4.49 15.08
N VAL D 159 -11.16 5.63 15.14
CA VAL D 159 -12.43 5.76 15.86
C VAL D 159 -13.34 6.80 15.25
N ASP D 160 -14.65 6.52 15.28
CA ASP D 160 -15.65 7.47 14.77
C ASP D 160 -15.95 8.52 15.83
N ARG D 161 -16.28 9.71 15.37
CA ARG D 161 -16.58 10.85 16.24
C ARG D 161 -17.70 10.52 17.25
N ALA D 162 -18.64 9.66 16.85
CA ALA D 162 -19.76 9.29 17.72
C ALA D 162 -19.28 8.53 18.93
N GLU D 163 -18.37 7.60 18.73
CA GLU D 163 -17.86 6.81 19.84
C GLU D 163 -16.83 7.61 20.64
N TRP D 164 -15.98 8.35 19.96
CA TRP D 164 -14.96 9.14 20.65
C TRP D 164 -15.62 10.06 21.68
N TRP D 165 -16.70 10.73 21.29
CA TRP D 165 -17.38 11.62 22.21
C TRP D 165 -18.06 10.96 23.37
N GLU D 166 -18.79 9.87 23.15
CA GLU D 166 -19.46 9.20 24.27
C GLU D 166 -18.44 8.79 25.32
N TYR D 167 -17.21 8.53 24.90
CA TYR D 167 -16.16 8.15 25.82
C TYR D 167 -15.56 9.36 26.50
N GLN D 168 -15.58 10.49 25.82
CA GLN D 168 -15.05 11.71 26.42
C GLN D 168 -16.05 12.22 27.46
N ARG D 169 -17.34 12.05 27.20
CA ARG D 169 -18.36 12.51 28.14
C ARG D 169 -18.33 11.69 29.42
N ALA D 170 -17.66 10.55 29.37
CA ALA D 170 -17.62 9.67 30.52
C ALA D 170 -16.37 9.73 31.35
N GLN D 171 -15.21 9.85 30.72
CA GLN D 171 -13.99 9.89 31.50
C GLN D 171 -13.01 10.99 31.19
N SER D 172 -13.53 12.12 30.72
CA SER D 172 -12.70 13.27 30.40
C SER D 172 -13.26 14.54 31.06
N GLY D 173 -12.56 15.66 30.86
CA GLY D 173 -12.99 16.93 31.42
C GLY D 173 -14.40 17.28 30.98
N PHE D 174 -14.99 18.27 31.64
CA PHE D 174 -16.35 18.66 31.28
C PHE D 174 -16.37 19.63 30.12
N ASP D 175 -17.21 19.32 29.12
CA ASP D 175 -17.39 20.18 27.95
C ASP D 175 -18.86 20.57 27.94
N PRO D 176 -19.16 21.78 28.41
CA PRO D 176 -20.54 22.26 28.47
C PRO D 176 -21.38 22.05 27.21
N MSE D 177 -20.70 21.96 26.06
CA MSE D 177 -21.37 21.81 24.77
C MSE D 177 -21.59 20.34 24.36
O MSE D 177 -22.34 20.06 23.42
CB MSE D 177 -20.56 22.53 23.71
CG MSE D 177 -21.37 23.11 22.55
SE MSE D 177 -22.62 24.48 23.12
CE MSE D 177 -21.77 26.03 22.34
N ALA D 178 -20.94 19.41 25.07
CA ALA D 178 -21.07 17.99 24.78
C ALA D 178 -22.15 17.37 25.65
N GLN D 179 -22.51 18.06 26.73
CA GLN D 179 -23.53 17.60 27.66
C GLN D 179 -24.79 17.17 26.90
N VAL D 180 -25.50 16.17 27.42
CA VAL D 180 -26.71 15.68 26.77
C VAL D 180 -27.92 16.56 27.04
N THR D 181 -28.68 16.86 26.00
CA THR D 181 -29.87 17.69 26.15
C THR D 181 -31.09 16.80 26.06
N THR D 182 -32.26 17.42 26.07
CA THR D 182 -33.50 16.66 25.98
C THR D 182 -34.04 16.70 24.57
N ALA D 183 -33.22 17.17 23.64
CA ALA D 183 -33.66 17.25 22.25
C ALA D 183 -33.39 15.92 21.52
N THR D 184 -34.30 15.53 20.65
CA THR D 184 -34.16 14.28 19.90
C THR D 184 -34.09 14.52 18.41
N LEU D 185 -34.06 13.42 17.66
CA LEU D 185 -33.99 13.49 16.21
C LEU D 185 -35.14 14.29 15.60
N GLY D 186 -36.31 14.22 16.22
CA GLY D 186 -37.47 14.96 15.70
C GLY D 186 -37.34 16.47 15.80
N ASP D 187 -36.65 16.93 16.83
CA ASP D 187 -36.45 18.34 17.05
C ASP D 187 -35.52 18.95 16.00
N ALA D 188 -34.75 18.12 15.29
CA ALA D 188 -33.84 18.64 14.27
C ALA D 188 -34.64 19.20 13.08
N ARG D 189 -34.29 20.40 12.64
CA ARG D 189 -35.02 21.00 11.52
C ARG D 189 -34.55 20.45 10.18
N PRO D 190 -35.50 19.94 9.38
CA PRO D 190 -35.20 19.37 8.06
C PRO D 190 -34.45 20.35 7.15
N ALA D 191 -34.65 21.64 7.37
CA ALA D 191 -33.97 22.66 6.55
C ALA D 191 -32.51 22.74 7.01
N ALA D 192 -32.31 22.63 8.32
CA ALA D 192 -30.98 22.67 8.90
C ALA D 192 -30.16 21.50 8.33
N LEU D 193 -30.75 20.31 8.32
CA LEU D 193 -30.09 19.12 7.78
C LEU D 193 -29.84 19.30 6.30
N ALA D 194 -30.82 19.85 5.61
CA ALA D 194 -30.68 20.09 4.18
C ALA D 194 -29.44 20.93 3.91
N LEU D 195 -29.10 21.84 4.82
CA LEU D 195 -27.93 22.70 4.63
C LEU D 195 -26.66 21.92 4.86
N ALA D 196 -26.67 21.10 5.91
CA ALA D 196 -25.50 20.27 6.21
C ALA D 196 -25.21 19.41 5.00
N ARG D 197 -26.27 18.89 4.36
CA ARG D 197 -26.10 18.06 3.17
C ARG D 197 -25.58 18.79 1.94
N LYS D 198 -25.84 20.09 1.83
CA LYS D 198 -25.34 20.79 0.65
C LYS D 198 -23.89 21.20 0.85
N TRP D 199 -23.53 21.60 2.06
CA TRP D 199 -22.15 22.00 2.31
C TRP D 199 -21.23 20.81 2.36
N ASP D 200 -21.78 19.61 2.40
CA ASP D 200 -20.95 18.41 2.41
C ASP D 200 -21.70 17.30 1.71
N PRO D 201 -21.32 17.00 0.47
CA PRO D 201 -21.95 15.94 -0.31
C PRO D 201 -21.72 14.56 0.26
N ALA D 202 -20.81 14.46 1.22
CA ALA D 202 -20.52 13.16 1.83
C ALA D 202 -21.73 12.62 2.59
N PHE D 203 -22.46 13.51 3.26
CA PHE D 203 -23.63 13.09 4.02
C PHE D 203 -24.82 12.73 3.14
N ALA D 204 -24.68 12.94 1.84
CA ALA D 204 -25.77 12.64 0.93
C ALA D 204 -26.16 11.16 0.84
N GLU D 205 -25.31 10.28 1.35
CA GLU D 205 -25.63 8.85 1.30
C GLU D 205 -26.28 8.31 2.56
N LEU D 206 -26.33 9.11 3.60
CA LEU D 206 -26.89 8.63 4.85
C LEU D 206 -28.12 9.38 5.35
N THR D 207 -28.89 8.73 6.20
CA THR D 207 -30.11 9.30 6.73
C THR D 207 -29.86 10.44 7.70
N ASP D 208 -30.91 11.22 7.94
CA ASP D 208 -30.86 12.33 8.88
C ASP D 208 -30.30 11.80 10.19
N GLU D 209 -30.73 10.58 10.55
CA GLU D 209 -30.29 9.93 11.79
C GLU D 209 -28.80 9.61 11.81
N GLU D 210 -28.35 8.77 10.89
CA GLU D 210 -26.94 8.42 10.89
C GLU D 210 -26.07 9.64 10.65
N LEU D 211 -26.63 10.65 9.99
CA LEU D 211 -25.88 11.89 9.75
C LEU D 211 -25.56 12.52 11.11
N LEU D 212 -26.60 12.91 11.85
CA LEU D 212 -26.39 13.53 13.16
C LEU D 212 -25.46 12.70 14.05
N ARG D 213 -25.69 11.39 14.10
CA ARG D 213 -24.86 10.49 14.90
C ARG D 213 -23.43 10.47 14.37
N GLY D 214 -23.30 10.49 13.05
CA GLY D 214 -21.98 10.46 12.45
C GLY D 214 -21.10 11.63 12.83
N ILE D 215 -21.67 12.83 12.88
CA ILE D 215 -20.91 14.03 13.22
C ILE D 215 -20.65 14.14 14.72
N GLY D 216 -21.17 13.18 15.47
CA GLY D 216 -21.00 13.17 16.91
C GLY D 216 -21.97 14.12 17.58
N ALA D 217 -23.19 14.22 17.05
CA ALA D 217 -24.15 15.11 17.66
C ALA D 217 -25.29 14.35 18.30
N LEU D 218 -25.61 13.20 17.72
CA LEU D 218 -26.69 12.37 18.20
C LEU D 218 -26.16 11.25 19.07
N ASP D 219 -26.67 11.23 20.30
CA ASP D 219 -26.32 10.25 21.32
C ASP D 219 -26.61 8.82 20.90
N ALA D 220 -26.30 7.88 21.78
CA ALA D 220 -26.59 6.49 21.50
C ALA D 220 -28.01 6.23 22.04
N GLU D 221 -28.52 7.17 22.84
CA GLU D 221 -29.87 7.07 23.39
C GLU D 221 -30.84 7.76 22.44
N GLY D 222 -30.30 8.62 21.57
CA GLY D 222 -31.11 9.35 20.62
C GLY D 222 -31.28 10.81 21.03
N PHE D 223 -30.32 11.29 21.83
CA PHE D 223 -30.34 12.66 22.32
C PHE D 223 -29.24 13.57 21.77
N LEU D 224 -29.64 14.67 21.16
CA LEU D 224 -28.69 15.64 20.62
C LEU D 224 -27.88 16.26 21.73
N SER D 225 -26.61 16.51 21.45
CA SER D 225 -25.73 17.14 22.42
C SER D 225 -26.12 18.61 22.47
N GLN D 226 -25.55 19.32 23.43
CA GLN D 226 -25.83 20.74 23.58
C GLN D 226 -25.54 21.40 22.24
N ALA D 227 -24.40 21.05 21.65
CA ALA D 227 -24.01 21.58 20.37
C ALA D 227 -25.00 21.12 19.31
N GLY D 228 -25.28 19.83 19.29
CA GLY D 228 -26.20 19.27 18.33
C GLY D 228 -27.51 20.03 18.33
N LYS D 229 -28.01 20.32 19.52
CA LYS D 229 -29.27 21.05 19.67
C LYS D 229 -29.17 22.49 19.11
N LEU D 230 -28.09 23.18 19.49
CA LEU D 230 -27.84 24.58 19.06
C LEU D 230 -27.73 24.73 17.55
N LEU D 231 -27.11 23.75 16.91
CA LEU D 231 -26.91 23.78 15.48
C LEU D 231 -28.08 23.27 14.66
N PHE D 232 -28.77 22.22 15.11
CA PHE D 232 -29.86 21.72 14.30
C PHE D 232 -31.27 21.99 14.80
N THR D 233 -31.40 22.90 15.74
CA THR D 233 -32.70 23.23 16.31
C THR D 233 -32.85 24.73 16.51
N SER D 234 -34.08 25.23 16.39
CA SER D 234 -34.30 26.66 16.57
C SER D 234 -33.92 27.10 17.98
N LEU D 235 -33.07 28.11 18.08
CA LEU D 235 -32.68 28.57 19.41
C LEU D 235 -33.67 29.62 19.90
N ASP D 236 -34.78 29.74 19.19
CA ASP D 236 -35.84 30.67 19.56
C ASP D 236 -35.38 32.10 19.82
N ARG D 237 -34.20 32.44 19.31
CA ARG D 237 -33.69 33.79 19.47
C ARG D 237 -32.72 34.17 18.36
N THR D 238 -32.30 35.43 18.35
CA THR D 238 -31.38 35.88 17.32
C THR D 238 -29.96 35.51 17.66
N ALA D 239 -29.33 34.79 16.74
CA ALA D 239 -27.96 34.37 16.93
C ALA D 239 -27.05 35.47 16.40
N ILE D 240 -27.23 35.82 15.13
CA ILE D 240 -26.41 36.84 14.54
C ILE D 240 -27.29 37.71 13.63
N GLU D 241 -27.05 39.01 13.63
CA GLU D 241 -27.82 39.92 12.80
C GLU D 241 -26.94 40.89 12.06
N LEU D 242 -27.38 41.30 10.88
CA LEU D 242 -26.66 42.23 10.03
C LEU D 242 -27.33 43.60 9.96
N SER D 243 -26.52 44.65 10.00
CA SER D 243 -27.01 46.03 9.91
C SER D 243 -26.10 46.83 9.01
N ILE D 244 -26.62 47.21 7.85
CA ILE D 244 -25.88 47.97 6.85
C ILE D 244 -25.89 49.46 7.16
N PHE D 245 -24.72 50.08 7.16
CA PHE D 245 -24.55 51.49 7.43
C PHE D 245 -24.10 52.22 6.16
N ASP D 246 -24.00 53.55 6.25
CA ASP D 246 -23.56 54.34 5.10
C ASP D 246 -22.15 54.87 5.36
N VAL D 247 -21.91 55.28 6.61
CA VAL D 247 -20.60 55.80 7.01
C VAL D 247 -20.47 55.70 8.53
N HIS D 248 -19.29 55.29 8.99
CA HIS D 248 -19.04 55.13 10.42
C HIS D 248 -19.53 56.34 11.19
N GLY D 249 -20.50 56.11 12.07
CA GLY D 249 -21.05 57.19 12.87
C GLY D 249 -22.57 57.27 12.86
N GLY D 250 -23.21 56.28 12.26
CA GLY D 250 -24.67 56.26 12.20
C GLY D 250 -25.16 56.17 10.76
N GLN D 251 -26.48 56.21 10.59
CA GLN D 251 -27.14 56.14 9.28
C GLN D 251 -27.41 54.69 8.90
N VAL D 252 -28.41 54.09 9.54
CA VAL D 252 -28.77 52.69 9.29
C VAL D 252 -29.62 52.53 8.03
N LEU D 253 -28.99 52.35 6.87
CA LEU D 253 -29.72 52.18 5.61
C LEU D 253 -30.75 51.05 5.67
N ASN D 254 -30.34 49.92 6.23
CA ASN D 254 -31.22 48.77 6.36
C ASN D 254 -30.54 47.65 7.15
N ARG D 255 -31.34 46.88 7.90
CA ARG D 255 -30.81 45.78 8.68
C ARG D 255 -31.66 44.52 8.45
N VAL D 256 -30.99 43.38 8.35
CA VAL D 256 -31.65 42.10 8.13
C VAL D 256 -31.32 41.12 9.25
N VAL D 257 -32.37 40.66 9.92
CA VAL D 257 -32.21 39.73 11.02
C VAL D 257 -32.99 38.46 10.76
N PRO D 258 -32.32 37.31 10.91
CA PRO D 258 -32.96 36.02 10.69
C PRO D 258 -34.07 35.78 11.70
N GLU D 259 -35.05 34.97 11.31
CA GLU D 259 -36.18 34.64 12.18
C GLU D 259 -35.67 33.87 13.40
N PRO D 260 -36.21 34.20 14.59
CA PRO D 260 -35.85 33.57 15.87
C PRO D 260 -36.03 32.05 15.96
N GLU D 261 -36.97 31.50 15.19
CA GLU D 261 -37.20 30.06 15.23
C GLU D 261 -36.33 29.29 14.24
N LYS D 262 -35.15 29.83 13.95
CA LYS D 262 -34.22 29.17 13.04
C LYS D 262 -33.05 28.59 13.82
N SER D 263 -32.36 27.62 13.21
CA SER D 263 -31.20 26.97 13.84
C SER D 263 -29.98 27.82 13.55
N CYS D 264 -28.86 27.51 14.19
CA CYS D 264 -27.67 28.30 13.96
C CYS D 264 -27.11 28.18 12.55
N LEU D 265 -27.27 27.01 11.97
CA LEU D 265 -26.80 26.78 10.63
C LEU D 265 -27.68 27.60 9.71
N GLU D 266 -28.98 27.63 10.01
CA GLU D 266 -29.91 28.40 9.20
C GLU D 266 -29.60 29.88 9.32
N GLN D 267 -29.64 30.37 10.55
CA GLN D 267 -29.36 31.77 10.82
C GLN D 267 -28.01 32.18 10.26
N LEU D 268 -27.05 31.27 10.27
CA LEU D 268 -25.75 31.58 9.71
C LEU D 268 -25.86 31.73 8.19
N ASP D 269 -26.49 30.75 7.54
CA ASP D 269 -26.62 30.81 6.09
C ASP D 269 -27.39 32.05 5.70
N TYR D 270 -28.54 32.26 6.32
CA TYR D 270 -29.35 33.41 6.00
C TYR D 270 -28.48 34.68 6.02
N LEU D 271 -27.62 34.78 7.04
CA LEU D 271 -26.73 35.92 7.19
C LEU D 271 -25.69 35.95 6.07
N GLU D 272 -25.20 34.78 5.67
CA GLU D 272 -24.21 34.74 4.60
C GLU D 272 -24.89 35.13 3.28
N GLN D 273 -26.19 34.88 3.18
CA GLN D 273 -26.97 35.21 1.99
C GLN D 273 -26.92 36.70 1.73
N ALA D 274 -27.30 37.45 2.75
CA ALA D 274 -27.34 38.91 2.68
C ALA D 274 -25.94 39.43 2.45
N LEU D 275 -25.04 39.12 3.36
CA LEU D 275 -23.66 39.57 3.26
C LEU D 275 -23.11 39.40 1.85
N ASN D 276 -23.63 38.43 1.12
CA ASN D 276 -23.17 38.16 -0.24
C ASN D 276 -23.60 39.28 -1.19
N VAL D 277 -24.84 39.73 -1.00
CA VAL D 277 -25.39 40.80 -1.83
C VAL D 277 -24.70 42.12 -1.53
N VAL D 278 -24.56 42.40 -0.24
CA VAL D 278 -23.93 43.63 0.25
C VAL D 278 -22.46 43.74 -0.17
N ASN D 279 -21.81 42.59 -0.32
CA ASN D 279 -20.41 42.57 -0.73
C ASN D 279 -20.33 42.88 -2.23
N LYS D 280 -21.05 43.95 -2.61
CA LYS D 280 -21.16 44.45 -3.99
C LYS D 280 -20.32 43.78 -5.07
N ASN D 281 -19.05 44.16 -5.19
CA ASN D 281 -18.18 43.60 -6.23
C ASN D 281 -18.42 44.35 -7.55
N VAL D 293 -14.52 40.64 -8.81
CA VAL D 293 -13.84 40.61 -7.51
C VAL D 293 -14.57 41.45 -6.45
N PRO D 294 -15.10 40.81 -5.40
CA PRO D 294 -15.82 41.49 -4.32
C PRO D 294 -14.94 42.37 -3.44
N GLU D 295 -15.53 43.43 -2.89
CA GLU D 295 -14.82 44.37 -2.04
C GLU D 295 -13.97 43.62 -1.03
N ILE D 296 -14.62 42.89 -0.14
CA ILE D 296 -13.89 42.10 0.85
C ILE D 296 -13.84 40.66 0.34
N PRO D 297 -12.67 40.01 0.47
CA PRO D 297 -12.56 38.62 0.01
C PRO D 297 -13.58 37.69 0.67
N ARG D 298 -14.43 37.07 -0.16
CA ARG D 298 -15.47 36.16 0.30
C ARG D 298 -15.08 35.27 1.48
N LEU D 299 -13.87 34.71 1.42
CA LEU D 299 -13.36 33.83 2.46
C LEU D 299 -13.24 34.48 3.83
N ALA D 300 -12.46 35.56 3.88
CA ALA D 300 -12.23 36.31 5.12
C ALA D 300 -13.55 36.67 5.76
N VAL D 301 -14.52 37.04 4.94
CA VAL D 301 -15.82 37.41 5.47
C VAL D 301 -16.41 36.19 6.13
N ARG D 302 -16.59 35.12 5.37
CA ARG D 302 -17.18 33.90 5.90
C ARG D 302 -16.42 33.41 7.13
N GLU D 303 -15.09 33.45 7.07
CA GLU D 303 -14.28 33.01 8.19
C GLU D 303 -14.60 33.80 9.45
N ALA D 304 -14.39 35.11 9.38
CA ALA D 304 -14.68 35.99 10.50
C ALA D 304 -16.07 35.70 11.05
N MSE D 305 -16.98 35.39 10.15
CA MSE D 305 -18.36 35.11 10.52
C MSE D 305 -18.49 33.93 11.46
O MSE D 305 -18.70 34.10 12.66
CB MSE D 305 -19.19 34.82 9.27
CG MSE D 305 -19.51 36.03 8.43
SE MSE D 305 -21.07 36.95 9.06
CE MSE D 305 -22.38 36.23 7.81
N LEU D 306 -18.36 32.74 10.92
CA LEU D 306 -18.50 31.56 11.74
C LEU D 306 -17.50 31.49 12.87
N ASN D 307 -16.37 32.19 12.70
CA ASN D 307 -15.36 32.20 13.76
C ASN D 307 -15.97 32.82 15.02
N ALA D 308 -16.81 33.83 14.81
CA ALA D 308 -17.48 34.46 15.93
C ALA D 308 -18.60 33.50 16.35
N MSE D 309 -19.21 32.87 15.36
CA MSE D 309 -20.30 31.93 15.58
C MSE D 309 -19.90 30.73 16.44
O MSE D 309 -20.72 30.14 17.14
CB MSE D 309 -20.79 31.45 14.22
CG MSE D 309 -22.16 30.82 14.25
SE MSE D 309 -23.58 32.13 14.45
CE MSE D 309 -23.88 32.46 12.57
N ILE D 310 -18.63 30.37 16.40
CA ILE D 310 -18.11 29.24 17.17
C ILE D 310 -17.51 29.66 18.52
N HIS D 311 -16.93 30.85 18.59
CA HIS D 311 -16.33 31.29 19.83
C HIS D 311 -17.13 32.34 20.59
N ARG D 312 -18.39 32.48 20.21
CA ARG D 312 -19.32 33.42 20.83
C ARG D 312 -19.47 32.99 22.28
N ASP D 313 -20.18 33.78 23.09
CA ASP D 313 -20.39 33.39 24.46
C ASP D 313 -21.55 32.40 24.51
N TRP D 314 -22.63 32.71 23.79
CA TRP D 314 -23.81 31.84 23.75
C TRP D 314 -24.63 31.87 25.01
N ASN D 315 -23.99 32.13 26.14
CA ASN D 315 -24.72 32.17 27.40
C ASN D 315 -25.31 33.57 27.56
N ARG D 316 -24.96 34.45 26.63
CA ARG D 316 -25.46 35.82 26.62
C ARG D 316 -26.59 36.01 25.61
N SER D 317 -27.30 37.12 25.76
CA SER D 317 -28.45 37.44 24.93
C SER D 317 -28.07 38.13 23.63
N GLU D 318 -27.41 39.28 23.77
CA GLU D 318 -27.01 40.08 22.61
C GLU D 318 -26.38 39.23 21.51
N PRO D 319 -26.98 39.26 20.31
CA PRO D 319 -26.53 38.51 19.14
C PRO D 319 -25.30 39.10 18.53
N ILE D 320 -24.55 38.26 17.85
CA ILE D 320 -23.36 38.73 17.19
C ILE D 320 -23.84 39.87 16.31
N ASP D 321 -23.31 41.06 16.55
CA ASP D 321 -23.70 42.22 15.77
C ASP D 321 -22.70 42.48 14.65
N VAL D 322 -23.10 42.18 13.43
CA VAL D 322 -22.25 42.40 12.27
C VAL D 322 -22.78 43.54 11.43
N ARG D 323 -21.94 44.56 11.25
CA ARG D 323 -22.32 45.72 10.47
C ARG D 323 -21.44 45.88 9.24
N TRP D 324 -21.95 46.59 8.25
CA TRP D 324 -21.22 46.82 7.02
C TRP D 324 -21.25 48.29 6.64
N ILE D 325 -20.09 48.90 6.46
CA ILE D 325 -19.98 50.31 6.10
C ILE D 325 -19.85 50.43 4.60
N GLU D 326 -20.84 51.05 3.96
CA GLU D 326 -20.86 51.19 2.51
C GLU D 326 -19.65 51.90 1.91
N LEU D 327 -19.45 53.17 2.26
CA LEU D 327 -18.34 53.94 1.72
C LEU D 327 -16.96 53.40 2.07
N ASP D 328 -16.72 53.20 3.37
CA ASP D 328 -15.43 52.69 3.82
C ASP D 328 -15.18 51.26 3.36
N SER D 329 -16.24 50.57 2.98
CA SER D 329 -16.13 49.19 2.51
C SER D 329 -15.44 48.36 3.58
N THR D 330 -15.93 48.46 4.81
CA THR D 330 -15.34 47.70 5.91
C THR D 330 -16.40 46.91 6.67
N LEU D 331 -16.02 45.73 7.13
CA LEU D 331 -16.93 44.89 7.88
C LEU D 331 -16.46 44.80 9.32
N ILE D 332 -17.41 44.86 10.24
CA ILE D 332 -17.12 44.79 11.65
C ILE D 332 -18.02 43.78 12.32
N VAL D 333 -17.42 42.75 12.91
CA VAL D 333 -18.19 41.72 13.57
C VAL D 333 -17.96 41.74 15.06
N ARG D 334 -18.98 42.19 15.79
CA ARG D 334 -18.94 42.31 17.24
C ARG D 334 -19.66 41.13 17.86
N SER D 335 -18.92 40.32 18.61
CA SER D 335 -19.52 39.16 19.26
C SER D 335 -19.40 39.25 20.77
N PRO D 336 -20.43 38.79 21.49
CA PRO D 336 -20.46 38.82 22.94
C PRO D 336 -19.35 37.96 23.54
N GLY D 337 -18.95 38.30 24.77
CA GLY D 337 -17.91 37.55 25.46
C GLY D 337 -16.53 38.05 25.07
N GLY D 338 -15.54 37.71 25.88
CA GLY D 338 -14.19 38.14 25.59
C GLY D 338 -13.15 37.04 25.57
N PHE D 339 -11.93 37.40 25.20
CA PHE D 339 -10.82 36.46 25.13
C PHE D 339 -10.72 35.63 26.42
N PRO D 340 -10.63 34.29 26.28
CA PRO D 340 -10.53 33.46 27.47
C PRO D 340 -9.31 33.83 28.32
N ALA D 341 -9.56 34.22 29.57
CA ALA D 341 -8.53 34.64 30.52
C ALA D 341 -7.19 33.95 30.28
N ALA D 342 -6.39 34.52 29.38
CA ALA D 342 -5.08 33.96 29.04
C ALA D 342 -4.65 34.45 27.66
N ILE D 343 -5.61 34.48 26.73
CA ILE D 343 -5.38 34.90 25.35
C ILE D 343 -5.53 36.41 25.18
N THR D 344 -4.59 37.02 24.47
CA THR D 344 -4.62 38.45 24.23
C THR D 344 -4.50 38.74 22.72
N SER D 345 -4.59 40.03 22.35
CA SER D 345 -4.50 40.42 20.95
C SER D 345 -3.18 39.98 20.32
N GLU D 346 -2.27 39.47 21.15
CA GLU D 346 -0.96 39.00 20.69
C GLU D 346 -0.85 37.47 20.80
N ASN D 347 -1.96 36.83 21.14
CA ASN D 347 -2.02 35.38 21.29
C ASN D 347 -3.11 34.76 20.42
N VAL D 348 -3.89 35.61 19.78
CA VAL D 348 -4.98 35.15 18.93
C VAL D 348 -4.48 34.24 17.81
N LEU D 349 -3.74 34.80 16.83
CA LEU D 349 -3.22 34.01 15.73
C LEU D 349 -2.51 32.71 16.12
N SER D 350 -1.99 32.66 17.34
CA SER D 350 -1.30 31.47 17.85
C SER D 350 -2.09 30.85 18.99
N ASN D 351 -3.36 30.59 18.71
CA ASN D 351 -4.23 30.00 19.71
C ASN D 351 -5.14 28.97 19.05
N ARG D 352 -5.03 27.72 19.51
CA ARG D 352 -5.82 26.64 18.97
C ARG D 352 -6.92 26.22 19.94
N ALA D 353 -6.79 26.63 21.20
CA ALA D 353 -7.78 26.32 22.24
C ALA D 353 -9.07 27.10 21.97
N ALA D 354 -10.23 26.46 22.18
CA ALA D 354 -11.52 27.10 21.93
C ALA D 354 -12.40 27.13 23.18
N ARG D 355 -13.32 28.08 23.23
CA ARG D 355 -14.22 28.20 24.36
C ARG D 355 -15.14 27.00 24.45
N TYR D 356 -15.62 26.55 23.29
CA TYR D 356 -16.52 25.42 23.22
C TYR D 356 -15.98 24.34 22.29
N PRO D 357 -15.03 23.52 22.78
CA PRO D 357 -14.45 22.46 21.95
C PRO D 357 -15.47 21.63 21.18
N ALA D 358 -16.43 21.07 21.92
CA ALA D 358 -17.48 20.23 21.31
C ALA D 358 -18.20 21.00 20.20
N LEU D 359 -18.35 22.30 20.38
CA LEU D 359 -19.01 23.10 19.38
C LEU D 359 -18.09 23.21 18.18
N ALA D 360 -16.82 23.55 18.40
CA ALA D 360 -15.88 23.67 17.28
C ALA D 360 -15.80 22.37 16.47
N ASP D 361 -15.66 21.25 17.17
CA ASP D 361 -15.57 19.95 16.49
C ASP D 361 -16.81 19.72 15.64
N LEU D 362 -17.97 19.96 16.23
CA LEU D 362 -19.22 19.78 15.50
C LEU D 362 -19.19 20.54 14.17
N TYR D 363 -18.42 21.63 14.12
CA TYR D 363 -18.31 22.41 12.88
C TYR D 363 -17.31 21.76 11.95
N ARG D 364 -16.32 21.08 12.53
CA ARG D 364 -15.31 20.39 11.73
C ARG D 364 -15.97 19.17 11.12
N ALA D 365 -16.72 18.46 11.93
CA ALA D 365 -17.41 17.26 11.47
C ALA D 365 -18.29 17.57 10.26
N LEU D 366 -18.91 18.76 10.29
CA LEU D 366 -19.79 19.21 9.22
C LEU D 366 -19.04 19.70 7.99
N GLY D 367 -17.73 19.81 8.13
CA GLY D 367 -16.90 20.26 7.01
C GLY D 367 -17.04 21.76 6.76
N LEU D 368 -17.21 22.53 7.82
CA LEU D 368 -17.38 23.97 7.74
C LEU D 368 -16.13 24.79 8.13
N VAL D 369 -15.24 24.20 8.89
CA VAL D 369 -14.02 24.88 9.32
C VAL D 369 -12.82 23.98 9.12
N ASP D 370 -11.63 24.56 9.04
CA ASP D 370 -10.40 23.76 8.85
C ASP D 370 -9.91 23.33 10.23
N LYS D 371 -8.62 23.00 10.35
CA LYS D 371 -8.05 22.59 11.64
C LYS D 371 -8.39 23.61 12.74
N GLN D 372 -7.83 24.81 12.63
CA GLN D 372 -8.12 25.88 13.59
C GLN D 372 -7.39 27.16 13.25
N GLY D 373 -6.12 27.22 13.60
CA GLY D 373 -5.33 28.40 13.32
C GLY D 373 -5.35 28.69 11.84
N VAL D 374 -5.40 27.62 11.03
CA VAL D 374 -5.41 27.76 9.59
C VAL D 374 -6.56 28.67 9.16
N GLY D 375 -7.63 28.68 9.94
CA GLY D 375 -8.78 29.51 9.62
C GLY D 375 -8.46 30.98 9.66
N VAL D 376 -8.27 31.50 10.88
CA VAL D 376 -7.95 32.89 11.05
C VAL D 376 -6.71 33.28 10.22
N ASP D 377 -5.76 32.37 10.10
CA ASP D 377 -4.53 32.62 9.34
C ASP D 377 -4.84 32.90 7.87
N ARG D 378 -5.69 32.07 7.26
CA ARG D 378 -6.05 32.29 5.86
C ARG D 378 -6.81 33.59 5.70
N MSE D 379 -7.60 33.94 6.72
CA MSE D 379 -8.35 35.19 6.69
C MSE D 379 -7.34 36.30 6.39
O MSE D 379 -7.52 37.07 5.45
CB MSE D 379 -9.02 35.42 8.05
CG MSE D 379 -9.78 36.74 8.17
SE MSE D 379 -10.87 36.90 9.80
CE MSE D 379 -9.55 37.61 11.03
N TYR D 380 -6.28 36.36 7.20
CA TYR D 380 -5.25 37.34 6.99
C TYR D 380 -4.69 37.24 5.59
N GLN D 381 -4.14 36.08 5.24
CA GLN D 381 -3.61 35.88 3.90
C GLN D 381 -4.50 36.52 2.86
N ALA D 382 -5.80 36.26 3.00
CA ALA D 382 -6.82 36.78 2.07
C ALA D 382 -6.77 38.28 1.86
N MSE D 383 -6.46 38.99 2.94
CA MSE D 383 -6.38 40.45 2.91
C MSE D 383 -5.02 40.88 2.37
O MSE D 383 -4.93 41.47 1.30
CB MSE D 383 -6.57 40.99 4.32
CG MSE D 383 -7.88 40.57 4.95
SE MSE D 383 -9.39 41.23 3.93
CE MSE D 383 -9.69 42.88 4.91
N ILE D 384 -3.97 40.56 3.12
CA ILE D 384 -2.62 40.94 2.72
C ILE D 384 -2.42 40.80 1.23
N ALA D 385 -2.70 39.62 0.68
CA ALA D 385 -2.51 39.37 -0.74
C ALA D 385 -3.06 40.44 -1.67
N LEU D 386 -4.33 40.78 -1.48
CA LEU D 386 -4.98 41.78 -2.32
C LEU D 386 -4.53 43.22 -2.06
N GLY D 387 -3.76 43.43 -0.99
CA GLY D 387 -3.29 44.78 -0.69
C GLY D 387 -3.94 45.43 0.52
N HIS D 388 -5.18 45.06 0.82
CA HIS D 388 -5.91 45.60 1.97
C HIS D 388 -5.09 45.40 3.24
N ARG D 389 -5.42 46.14 4.29
CA ARG D 389 -4.71 45.97 5.54
C ARG D 389 -5.32 44.82 6.34
N PRO D 390 -4.47 44.00 6.97
CA PRO D 390 -4.90 42.85 7.77
C PRO D 390 -5.97 43.18 8.78
N PRO D 391 -6.83 42.20 9.05
CA PRO D 391 -7.92 42.40 10.01
C PRO D 391 -7.38 42.71 11.40
N THR D 392 -8.15 43.47 12.17
CA THR D 392 -7.72 43.79 13.52
C THR D 392 -8.73 43.22 14.50
N ILE D 393 -8.35 42.15 15.17
CA ILE D 393 -9.23 41.51 16.15
C ILE D 393 -8.91 42.04 17.56
N GLU D 394 -9.78 42.91 18.07
CA GLU D 394 -9.61 43.51 19.39
C GLU D 394 -10.74 43.18 20.35
N GLU D 395 -10.47 43.33 21.65
CA GLU D 395 -11.47 43.06 22.68
C GLU D 395 -12.03 44.38 23.20
N ILE D 396 -13.37 44.50 23.19
CA ILE D 396 -14.03 45.70 23.65
C ILE D 396 -14.70 45.44 25.00
N ALA D 397 -15.10 46.52 25.66
CA ALA D 397 -15.76 46.41 26.96
C ALA D 397 -17.14 45.80 26.74
N GLY D 398 -17.50 44.84 27.59
CA GLY D 398 -18.80 44.22 27.46
C GLY D 398 -19.03 43.03 28.38
N PRO D 399 -18.26 41.94 28.22
CA PRO D 399 -17.18 41.80 27.23
C PRO D 399 -17.65 41.69 25.77
N PHE D 400 -16.74 41.97 24.85
CA PHE D 400 -17.04 41.93 23.42
C PHE D 400 -15.76 41.71 22.62
N VAL D 401 -15.90 41.20 21.39
CA VAL D 401 -14.74 40.98 20.56
C VAL D 401 -15.13 41.33 19.13
N GLU D 402 -14.43 42.30 18.55
CA GLU D 402 -14.76 42.69 17.19
C GLU D 402 -13.62 42.50 16.20
N THR D 403 -13.98 41.96 15.05
CA THR D 403 -13.04 41.71 13.97
C THR D 403 -13.41 42.74 12.90
N THR D 404 -12.43 43.50 12.41
CA THR D 404 -12.70 44.51 11.39
C THR D 404 -11.91 44.27 10.12
N LEU D 405 -12.62 44.16 9.00
CA LEU D 405 -11.99 43.94 7.71
C LEU D 405 -12.22 45.15 6.82
N VAL D 406 -11.12 45.68 6.28
CA VAL D 406 -11.16 46.84 5.39
C VAL D 406 -10.87 46.39 3.96
N GLY D 407 -11.92 46.32 3.14
CA GLY D 407 -11.74 45.91 1.76
C GLY D 407 -11.67 47.05 0.75
N GLY D 408 -12.21 46.80 -0.45
CA GLY D 408 -12.20 47.81 -1.49
C GLY D 408 -11.51 47.34 -2.76
N ARG D 409 -11.08 48.28 -3.59
CA ARG D 409 -10.39 47.90 -4.82
C ARG D 409 -9.04 47.35 -4.48
N PRO D 410 -8.66 46.23 -5.12
CA PRO D 410 -7.37 45.58 -4.88
C PRO D 410 -6.24 46.34 -5.55
N VAL D 411 -5.21 46.67 -4.77
CA VAL D 411 -4.05 47.40 -5.26
C VAL D 411 -3.30 46.58 -6.32
N LEU D 412 -3.55 46.91 -7.57
CA LEU D 412 -2.95 46.22 -8.71
C LEU D 412 -1.49 45.81 -8.55
N PRO D 413 -0.59 46.77 -8.29
CA PRO D 413 0.82 46.39 -8.14
C PRO D 413 1.07 45.20 -7.19
N VAL D 414 0.45 45.26 -6.01
CA VAL D 414 0.60 44.18 -5.04
C VAL D 414 0.11 42.86 -5.60
N LEU D 415 -0.91 42.92 -6.45
CA LEU D 415 -1.46 41.71 -7.06
C LEU D 415 -0.43 41.07 -7.94
N GLU D 416 0.07 41.81 -8.92
CA GLU D 416 1.07 41.25 -9.82
C GLU D 416 2.32 40.79 -9.04
N LEU D 417 2.71 41.53 -8.00
CA LEU D 417 3.89 41.13 -7.22
C LEU D 417 3.65 39.70 -6.70
N VAL D 418 2.42 39.44 -6.28
CA VAL D 418 2.01 38.13 -5.78
C VAL D 418 1.93 37.14 -6.94
N SER D 419 1.37 37.58 -8.06
CA SER D 419 1.23 36.73 -9.23
C SER D 419 2.57 36.40 -9.88
N SER D 420 3.66 36.91 -9.29
CA SER D 420 5.01 36.67 -9.82
C SER D 420 5.79 35.70 -8.94
N ILE D 421 5.23 35.40 -7.78
CA ILE D 421 5.83 34.48 -6.84
C ILE D 421 6.15 33.16 -7.49
N VAL D 422 7.32 32.63 -7.14
CA VAL D 422 7.82 31.37 -7.67
C VAL D 422 8.57 30.65 -6.57
N PRO D 423 8.27 29.36 -6.34
CA PRO D 423 7.27 28.56 -7.05
C PRO D 423 5.87 29.10 -6.84
N GLU D 424 5.01 28.79 -7.81
CA GLU D 424 3.61 29.21 -7.79
C GLU D 424 2.88 28.79 -6.51
N ALA D 425 3.37 27.74 -5.86
CA ALA D 425 2.73 27.23 -4.65
C ALA D 425 2.90 28.14 -3.44
N ARG D 426 3.76 29.14 -3.57
CA ARG D 426 4.02 30.06 -2.48
C ARG D 426 3.18 31.33 -2.56
N GLN D 427 2.48 31.51 -3.68
CA GLN D 427 1.68 32.69 -3.83
C GLN D 427 0.66 32.82 -2.71
N ASP D 428 0.03 31.71 -2.33
CA ASP D 428 -0.96 31.81 -1.28
C ASP D 428 -0.43 31.35 0.08
N ASP D 429 0.90 31.21 0.14
CA ASP D 429 1.59 30.76 1.35
C ASP D 429 1.58 31.82 2.47
N TYR D 430 0.83 31.53 3.52
CA TYR D 430 0.69 32.43 4.65
C TYR D 430 1.97 33.06 5.20
N ARG D 431 3.04 32.28 5.29
CA ARG D 431 4.28 32.83 5.81
C ARG D 431 4.79 33.96 4.95
N ILE D 432 5.02 33.70 3.66
CA ILE D 432 5.52 34.78 2.81
C ILE D 432 4.55 35.96 2.78
N ALA D 433 3.30 35.74 3.18
CA ALA D 433 2.35 36.83 3.20
C ALA D 433 2.75 37.78 4.33
N ILE D 434 2.91 37.23 5.53
CA ILE D 434 3.30 38.01 6.72
C ILE D 434 4.65 38.66 6.47
N VAL D 435 5.59 37.89 5.93
CA VAL D 435 6.91 38.41 5.65
C VAL D 435 6.80 39.56 4.66
N LEU D 436 6.04 39.36 3.59
CA LEU D 436 5.89 40.42 2.62
C LEU D 436 5.17 41.62 3.20
N TYR D 437 4.28 41.41 4.16
CA TYR D 437 3.56 42.54 4.72
C TYR D 437 4.41 43.42 5.62
N LEU D 438 5.20 42.81 6.51
CA LEU D 438 6.06 43.58 7.40
C LEU D 438 6.99 44.43 6.55
N LEU D 439 7.57 43.84 5.52
CA LEU D 439 8.46 44.61 4.68
C LEU D 439 7.71 45.73 3.98
N PHE D 440 6.41 45.59 3.82
CA PHE D 440 5.64 46.65 3.17
C PHE D 440 5.62 47.88 4.08
N GLN D 441 5.74 47.64 5.38
CA GLN D 441 5.74 48.73 6.34
C GLN D 441 7.17 49.13 6.67
N ARG D 442 7.88 48.25 7.37
CA ARG D 442 9.26 48.52 7.76
C ARG D 442 10.23 48.42 6.59
N PRO D 443 11.35 49.17 6.64
CA PRO D 443 12.34 49.13 5.56
C PRO D 443 13.18 47.86 5.57
N PHE D 444 13.33 47.28 6.76
CA PHE D 444 14.08 46.06 6.92
C PHE D 444 13.36 45.22 7.97
N ILE D 445 13.54 43.90 7.88
CA ILE D 445 12.89 43.01 8.82
C ILE D 445 13.91 42.16 9.55
N THR D 446 13.57 41.78 10.77
CA THR D 446 14.46 40.99 11.58
C THR D 446 13.74 39.78 12.14
N ILE D 447 14.51 38.75 12.45
CA ILE D 447 13.97 37.50 12.97
C ILE D 447 12.99 37.68 14.12
N ASP D 448 13.30 38.60 15.04
CA ASP D 448 12.44 38.87 16.17
C ASP D 448 11.17 39.56 15.69
N VAL D 449 11.28 40.36 14.63
CA VAL D 449 10.10 41.05 14.10
C VAL D 449 9.19 40.07 13.40
N VAL D 450 9.78 39.15 12.66
CA VAL D 450 9.01 38.15 11.94
C VAL D 450 8.27 37.29 12.97
N ALA D 451 8.93 37.00 14.08
CA ALA D 451 8.31 36.21 15.13
C ALA D 451 7.07 36.93 15.65
N ARG D 452 7.21 38.17 16.07
CA ARG D 452 6.07 38.90 16.57
C ARG D 452 4.96 38.98 15.53
N GLY D 453 5.33 38.91 14.25
CA GLY D 453 4.33 38.97 13.19
C GLY D 453 3.46 37.73 13.12
N LEU D 454 4.10 36.57 13.21
CA LEU D 454 3.42 35.29 13.18
C LEU D 454 2.79 35.12 14.54
N GLN D 455 3.31 35.87 15.50
CA GLN D 455 2.83 35.80 16.87
C GLN D 455 3.27 34.47 17.44
N SER D 456 4.28 33.89 16.81
CA SER D 456 4.82 32.62 17.24
C SER D 456 6.23 32.77 17.80
N GLY D 457 6.92 31.65 17.94
CA GLY D 457 8.27 31.67 18.47
C GLY D 457 9.34 31.96 17.45
N LYS D 458 10.59 31.81 17.86
CA LYS D 458 11.72 32.08 16.97
C LYS D 458 11.80 31.02 15.89
N GLU D 459 11.55 29.78 16.27
CA GLU D 459 11.60 28.66 15.35
C GLU D 459 10.71 28.86 14.13
N ALA D 460 9.46 29.21 14.36
CA ALA D 460 8.55 29.46 13.25
C ALA D 460 9.04 30.65 12.44
N ALA D 461 9.55 31.67 13.12
CA ALA D 461 10.05 32.88 12.47
C ALA D 461 11.18 32.56 11.51
N ARG D 462 12.13 31.79 11.99
CA ARG D 462 13.28 31.39 11.19
C ARG D 462 12.75 30.64 9.97
N ASN D 463 11.75 29.80 10.20
CA ASN D 463 11.12 29.03 9.13
C ASN D 463 10.52 29.98 8.10
N ALA D 464 9.71 30.93 8.56
CA ALA D 464 9.09 31.87 7.65
C ALA D 464 10.18 32.54 6.80
N LEU D 465 11.20 33.08 7.45
CA LEU D 465 12.28 33.74 6.72
C LEU D 465 12.90 32.82 5.68
N GLU D 466 13.10 31.56 6.03
CA GLU D 466 13.67 30.60 5.10
C GLU D 466 12.83 30.49 3.84
N ALA D 467 11.52 30.30 4.04
CA ALA D 467 10.58 30.17 2.94
C ALA D 467 10.66 31.40 2.04
N ALA D 468 10.51 32.57 2.66
CA ALA D 468 10.55 33.83 1.95
C ALA D 468 11.88 33.98 1.24
N ARG D 469 12.97 33.64 1.91
CA ARG D 469 14.31 33.75 1.32
C ARG D 469 14.42 32.97 0.02
N GLN D 470 13.84 31.77 0.01
CA GLN D 470 13.87 30.89 -1.15
C GLN D 470 12.82 31.22 -2.20
N THR D 471 11.86 32.07 -1.82
CA THR D 471 10.82 32.47 -2.75
C THR D 471 11.48 33.43 -3.72
N THR D 472 10.95 33.52 -4.93
CA THR D 472 11.56 34.40 -5.91
C THR D 472 10.60 35.02 -6.93
N VAL D 473 10.84 36.29 -7.22
CA VAL D 473 10.03 37.03 -8.18
C VAL D 473 10.97 37.80 -9.11
N ALA D 474 10.57 37.91 -10.37
CA ALA D 474 11.37 38.61 -11.35
C ALA D 474 12.75 37.96 -11.53
N GLY D 475 12.90 36.75 -10.98
CA GLY D 475 14.17 36.05 -11.11
C GLY D 475 15.16 36.28 -9.99
N ALA D 476 14.71 36.93 -8.93
CA ALA D 476 15.54 37.23 -7.75
C ALA D 476 14.81 36.87 -6.46
N PRO D 477 15.57 36.58 -5.39
CA PRO D 477 14.97 36.22 -4.11
C PRO D 477 14.07 37.33 -3.54
N LEU D 478 12.91 36.93 -3.04
CA LEU D 478 11.95 37.86 -2.46
C LEU D 478 12.65 38.85 -1.54
N ILE D 479 13.40 38.33 -0.58
CA ILE D 479 14.11 39.20 0.32
C ILE D 479 15.61 38.94 0.19
N ILE D 480 16.42 39.94 0.54
CA ILE D 480 17.87 39.84 0.46
C ILE D 480 18.42 40.15 1.85
N ALA D 481 19.60 39.63 2.16
CA ALA D 481 20.22 39.85 3.46
C ALA D 481 21.19 41.03 3.45
N HIS D 482 21.37 41.65 4.61
CA HIS D 482 22.27 42.80 4.77
C HIS D 482 22.73 42.84 6.22
N ASP D 483 24.03 42.67 6.45
CA ASP D 483 24.56 42.65 7.82
C ASP D 483 23.79 41.55 8.57
N GLY D 484 22.91 41.95 9.47
CA GLY D 484 22.14 40.99 10.24
C GLY D 484 20.63 41.19 10.11
N VAL D 485 20.22 41.74 8.98
CA VAL D 485 18.80 42.00 8.74
C VAL D 485 18.41 41.57 7.33
N TRP D 486 17.12 41.49 7.10
CA TRP D 486 16.61 41.12 5.79
C TRP D 486 15.79 42.27 5.29
N LEU D 487 15.88 42.55 4.00
CA LEU D 487 15.08 43.65 3.44
C LEU D 487 14.55 43.31 2.05
N LEU D 488 13.36 43.81 1.75
CA LEU D 488 12.71 43.56 0.48
C LEU D 488 13.68 43.65 -0.71
N GLY D 489 13.65 42.65 -1.60
CA GLY D 489 14.53 42.64 -2.76
C GLY D 489 14.17 43.78 -3.70
N ASN D 490 15.15 44.24 -4.48
CA ASN D 490 14.92 45.35 -5.42
C ASN D 490 13.92 45.01 -6.51
N ALA D 491 13.78 43.72 -6.75
CA ALA D 491 12.84 43.23 -7.75
C ALA D 491 11.42 43.67 -7.37
N CYS D 492 11.00 43.35 -6.15
CA CYS D 492 9.67 43.69 -5.67
C CYS D 492 9.53 45.18 -5.48
N ARG D 493 10.59 45.80 -4.98
CA ARG D 493 10.58 47.23 -4.76
C ARG D 493 10.10 47.96 -6.01
N GLU D 494 10.58 47.55 -7.18
CA GLU D 494 10.18 48.20 -8.44
C GLU D 494 8.71 48.02 -8.75
N ILE D 495 8.16 46.87 -8.38
CA ILE D 495 6.76 46.61 -8.63
C ILE D 495 5.91 47.38 -7.64
N LEU D 496 6.30 47.36 -6.37
CA LEU D 496 5.56 48.06 -5.35
C LEU D 496 5.72 49.57 -5.42
N ARG D 497 6.41 50.07 -6.44
CA ARG D 497 6.56 51.52 -6.59
C ARG D 497 5.36 52.11 -7.32
N LYS D 498 4.83 51.38 -8.30
CA LYS D 498 3.67 51.84 -9.08
C LYS D 498 2.47 52.18 -8.20
N VAL D 499 2.54 51.79 -6.92
CA VAL D 499 1.46 52.07 -5.99
C VAL D 499 1.37 53.57 -5.80
N GLU D 500 0.15 54.07 -5.67
CA GLU D 500 -0.06 55.50 -5.47
C GLU D 500 0.20 55.86 -4.02
N PRO D 501 1.18 56.76 -3.77
CA PRO D 501 1.53 57.19 -2.41
C PRO D 501 0.33 57.68 -1.59
N SER D 502 0.08 57.02 -0.48
CA SER D 502 -1.03 57.35 0.40
C SER D 502 -0.80 56.67 1.75
N PRO D 503 -1.64 56.95 2.76
CA PRO D 503 -1.44 56.30 4.07
C PRO D 503 -1.66 54.80 3.92
N PHE D 504 -0.96 54.00 4.72
CA PHE D 504 -1.09 52.54 4.66
C PHE D 504 -0.35 51.97 3.43
N SER D 505 -0.15 52.81 2.41
CA SER D 505 0.53 52.40 1.18
C SER D 505 1.83 51.65 1.45
N PRO D 506 2.17 50.68 0.58
CA PRO D 506 3.38 49.87 0.72
C PRO D 506 4.68 50.61 0.44
N VAL D 507 5.79 50.00 0.85
CA VAL D 507 7.13 50.56 0.67
C VAL D 507 7.17 52.09 0.68
N ARG D 508 6.54 52.67 1.68
CA ARG D 508 6.49 54.12 1.84
C ARG D 508 7.84 54.69 2.28
N TYR D 509 8.85 53.82 2.37
CA TYR D 509 10.18 54.24 2.80
C TYR D 509 11.18 54.39 1.67
N LEU D 510 10.74 54.14 0.45
CA LEU D 510 11.61 54.25 -0.71
C LEU D 510 11.58 55.68 -1.28
N SER D 511 11.46 56.65 -0.39
CA SER D 511 11.41 58.06 -0.78
C SER D 511 12.74 58.76 -0.56
N THR D 512 12.86 59.93 -1.17
CA THR D 512 14.07 60.74 -1.06
C THR D 512 13.85 61.78 0.05
N ASP D 513 12.61 61.83 0.54
CA ASP D 513 12.22 62.74 1.62
C ASP D 513 13.05 62.48 2.88
N GLN D 514 13.69 63.53 3.40
CA GLN D 514 14.53 63.41 4.59
C GLN D 514 13.76 62.92 5.81
N ALA D 515 12.42 63.04 5.77
CA ALA D 515 11.58 62.60 6.88
C ALA D 515 11.61 61.07 6.95
N GLU D 516 11.41 60.42 5.81
CA GLU D 516 11.42 58.97 5.76
C GLU D 516 12.83 58.45 5.96
N LEU D 517 13.78 59.08 5.29
CA LEU D 517 15.18 58.69 5.39
C LEU D 517 15.60 58.67 6.86
N THR D 518 15.19 59.69 7.62
CA THR D 518 15.53 59.81 9.04
C THR D 518 14.83 58.73 9.88
N ASN D 519 13.55 58.50 9.58
CA ASN D 519 12.75 57.49 10.28
C ASN D 519 13.29 56.09 10.03
N ALA D 520 13.73 55.84 8.81
CA ALA D 520 14.29 54.55 8.43
C ALA D 520 15.65 54.38 9.11
N ALA D 521 16.41 55.47 9.18
CA ALA D 521 17.73 55.48 9.79
C ALA D 521 17.60 55.20 11.28
N MSE D 522 16.71 55.96 11.91
CA MSE D 522 16.46 55.83 13.33
C MSE D 522 16.07 54.39 13.70
O MSE D 522 16.56 53.84 14.68
CB MSE D 522 15.36 56.80 13.75
CG MSE D 522 15.63 57.52 15.08
SE MSE D 522 17.30 58.52 15.06
CE MSE D 522 18.20 57.62 16.52
N LEU D 523 15.18 53.80 12.91
CA LEU D 523 14.73 52.44 13.15
C LEU D 523 15.90 51.47 13.22
N TRP D 524 16.93 51.74 12.41
CA TRP D 524 18.11 50.88 12.40
C TRP D 524 18.88 51.09 13.69
N LEU D 525 19.13 52.36 14.02
CA LEU D 525 19.87 52.73 15.22
C LEU D 525 19.19 52.19 16.48
N SER D 526 17.87 52.28 16.51
CA SER D 526 17.11 51.80 17.65
C SER D 526 16.98 50.27 17.74
N GLU D 527 16.99 49.58 16.61
CA GLU D 527 16.87 48.12 16.62
C GLU D 527 18.18 47.35 16.41
N VAL D 528 18.87 47.61 15.30
CA VAL D 528 20.13 46.92 14.99
C VAL D 528 21.27 47.39 15.89
N GLY D 529 21.75 48.60 15.63
CA GLY D 529 22.84 49.15 16.41
C GLY D 529 23.54 50.28 15.67
N ASP D 530 24.83 50.12 15.41
CA ASP D 530 25.60 51.13 14.69
C ASP D 530 25.19 51.18 13.23
N LEU D 531 24.62 52.32 12.83
CA LEU D 531 24.15 52.57 11.45
C LEU D 531 25.27 53.07 10.56
N ALA D 532 25.51 52.37 9.46
CA ALA D 532 26.54 52.78 8.51
C ALA D 532 25.85 53.63 7.47
N THR D 533 26.58 54.57 6.88
CA THR D 533 26.00 55.42 5.87
C THR D 533 25.51 54.59 4.68
N SER D 534 26.03 53.37 4.55
CA SER D 534 25.65 52.46 3.46
C SER D 534 24.31 51.76 3.69
N ASP D 535 24.03 51.43 4.95
CA ASP D 535 22.79 50.75 5.31
C ASP D 535 21.59 51.59 4.93
N LEU D 536 21.71 52.91 5.10
CA LEU D 536 20.60 53.79 4.76
C LEU D 536 20.37 53.71 3.26
N MSE D 537 21.44 53.49 2.51
CA MSE D 537 21.32 53.40 1.05
C MSE D 537 20.59 52.13 0.63
O MSE D 537 19.92 52.10 -0.40
CB MSE D 537 22.70 53.41 0.40
CG MSE D 537 23.63 54.50 0.87
SE MSE D 537 25.17 54.70 -0.30
CE MSE D 537 26.31 53.30 0.38
N ALA D 538 20.73 51.07 1.43
CA ALA D 538 20.10 49.79 1.14
C ALA D 538 18.62 49.81 1.50
N MSE D 539 18.29 50.34 2.66
CA MSE D 539 16.91 50.39 3.11
C MSE D 539 16.02 51.19 2.18
O MSE D 539 15.07 50.67 1.61
CB MSE D 539 16.83 50.98 4.50
CG MSE D 539 17.48 50.13 5.56
SE MSE D 539 17.30 50.90 7.31
CE MSE D 539 19.01 51.80 7.40
N CYS D 540 16.34 52.47 2.05
CA CYS D 540 15.55 53.38 1.22
C CYS D 540 16.00 53.42 -0.23
N GLY D 541 17.06 52.67 -0.55
CA GLY D 541 17.56 52.63 -1.92
C GLY D 541 17.75 54.02 -2.49
N VAL D 542 18.72 54.76 -1.95
CA VAL D 542 19.01 56.11 -2.38
C VAL D 542 20.49 56.33 -2.67
N SER D 543 20.81 57.53 -3.17
CA SER D 543 22.19 57.90 -3.50
C SER D 543 22.98 58.26 -2.25
N ARG D 544 24.30 58.02 -2.29
CA ARG D 544 25.17 58.34 -1.17
C ARG D 544 24.99 59.80 -0.78
N GLY D 545 24.79 60.65 -1.79
CA GLY D 545 24.61 62.06 -1.54
C GLY D 545 23.42 62.30 -0.64
N THR D 546 22.25 61.81 -1.07
CA THR D 546 21.01 61.97 -0.32
C THR D 546 21.01 61.12 0.96
N ALA D 547 21.86 60.10 0.98
CA ALA D 547 21.96 59.23 2.14
C ALA D 547 22.81 59.87 3.23
N LYS D 548 24.08 60.17 2.90
CA LYS D 548 25.01 60.79 3.85
C LYS D 548 24.44 62.12 4.34
N ALA D 549 23.58 62.72 3.52
CA ALA D 549 22.96 63.99 3.86
C ALA D 549 22.09 63.78 5.11
N CYS D 550 21.13 62.86 5.03
CA CYS D 550 20.25 62.58 6.16
C CYS D 550 21.04 62.22 7.43
N VAL D 551 22.14 61.50 7.25
CA VAL D 551 22.99 61.09 8.37
C VAL D 551 23.50 62.33 9.10
N ASP D 552 24.03 63.29 8.34
CA ASP D 552 24.55 64.53 8.91
C ASP D 552 23.50 65.19 9.80
N GLY D 553 22.24 65.22 9.33
CA GLY D 553 21.18 65.83 10.11
C GLY D 553 21.04 65.24 11.51
N LEU D 554 21.13 63.92 11.62
CA LEU D 554 21.01 63.26 12.92
C LEU D 554 22.21 63.54 13.81
N VAL D 555 23.29 64.03 13.22
CA VAL D 555 24.48 64.33 14.01
C VAL D 555 24.37 65.74 14.57
N ASP D 556 23.83 66.66 13.75
CA ASP D 556 23.67 68.05 14.16
C ASP D 556 22.63 68.18 15.28
N GLU D 557 21.56 67.39 15.20
CA GLU D 557 20.51 67.43 16.21
C GLU D 557 20.95 66.65 17.45
N GLU D 558 22.17 66.11 17.40
CA GLU D 558 22.75 65.33 18.48
C GLU D 558 22.00 64.03 18.80
N ARG D 559 21.51 63.39 17.75
CA ARG D 559 20.80 62.11 17.87
C ARG D 559 21.83 61.00 17.82
N VAL D 560 22.75 61.13 16.86
CA VAL D 560 23.83 60.17 16.65
C VAL D 560 25.20 60.82 16.73
N VAL D 561 26.21 60.07 17.15
CA VAL D 561 27.57 60.58 17.27
C VAL D 561 28.53 59.77 16.40
N ALA D 562 29.31 60.46 15.58
CA ALA D 562 30.28 59.80 14.69
C ALA D 562 31.21 58.90 15.48
N VAL D 563 31.44 57.70 14.96
CA VAL D 563 32.32 56.73 15.61
C VAL D 563 33.10 55.95 14.56
N GLY D 564 34.29 55.47 14.93
CA GLY D 564 35.11 54.71 13.99
C GLY D 564 35.75 55.58 12.93
N GLY D 565 36.95 55.20 12.51
CA GLY D 565 37.67 55.96 11.51
C GLY D 565 37.93 55.20 10.23
N GLY D 566 37.94 55.93 9.11
CA GLY D 566 38.17 55.32 7.82
C GLY D 566 36.93 54.76 7.18
N ARG D 567 37.09 53.65 6.47
CA ARG D 567 36.00 52.97 5.77
C ARG D 567 34.94 52.43 6.75
N SER D 568 35.36 52.24 8.01
CA SER D 568 34.47 51.74 9.06
C SER D 568 33.94 52.89 9.92
N ARG D 569 33.32 53.87 9.27
CA ARG D 569 32.75 55.02 9.95
C ARG D 569 31.26 54.79 10.21
N ARG D 570 30.95 54.24 11.39
CA ARG D 570 29.57 53.96 11.80
C ARG D 570 28.99 55.16 12.56
N TYR D 571 27.72 55.07 12.96
CA TYR D 571 27.08 56.15 13.70
C TYR D 571 26.16 55.58 14.77
N ARG D 572 26.47 55.88 16.04
CA ARG D 572 25.65 55.37 17.14
C ARG D 572 24.87 56.50 17.77
N LEU D 573 23.65 56.19 18.17
CA LEU D 573 22.80 57.19 18.79
C LEU D 573 23.07 57.34 20.29
N VAL D 574 22.49 58.40 20.85
CA VAL D 574 22.63 58.68 22.27
C VAL D 574 21.37 58.27 23.01
N GLU D 575 21.56 57.58 24.13
CA GLU D 575 20.44 57.12 24.96
C GLU D 575 19.39 58.23 25.11
CO CO E . 0.01 -24.32 -9.51
CL CL F . 2.33 -13.78 -38.31
CL CL G . 4.18 -7.44 -33.41
CL CL H . -17.81 5.71 -41.33
CO CO I . 10.11 11.90 -13.33
CL CL J . 32.45 -8.31 -17.62
CO CO K . -25.59 -1.97 -1.35
CL CL L . -27.99 -12.04 27.47
CO CO M . 4.87 2.24 20.32
CL CL N . -17.68 22.46 24.91
#